data_4P5O
#
_entry.id   4P5O
#
_cell.length_a   89.105
_cell.length_b   129.606
_cell.length_c   119.940
_cell.angle_alpha   90.00
_cell.angle_beta   111.79
_cell.angle_gamma   90.00
#
_symmetry.space_group_name_H-M   'P 1 21 1'
#
loop_
_entity.id
_entity.type
_entity.pdbx_description
1 polymer Cullin-1
2 polymer 'E3 ubiquitin-protein ligase RBX1'
3 polymer 'DCN1-like protein 1'
4 polymer 'NEDD8-conjugating enzyme Ubc12'
5 polymer NEDD8
6 non-polymer 'ZINC ION'
#
loop_
_entity_poly.entity_id
_entity_poly.type
_entity_poly.pdbx_seq_one_letter_code
_entity_poly.pdbx_strand_id
1 'polypeptide(L)'
;GSMAQSSSKSPEELARYCDSLLKKSSKNPEEAELEDTLNQVMEKFKKIEDKDVFQKFYAKMLAKRLVHQNSASDDAEASM
ISKLKQACGFEYTSKLQRMFQDIGVSKDLNEQFKKHLTNSEPLDLDFSIQVLSSGSWPFQQSCTFALPSELERSYQRFTA
FYASRHSGRKLTWLYQLSKGELVTNCFKNRYTLQASTFQMAILLQYNTEDAYTVQQLTDSTQIKMDILAQVLQILLKSKL
LVLEDENANVDEVELKPDTLIKLYLGYKNKKLRVNINVPMKTEQKQEQETTHKNIEEDRKLLIQAAIVRIMRMRKVLKHQ
QLLGEVLTQLSSRFKPRVPVIKKCIDILIEKEYLERVDGEKDTYSYLA
;
A,C
2 'polypeptide(L)'
;GSMDVDTPSGTNSGAGKKRFEVKKWNAVALWAWDIVVDNCAICRNHIMDLCIECQANQASATSEECTVAWGVCNHAFHFH
CISRWLKTRQVCPLDNREWEFQKYGH
;
B,D
3 'polypeptide(L)'
;GSRKKLEQLYNRYKDPQDENKIGIDGIQQFCDDLALDPASISVLIIAWKFRAATQCEFSKQEFMDGMTELGCDSIEKLKA
QIPKMEQELKEPGRFKDFYQFTFNFAKNPGQKGLDLEMAIAYWNLVLNGRFKFLDLWNKFLLEHHKRSIPKDTWNLLLDF
STMIADDMSNYDEEGAWPVLIDDFVEFARPQIAGTKSTTV
;
E,F
4 'polypeptide(L)'
;(AME)IKLFSLKQQKKEEESAGGTKGSSKKASAAQLRIQKDINELNLPKTCDISFSDPDDLLNFKLVICPDEGFYKSGKF
VFSFKVGQGYPHDPPKVKCETMVYHPSIDLEGNVSLNILREDWKPVLTINSIIYGLQYLFLEPNPEDPLNKEAAEVLQNN
RRLFEQNVQRSMRGGYIGSTYFERCLKHHHHHH
;
I,G
5 'polypeptide(L)'
;GSGGSMLIKVKTLTGKEIEIDIEPTDKVERIKERVEEKEGIPPQQQRLIYSGKQMNDEKTAADYKILGGSVLHLVLALRG
G
;
K,H
#
# COMPACT_ATOMS: atom_id res chain seq x y z
N SER A 8 41.12 -5.39 -37.86
CA SER A 8 40.55 -6.71 -37.59
C SER A 8 40.35 -6.91 -36.11
N LYS A 9 39.96 -5.85 -35.39
CA LYS A 9 40.07 -5.86 -33.93
C LYS A 9 38.92 -6.56 -33.19
N SER A 10 37.67 -6.08 -33.16
CA SER A 10 37.06 -5.06 -34.02
C SER A 10 35.87 -4.49 -33.22
N PRO A 11 34.95 -3.72 -33.85
CA PRO A 11 34.54 -2.37 -33.43
C PRO A 11 34.32 -2.07 -31.94
N GLU A 12 33.77 -2.97 -31.14
CA GLU A 12 33.76 -2.71 -29.71
C GLU A 12 35.19 -2.70 -29.16
N GLU A 13 36.02 -3.61 -29.66
CA GLU A 13 37.38 -3.77 -29.19
C GLU A 13 38.23 -2.62 -29.67
N LEU A 14 37.97 -2.13 -30.88
CA LEU A 14 38.70 -0.94 -31.37
C LEU A 14 38.38 0.26 -30.48
N ALA A 15 37.15 0.32 -29.98
CA ALA A 15 36.74 1.37 -29.05
C ALA A 15 37.46 1.24 -27.71
N ARG A 16 37.47 0.02 -27.16
CA ARG A 16 38.20 -0.27 -25.92
C ARG A 16 39.68 0.12 -26.05
N TYR A 17 40.19 -0.14 -27.24
CA TYR A 17 41.55 0.18 -27.61
C TYR A 17 41.77 1.67 -27.44
N CYS A 18 40.96 2.46 -28.15
CA CYS A 18 41.03 3.92 -28.05
C CYS A 18 40.91 4.42 -26.63
N ASP A 19 40.00 3.83 -25.85
CA ASP A 19 39.90 4.15 -24.43
C ASP A 19 41.24 3.95 -23.75
N SER A 20 41.82 2.76 -23.92
CA SER A 20 43.11 2.40 -23.32
C SER A 20 44.18 3.42 -23.69
N LEU A 21 44.21 3.79 -24.98
CA LEU A 21 45.19 4.78 -25.46
C LEU A 21 45.04 6.12 -24.77
N LEU A 22 43.82 6.62 -24.69
CA LEU A 22 43.60 7.97 -24.19
C LEU A 22 43.50 8.05 -22.67
N LYS A 23 43.34 6.91 -22.01
CA LYS A 23 43.19 6.92 -20.55
C LYS A 23 44.50 7.27 -19.87
N LYS A 24 44.39 7.80 -18.65
CA LYS A 24 45.53 7.98 -17.77
C LYS A 24 46.19 6.66 -17.48
N SER A 25 47.49 6.58 -17.72
CA SER A 25 48.25 5.38 -17.43
C SER A 25 49.54 5.74 -16.70
N SER A 26 50.18 4.75 -16.09
CA SER A 26 51.46 4.96 -15.44
C SER A 26 52.56 5.29 -16.44
N LYS A 27 52.30 5.04 -17.72
CA LYS A 27 53.28 5.25 -18.79
C LYS A 27 53.41 6.71 -19.27
N ASN A 28 52.31 7.45 -19.30
CA ASN A 28 52.27 8.79 -19.88
C ASN A 28 52.74 8.83 -21.33
N PRO A 29 51.90 8.37 -22.28
CA PRO A 29 52.22 8.40 -23.71
C PRO A 29 52.53 9.77 -24.28
N GLU A 30 53.54 9.83 -25.11
CA GLU A 30 53.94 11.06 -25.76
C GLU A 30 52.91 11.42 -26.82
N GLU A 31 52.90 12.68 -27.21
CA GLU A 31 51.87 13.20 -28.08
C GLU A 31 51.84 12.50 -29.41
N ALA A 32 52.97 12.50 -30.13
CA ALA A 32 52.94 11.89 -31.47
C ALA A 32 52.54 10.41 -31.44
N GLU A 33 52.77 9.75 -30.32
CA GLU A 33 52.33 8.38 -30.14
C GLU A 33 50.80 8.39 -30.18
N LEU A 34 50.20 9.22 -29.31
CA LEU A 34 48.74 9.39 -29.29
C LEU A 34 48.17 9.67 -30.68
N GLU A 35 48.69 10.71 -31.31
CA GLU A 35 48.20 11.09 -32.62
C GLU A 35 48.34 9.97 -33.67
N ASP A 36 49.49 9.30 -33.68
CA ASP A 36 49.74 8.26 -34.68
C ASP A 36 48.80 7.08 -34.50
N THR A 37 48.67 6.66 -33.25
CA THR A 37 47.69 5.64 -32.88
C THR A 37 46.33 6.05 -33.39
N LEU A 38 45.83 7.23 -32.98
CA LEU A 38 44.49 7.67 -33.38
C LEU A 38 44.27 7.66 -34.89
N ASN A 39 45.23 8.19 -35.63
CA ASN A 39 45.18 8.06 -37.08
C ASN A 39 45.04 6.60 -37.54
N GLN A 40 45.79 5.68 -36.90
CA GLN A 40 45.66 4.28 -37.25
C GLN A 40 44.25 3.73 -36.95
N VAL A 41 43.72 4.08 -35.77
CA VAL A 41 42.38 3.70 -35.40
C VAL A 41 41.36 4.16 -36.43
N MET A 42 41.47 5.39 -36.93
CA MET A 42 40.55 5.85 -37.97
C MET A 42 40.75 5.03 -39.24
N GLU A 43 41.99 4.66 -39.52
CA GLU A 43 42.27 3.82 -40.69
C GLU A 43 41.51 2.47 -40.60
N LYS A 44 41.51 1.92 -39.39
CA LYS A 44 40.80 0.69 -39.11
C LYS A 44 39.29 0.89 -39.17
N PHE A 45 38.87 2.04 -38.67
CA PHE A 45 37.47 2.42 -38.60
C PHE A 45 36.85 2.47 -40.00
N LYS A 46 37.60 3.01 -40.97
CA LYS A 46 37.09 3.09 -42.34
C LYS A 46 36.76 1.71 -42.96
N LYS A 47 37.41 0.65 -42.48
CA LYS A 47 37.19 -0.69 -42.99
C LYS A 47 36.03 -1.38 -42.29
N ILE A 48 35.64 -0.85 -41.15
CA ILE A 48 34.68 -1.50 -40.28
C ILE A 48 33.28 -1.46 -40.88
N GLU A 49 32.55 -2.57 -40.80
CA GLU A 49 31.18 -2.59 -41.29
C GLU A 49 30.25 -1.84 -40.36
N ASP A 50 30.11 -2.31 -39.11
CA ASP A 50 29.18 -1.63 -38.21
C ASP A 50 29.89 -0.54 -37.43
N LYS A 51 29.68 0.71 -37.82
CA LYS A 51 30.34 1.79 -37.12
C LYS A 51 29.51 2.29 -35.95
N ASP A 52 28.22 1.96 -35.93
CA ASP A 52 27.36 2.53 -34.91
C ASP A 52 27.73 1.97 -33.55
N VAL A 53 28.16 0.72 -33.53
CA VAL A 53 28.57 0.11 -32.28
C VAL A 53 29.84 0.82 -31.76
N PHE A 54 30.77 1.07 -32.68
CA PHE A 54 31.98 1.81 -32.33
C PHE A 54 31.68 3.17 -31.76
N GLN A 55 30.88 3.93 -32.49
CA GLN A 55 30.48 5.26 -32.06
C GLN A 55 29.79 5.23 -30.71
N LYS A 56 29.06 4.17 -30.47
CA LYS A 56 28.26 4.10 -29.26
C LYS A 56 29.20 3.90 -28.10
N PHE A 57 30.07 2.92 -28.24
CA PHE A 57 31.01 2.61 -27.16
C PHE A 57 32.00 3.75 -26.95
N TYR A 58 32.41 4.38 -28.05
CA TYR A 58 33.35 5.46 -27.93
C TYR A 58 32.76 6.57 -27.09
N ALA A 59 31.54 6.95 -27.44
CA ALA A 59 30.85 7.99 -26.70
C ALA A 59 30.66 7.61 -25.23
N LYS A 60 30.24 6.37 -25.00
CA LYS A 60 29.89 5.94 -23.65
C LYS A 60 31.13 5.98 -22.79
N MET A 61 32.25 5.55 -23.35
CA MET A 61 33.54 5.56 -22.65
C MET A 61 34.04 6.98 -22.42
N LEU A 62 34.07 7.77 -23.50
CA LEU A 62 34.46 9.18 -23.44
C LEU A 62 33.74 9.89 -22.29
N ALA A 63 32.49 9.51 -22.08
CA ALA A 63 31.75 10.00 -20.93
C ALA A 63 32.52 9.70 -19.63
N LYS A 64 32.83 8.43 -19.40
CA LYS A 64 33.49 8.05 -18.16
C LYS A 64 34.86 8.70 -18.02
N ARG A 65 35.57 8.87 -19.15
CA ARG A 65 36.88 9.51 -19.13
C ARG A 65 36.73 10.92 -18.60
N LEU A 66 35.88 11.70 -19.28
CA LEU A 66 35.68 13.10 -18.92
C LEU A 66 35.19 13.29 -17.51
N VAL A 67 34.25 12.44 -17.10
CA VAL A 67 33.64 12.59 -15.79
C VAL A 67 34.60 12.16 -14.69
N HIS A 68 35.59 11.33 -15.05
CA HIS A 68 36.55 10.88 -14.05
C HIS A 68 37.88 11.63 -14.07
N GLN A 69 37.98 12.63 -14.94
CA GLN A 69 39.24 13.35 -15.16
C GLN A 69 40.37 12.40 -15.58
N ASN A 70 40.01 11.30 -16.22
CA ASN A 70 40.96 10.24 -16.50
C ASN A 70 41.59 10.32 -17.89
N SER A 71 41.35 11.41 -18.60
CA SER A 71 42.03 11.59 -19.89
C SER A 71 43.47 11.99 -19.70
N ALA A 72 44.36 11.27 -20.37
CA ALA A 72 45.78 11.57 -20.27
C ALA A 72 46.12 12.84 -20.98
N SER A 73 45.50 13.07 -22.12
CA SER A 73 45.78 14.27 -22.90
C SER A 73 44.51 14.86 -23.48
N ASP A 74 44.25 16.13 -23.15
CA ASP A 74 43.03 16.79 -23.61
C ASP A 74 43.07 17.08 -25.09
N ASP A 75 44.22 17.54 -25.58
CA ASP A 75 44.39 17.92 -26.98
C ASP A 75 44.25 16.69 -27.85
N ALA A 76 44.58 15.53 -27.30
CA ALA A 76 44.41 14.27 -28.02
C ALA A 76 42.93 14.02 -28.24
N GLU A 77 42.15 13.99 -27.14
CA GLU A 77 40.71 13.82 -27.18
C GLU A 77 40.11 14.73 -28.23
N ALA A 78 40.47 16.01 -28.12
CA ALA A 78 40.01 17.02 -29.03
C ALA A 78 40.35 16.67 -30.47
N SER A 79 41.55 16.16 -30.70
CA SER A 79 41.94 15.80 -32.05
C SER A 79 41.07 14.64 -32.56
N MET A 80 40.77 13.70 -31.66
CA MET A 80 39.97 12.54 -32.02
C MET A 80 38.62 12.99 -32.47
N ILE A 81 37.96 13.73 -31.59
CA ILE A 81 36.63 14.25 -31.88
C ILE A 81 36.64 15.02 -33.20
N SER A 82 37.72 15.75 -33.47
CA SER A 82 37.88 16.36 -34.78
C SER A 82 37.80 15.31 -35.88
N LYS A 83 38.57 14.23 -35.75
CA LYS A 83 38.62 13.17 -36.77
C LYS A 83 37.28 12.46 -36.98
N LEU A 84 36.63 12.16 -35.86
CA LEU A 84 35.30 11.57 -35.85
C LEU A 84 34.31 12.48 -36.57
N LYS A 85 34.28 13.77 -36.23
CA LYS A 85 33.40 14.71 -36.92
C LYS A 85 33.68 14.70 -38.42
N GLN A 86 34.95 14.70 -38.79
CA GLN A 86 35.28 14.57 -40.20
C GLN A 86 34.64 13.32 -40.83
N ALA A 87 34.54 12.24 -40.07
CA ALA A 87 34.05 10.98 -40.64
C ALA A 87 32.55 10.78 -40.48
N CYS A 88 32.13 10.57 -39.23
CA CYS A 88 30.73 10.42 -38.85
C CYS A 88 29.82 11.64 -39.06
N GLY A 89 30.41 12.79 -39.37
CA GLY A 89 29.64 14.01 -39.55
C GLY A 89 29.32 14.71 -38.24
N PHE A 90 28.68 15.87 -38.36
CA PHE A 90 28.39 16.73 -37.20
C PHE A 90 27.40 16.11 -36.22
N GLU A 91 26.37 15.46 -36.73
CA GLU A 91 25.27 15.03 -35.87
C GLU A 91 25.76 14.09 -34.79
N TYR A 92 26.73 13.23 -35.13
CA TYR A 92 27.33 12.32 -34.14
C TYR A 92 28.14 13.05 -33.07
N THR A 93 29.00 13.95 -33.53
CA THR A 93 29.94 14.63 -32.65
C THR A 93 29.30 15.77 -31.90
N SER A 94 28.04 16.03 -32.16
CA SER A 94 27.33 17.09 -31.46
C SER A 94 27.30 16.73 -29.98
N LYS A 95 26.80 15.53 -29.69
CA LYS A 95 26.64 15.07 -28.32
C LYS A 95 27.98 15.07 -27.61
N LEU A 96 28.98 14.53 -28.31
CA LEU A 96 30.34 14.45 -27.78
C LEU A 96 30.82 15.84 -27.41
N GLN A 97 30.75 16.75 -28.37
CA GLN A 97 31.26 18.09 -28.19
C GLN A 97 30.59 18.79 -26.99
N ARG A 98 29.29 18.58 -26.85
CA ARG A 98 28.58 19.27 -25.78
C ARG A 98 28.98 18.67 -24.45
N MET A 99 29.26 17.36 -24.48
CA MET A 99 29.76 16.64 -23.33
C MET A 99 31.10 17.31 -22.90
N PHE A 100 31.93 17.50 -23.91
CA PHE A 100 33.26 18.13 -23.82
C PHE A 100 33.22 19.51 -23.17
N GLN A 101 32.35 20.40 -23.64
CA GLN A 101 32.29 21.76 -23.08
C GLN A 101 31.61 21.78 -21.72
N ASP A 102 30.59 20.94 -21.56
CA ASP A 102 29.82 20.86 -20.33
C ASP A 102 30.74 20.49 -19.18
N ILE A 103 31.75 19.67 -19.46
CA ILE A 103 32.75 19.36 -18.44
C ILE A 103 33.56 20.61 -18.05
N GLY A 104 33.84 21.47 -19.03
CA GLY A 104 34.57 22.70 -18.78
C GLY A 104 33.80 23.64 -17.87
N VAL A 105 32.54 23.92 -18.23
CA VAL A 105 31.74 24.80 -17.37
C VAL A 105 31.50 24.15 -16.02
N SER A 106 31.53 22.81 -15.98
CA SER A 106 31.40 22.10 -14.71
C SER A 106 32.60 22.42 -13.84
N LYS A 107 33.79 22.39 -14.43
CA LYS A 107 35.02 22.69 -13.69
C LYS A 107 35.01 24.14 -13.20
N ASP A 108 34.51 25.04 -14.04
CA ASP A 108 34.42 26.46 -13.66
C ASP A 108 33.45 26.69 -12.52
N LEU A 109 32.28 26.06 -12.58
CA LEU A 109 31.30 26.19 -11.51
C LEU A 109 31.88 25.62 -10.24
N ASN A 110 32.58 24.50 -10.37
CA ASN A 110 33.23 23.89 -9.22
C ASN A 110 34.24 24.85 -8.58
N GLU A 111 35.01 25.55 -9.41
CA GLU A 111 35.96 26.52 -8.88
C GLU A 111 35.26 27.70 -8.22
N GLN A 112 34.14 28.14 -8.79
CA GLN A 112 33.37 29.23 -8.18
C GLN A 112 32.93 28.81 -6.78
N PHE A 113 32.53 27.55 -6.67
CA PHE A 113 32.21 27.00 -5.37
C PHE A 113 33.44 26.82 -4.48
N LYS A 114 34.61 26.68 -5.07
CA LYS A 114 35.85 26.61 -4.29
C LYS A 114 36.13 27.97 -3.65
N LYS A 115 36.04 29.03 -4.45
CA LYS A 115 36.20 30.39 -3.95
C LYS A 115 35.19 30.65 -2.84
N HIS A 116 33.96 30.17 -3.04
CA HIS A 116 32.93 30.37 -2.02
C HIS A 116 33.07 29.42 -0.82
N LEU A 117 33.90 28.37 -0.97
CA LEU A 117 34.02 27.33 0.04
C LEU A 117 34.78 27.72 1.32
N THR A 118 35.83 28.51 1.18
CA THR A 118 36.69 28.89 2.31
C THR A 118 36.36 30.24 2.96
N ASN A 119 35.23 30.84 2.59
CA ASN A 119 34.80 32.09 3.22
C ASN A 119 33.80 31.90 4.35
N SER A 120 32.61 31.41 4.01
CA SER A 120 31.53 31.31 5.00
C SER A 120 31.68 30.19 6.03
N GLU A 121 31.54 28.94 5.60
CA GLU A 121 31.69 27.83 6.53
C GLU A 121 32.39 26.62 5.89
N PRO A 122 33.73 26.63 5.86
CA PRO A 122 34.49 25.45 5.40
C PRO A 122 34.35 24.30 6.38
N LEU A 123 34.21 23.08 5.86
CA LEU A 123 34.06 21.92 6.72
C LEU A 123 35.01 20.80 6.26
N ASP A 124 34.93 19.64 6.92
CA ASP A 124 35.94 18.59 6.78
C ASP A 124 36.24 18.14 5.35
N LEU A 125 35.21 17.75 4.62
CA LEU A 125 35.34 17.36 3.23
C LEU A 125 35.93 18.45 2.35
N ASP A 126 36.90 18.08 1.52
CA ASP A 126 37.30 18.97 0.45
C ASP A 126 36.44 18.49 -0.71
N PHE A 127 35.51 19.35 -1.11
CA PHE A 127 34.33 18.91 -1.83
C PHE A 127 34.38 19.33 -3.28
N SER A 128 34.60 18.36 -4.16
CA SER A 128 34.71 18.65 -5.58
C SER A 128 33.66 17.86 -6.34
N ILE A 129 32.68 18.56 -6.89
CA ILE A 129 31.59 17.93 -7.61
C ILE A 129 31.55 18.40 -9.06
N GLN A 130 31.27 17.48 -9.97
CA GLN A 130 31.16 17.87 -11.36
C GLN A 130 29.71 17.66 -11.82
N VAL A 131 29.11 18.71 -12.36
CA VAL A 131 27.71 18.63 -12.77
C VAL A 131 27.53 18.75 -14.28
N LEU A 132 26.67 17.87 -14.80
CA LEU A 132 26.51 17.71 -16.24
C LEU A 132 25.07 18.00 -16.65
N SER A 133 24.88 18.26 -17.94
CA SER A 133 23.58 18.57 -18.48
C SER A 133 22.61 17.39 -18.29
N SER A 134 21.32 17.70 -18.35
CA SER A 134 20.23 16.79 -17.99
C SER A 134 20.22 15.31 -18.49
N GLY A 135 20.56 15.01 -19.74
CA GLY A 135 21.17 15.92 -20.69
C GLY A 135 21.94 15.14 -21.72
N SER A 136 23.00 15.76 -22.24
CA SER A 136 23.84 15.15 -23.29
C SER A 136 24.67 13.97 -22.81
N TRP A 137 24.60 13.68 -21.50
CA TRP A 137 25.39 12.61 -20.92
C TRP A 137 24.66 11.28 -20.74
N PRO A 138 25.17 10.21 -21.38
CA PRO A 138 24.67 8.83 -21.43
C PRO A 138 24.40 8.17 -20.08
N PHE A 139 24.71 8.84 -18.97
CA PHE A 139 24.57 8.21 -17.66
C PHE A 139 23.10 7.97 -17.32
N GLN A 140 22.86 7.36 -16.17
CA GLN A 140 21.51 6.97 -15.77
C GLN A 140 21.24 7.42 -14.34
N GLN A 141 19.97 7.40 -13.96
CA GLN A 141 19.57 7.80 -12.62
C GLN A 141 20.14 6.84 -11.58
N SER A 142 20.45 7.37 -10.40
CA SER A 142 20.98 6.57 -9.30
C SER A 142 19.90 5.68 -8.71
N CYS A 143 20.33 4.62 -8.06
CA CYS A 143 19.40 3.70 -7.41
C CYS A 143 18.90 4.28 -6.10
N THR A 144 18.15 3.45 -5.37
CA THR A 144 17.59 3.86 -4.10
C THR A 144 18.72 4.01 -3.10
N PHE A 145 18.67 5.03 -2.25
CA PHE A 145 19.81 5.25 -1.38
C PHE A 145 19.43 5.82 -0.01
N ALA A 146 20.44 6.12 0.79
CA ALA A 146 20.26 6.49 2.19
C ALA A 146 20.93 7.82 2.52
N LEU A 147 22.23 7.91 2.21
CA LEU A 147 23.01 9.10 2.53
C LEU A 147 23.12 9.30 4.05
N PRO A 148 23.84 8.37 4.72
CA PRO A 148 23.95 8.37 6.18
C PRO A 148 24.88 9.48 6.72
N SER A 149 24.62 9.89 7.95
CA SER A 149 25.52 10.76 8.73
C SER A 149 26.01 12.03 8.04
N GLU A 150 27.31 12.31 8.21
CA GLU A 150 27.89 13.62 7.93
C GLU A 150 27.68 14.18 6.54
N LEU A 151 27.62 13.30 5.54
CA LEU A 151 27.48 13.73 4.17
C LEU A 151 26.16 14.50 3.98
N GLU A 152 25.16 14.13 4.79
CA GLU A 152 23.86 14.81 4.76
C GLU A 152 24.02 16.31 4.84
N ARG A 153 25.11 16.77 5.47
CA ARG A 153 25.34 18.20 5.61
C ARG A 153 25.68 18.85 4.28
N SER A 154 26.59 18.26 3.53
CA SER A 154 27.08 18.88 2.30
C SER A 154 26.00 18.95 1.22
N TYR A 155 25.25 17.86 1.08
CA TYR A 155 24.18 17.77 0.09
C TYR A 155 23.26 18.98 0.12
N GLN A 156 22.52 19.13 1.21
CA GLN A 156 21.63 20.26 1.39
C GLN A 156 22.41 21.58 1.41
N ARG A 157 23.69 21.49 1.77
CA ARG A 157 24.57 22.65 1.70
C ARG A 157 24.80 23.01 0.24
N PHE A 158 25.13 22.01 -0.58
CA PHE A 158 25.30 22.25 -2.01
C PHE A 158 24.03 22.87 -2.57
N THR A 159 22.93 22.17 -2.28
CA THR A 159 21.61 22.51 -2.76
C THR A 159 21.18 23.89 -2.27
N ALA A 160 22.00 24.53 -1.44
CA ALA A 160 21.71 25.92 -1.12
C ALA A 160 22.05 26.82 -2.31
N PHE A 161 23.33 26.90 -2.68
CA PHE A 161 23.76 28.04 -3.49
C PHE A 161 23.25 28.11 -4.93
N TYR A 162 22.77 27.01 -5.48
CA TYR A 162 22.22 27.09 -6.83
C TYR A 162 21.01 28.01 -6.78
N ALA A 163 20.28 27.97 -5.67
CA ALA A 163 19.11 28.81 -5.47
C ALA A 163 19.51 30.29 -5.50
N SER A 164 20.77 30.57 -5.16
CA SER A 164 21.29 31.92 -5.23
C SER A 164 21.63 32.31 -6.67
N ARG A 165 22.12 31.36 -7.47
CA ARG A 165 22.45 31.66 -8.85
C ARG A 165 21.22 31.59 -9.76
N HIS A 166 20.75 30.37 -10.00
CA HIS A 166 19.48 30.17 -10.69
C HIS A 166 18.65 29.16 -9.93
N SER A 167 17.53 29.62 -9.39
CA SER A 167 16.69 28.80 -8.52
C SER A 167 15.80 27.87 -9.31
N GLY A 168 15.83 28.00 -10.64
CA GLY A 168 14.92 27.24 -11.48
C GLY A 168 15.42 25.89 -11.95
N ARG A 169 16.39 25.30 -11.25
CA ARG A 169 16.91 24.00 -11.67
C ARG A 169 16.93 22.92 -10.59
N LYS A 170 16.87 21.68 -11.06
CA LYS A 170 16.80 20.51 -10.19
C LYS A 170 18.01 19.60 -10.42
N LEU A 171 18.60 19.14 -9.32
CA LEU A 171 19.81 18.34 -9.38
C LEU A 171 19.49 16.88 -9.06
N THR A 172 19.73 15.99 -10.01
CA THR A 172 19.56 14.56 -9.78
C THR A 172 20.92 13.93 -9.56
N TRP A 173 21.15 13.49 -8.32
CA TRP A 173 22.47 13.07 -7.88
C TRP A 173 22.79 11.62 -8.22
N LEU A 174 23.90 11.40 -8.91
CA LEU A 174 24.33 10.03 -9.18
C LEU A 174 25.29 9.58 -8.08
N TYR A 175 24.81 8.70 -7.21
CA TYR A 175 25.64 8.20 -6.12
C TYR A 175 26.39 6.97 -6.58
N GLN A 176 25.96 6.41 -7.70
CA GLN A 176 26.59 5.24 -8.23
C GLN A 176 27.93 5.62 -8.87
N LEU A 177 28.03 6.85 -9.34
CA LEU A 177 29.24 7.35 -9.99
C LEU A 177 30.14 8.13 -9.05
N SER A 178 29.77 8.20 -7.77
CA SER A 178 30.49 9.05 -6.83
C SER A 178 31.43 8.28 -5.92
N LYS A 179 32.68 8.74 -5.85
CA LYS A 179 33.72 8.10 -5.08
C LYS A 179 34.26 9.04 -4.02
N GLY A 180 34.88 8.49 -2.97
CA GLY A 180 35.49 9.30 -1.94
C GLY A 180 36.63 8.59 -1.25
N GLU A 181 37.53 9.36 -0.65
CA GLU A 181 38.72 8.82 0.01
C GLU A 181 38.53 8.71 1.51
N LEU A 182 39.09 7.64 2.08
CA LEU A 182 39.07 7.40 3.51
C LEU A 182 40.43 6.93 3.98
N VAL A 183 40.69 7.09 5.27
CA VAL A 183 41.95 6.68 5.87
C VAL A 183 41.70 5.77 7.07
N THR A 184 42.73 5.03 7.49
CA THR A 184 42.55 4.02 8.53
C THR A 184 43.42 4.23 9.77
N ASN A 185 42.88 3.81 10.91
CA ASN A 185 43.57 3.89 12.18
C ASN A 185 43.55 2.53 12.89
N CYS A 186 42.34 2.03 13.16
CA CYS A 186 42.10 0.86 14.00
C CYS A 186 42.93 -0.39 13.70
N PHE A 187 43.17 -0.69 12.43
CA PHE A 187 43.93 -1.90 12.08
C PHE A 187 45.41 -1.76 12.43
N LYS A 188 46.19 -2.80 12.14
CA LYS A 188 47.60 -2.83 12.50
C LYS A 188 48.46 -1.84 11.72
N ASN A 189 48.48 -1.95 10.40
CA ASN A 189 49.40 -1.16 9.59
C ASN A 189 48.68 -0.12 8.75
N ARG A 190 49.18 1.12 8.79
CA ARG A 190 48.54 2.26 8.13
C ARG A 190 48.42 2.11 6.62
N TYR A 191 47.22 2.36 6.09
CA TYR A 191 46.99 2.40 4.65
C TYR A 191 46.06 3.56 4.33
N THR A 192 45.62 3.64 3.07
CA THR A 192 44.65 4.64 2.63
C THR A 192 43.76 4.05 1.55
N LEU A 193 42.45 4.30 1.58
CA LEU A 193 41.52 3.67 0.64
C LEU A 193 40.49 4.58 -0.06
N GLN A 194 40.39 4.46 -1.37
CA GLN A 194 39.33 5.13 -2.11
C GLN A 194 38.19 4.16 -2.38
N ALA A 195 36.98 4.58 -2.02
CA ALA A 195 35.81 3.71 -2.15
C ALA A 195 34.67 4.40 -2.88
N SER A 196 33.84 3.61 -3.55
CA SER A 196 32.61 4.13 -4.13
C SER A 196 31.73 4.57 -3.00
N THR A 197 30.88 5.56 -3.25
CA THR A 197 29.98 6.09 -2.22
C THR A 197 29.08 4.97 -1.72
N PHE A 198 28.79 4.01 -2.60
CA PHE A 198 28.12 2.78 -2.20
C PHE A 198 28.91 2.08 -1.12
N GLN A 199 30.20 1.89 -1.39
CA GLN A 199 31.08 1.27 -0.42
C GLN A 199 31.13 2.08 0.86
N MET A 200 31.22 3.39 0.73
CA MET A 200 31.40 4.25 1.89
C MET A 200 30.16 4.30 2.78
N ALA A 201 28.99 4.13 2.20
CA ALA A 201 27.74 4.25 2.96
C ALA A 201 27.53 3.10 3.94
N ILE A 202 28.25 1.99 3.74
CA ILE A 202 28.07 0.81 4.58
C ILE A 202 28.65 0.99 5.98
N LEU A 203 29.48 2.01 6.14
CA LEU A 203 30.26 2.17 7.35
C LEU A 203 29.48 2.86 8.48
N LEU A 204 29.34 2.17 9.60
CA LEU A 204 28.64 2.69 10.76
C LEU A 204 29.61 3.23 11.80
N TYR A 212 26.33 -6.02 11.10
CA TYR A 212 24.96 -5.88 10.62
C TYR A 212 24.65 -6.97 9.59
N THR A 213 23.37 -7.21 9.35
CA THR A 213 22.99 -8.24 8.38
C THR A 213 22.45 -7.60 7.10
N VAL A 214 22.72 -8.27 5.98
CA VAL A 214 22.34 -7.79 4.65
C VAL A 214 20.85 -7.45 4.54
N GLN A 215 19.99 -8.16 5.25
CA GLN A 215 18.57 -7.84 5.26
C GLN A 215 18.31 -6.43 5.77
N GLN A 216 18.75 -6.16 6.98
CA GLN A 216 18.53 -4.86 7.59
C GLN A 216 19.50 -3.83 7.04
N LEU A 217 20.65 -4.30 6.56
CA LEU A 217 21.61 -3.42 5.90
C LEU A 217 21.01 -2.79 4.66
N THR A 218 20.32 -3.61 3.86
CA THR A 218 19.71 -3.11 2.63
C THR A 218 18.74 -2.00 3.00
N ASP A 219 17.90 -2.21 4.00
CA ASP A 219 16.89 -1.24 4.37
C ASP A 219 17.52 0.03 4.93
N SER A 220 18.44 -0.14 5.87
CA SER A 220 19.12 0.99 6.50
C SER A 220 19.81 1.86 5.46
N THR A 221 20.40 1.20 4.46
CA THR A 221 21.08 1.89 3.38
C THR A 221 20.11 2.13 2.20
N GLN A 222 18.91 1.57 2.32
CA GLN A 222 17.85 1.64 1.30
C GLN A 222 18.42 1.28 -0.07
N ILE A 223 19.41 0.40 -0.09
CA ILE A 223 20.05 0.05 -1.36
C ILE A 223 19.48 -1.29 -1.84
N LYS A 224 19.24 -1.41 -3.14
CA LYS A 224 18.67 -2.64 -3.68
C LYS A 224 19.58 -3.81 -3.37
N MET A 225 18.98 -4.94 -3.03
CA MET A 225 19.76 -6.10 -2.62
C MET A 225 20.59 -6.62 -3.78
N ASP A 226 20.06 -6.50 -4.99
CA ASP A 226 20.73 -7.02 -6.18
C ASP A 226 22.10 -6.39 -6.31
N ILE A 227 22.15 -5.06 -6.24
CA ILE A 227 23.42 -4.35 -6.28
C ILE A 227 24.19 -4.49 -4.97
N LEU A 228 23.47 -4.50 -3.84
CA LEU A 228 24.12 -4.64 -2.53
C LEU A 228 25.05 -5.85 -2.47
N ALA A 229 24.57 -6.98 -3.00
CA ALA A 229 25.38 -8.20 -3.08
C ALA A 229 26.60 -7.96 -3.96
N GLN A 230 26.39 -7.27 -5.09
CA GLN A 230 27.47 -6.95 -6.02
C GLN A 230 28.56 -6.19 -5.29
N VAL A 231 28.15 -5.32 -4.37
CA VAL A 231 29.07 -4.48 -3.61
C VAL A 231 29.77 -5.26 -2.51
N LEU A 232 29.02 -6.05 -1.76
CA LEU A 232 29.57 -6.73 -0.59
C LEU A 232 30.43 -7.92 -0.97
N GLN A 233 30.17 -8.51 -2.12
CA GLN A 233 31.05 -9.56 -2.63
C GLN A 233 32.42 -8.97 -2.92
N ILE A 234 32.44 -7.76 -3.50
CA ILE A 234 33.70 -7.10 -3.87
C ILE A 234 34.35 -6.46 -2.66
N LEU A 235 33.56 -6.25 -1.61
CA LEU A 235 34.10 -5.79 -0.35
C LEU A 235 34.77 -6.95 0.40
N LEU A 236 34.15 -8.12 0.35
CA LEU A 236 34.67 -9.32 1.00
C LEU A 236 35.94 -9.84 0.33
N LYS A 237 35.96 -9.81 -1.00
CA LYS A 237 37.12 -10.23 -1.77
C LYS A 237 38.29 -9.28 -1.54
N SER A 238 38.02 -8.19 -0.83
CA SER A 238 39.06 -7.28 -0.40
C SER A 238 39.41 -7.60 1.07
N LYS A 239 38.53 -7.22 2.00
CA LYS A 239 38.75 -7.57 3.40
C LYS A 239 37.42 -7.73 4.14
N LEU A 240 37.51 -8.15 5.40
CA LEU A 240 36.34 -8.46 6.23
C LEU A 240 35.20 -9.13 5.46
N PRO A 257 21.75 -13.15 2.46
CA PRO A 257 20.70 -12.15 2.70
C PRO A 257 20.51 -11.88 4.18
N ASP A 258 20.20 -12.92 4.95
CA ASP A 258 20.03 -12.78 6.38
C ASP A 258 21.38 -12.78 7.07
N THR A 259 22.41 -13.19 6.34
CA THR A 259 23.74 -13.39 6.92
C THR A 259 24.30 -12.11 7.53
N LEU A 260 25.09 -12.28 8.59
CA LEU A 260 25.66 -11.18 9.35
C LEU A 260 27.06 -10.79 8.88
N ILE A 261 27.33 -9.48 8.89
CA ILE A 261 28.66 -8.96 8.59
C ILE A 261 29.11 -7.96 9.65
N ARG A 273 46.37 4.07 -0.27
CA ARG A 273 46.19 3.84 -1.70
C ARG A 273 46.09 2.35 -1.99
N VAL A 274 45.00 1.70 -1.61
CA VAL A 274 44.96 0.25 -1.76
C VAL A 274 44.44 -0.19 -3.16
N ASN A 275 43.24 0.15 -3.66
CA ASN A 275 42.14 0.90 -3.03
C ASN A 275 40.92 0.00 -3.22
N ILE A 276 39.85 0.21 -2.48
CA ILE A 276 38.74 -0.74 -2.55
C ILE A 276 37.62 -0.42 -3.56
N ASN A 277 37.65 0.74 -4.21
CA ASN A 277 36.63 0.98 -5.21
C ASN A 277 36.97 0.25 -6.49
N VAL A 278 36.15 -0.71 -6.87
CA VAL A 278 36.49 -1.59 -7.97
C VAL A 278 35.26 -1.96 -8.78
N PRO A 279 35.41 -2.04 -10.11
CA PRO A 279 34.34 -2.54 -10.98
C PRO A 279 33.92 -3.96 -10.62
N MET A 280 32.63 -4.26 -10.73
CA MET A 280 32.10 -5.57 -10.37
C MET A 280 32.01 -6.51 -11.57
N LYS A 281 32.45 -7.76 -11.37
CA LYS A 281 32.63 -8.72 -12.46
C LYS A 281 31.33 -9.09 -13.21
N THR A 282 30.36 -9.67 -12.49
CA THR A 282 29.14 -10.15 -13.13
C THR A 282 28.30 -8.98 -13.59
N GLU A 283 28.46 -7.85 -12.92
CA GLU A 283 27.83 -6.62 -13.37
C GLU A 283 28.75 -5.99 -14.40
N GLN A 284 28.31 -4.89 -15.00
CA GLN A 284 29.10 -4.11 -15.95
C GLN A 284 29.43 -4.94 -17.20
N LYS A 285 29.05 -6.22 -17.14
CA LYS A 285 28.86 -7.04 -18.31
C LYS A 285 27.46 -6.74 -18.75
N GLN A 286 26.61 -6.49 -17.76
CA GLN A 286 25.22 -6.13 -17.98
C GLN A 286 25.10 -4.89 -18.87
N GLU A 287 25.89 -3.87 -18.58
CA GLU A 287 25.83 -2.63 -19.34
C GLU A 287 26.32 -2.83 -20.78
N GLN A 288 27.09 -3.89 -21.01
CA GLN A 288 27.51 -4.18 -22.37
C GLN A 288 26.31 -4.71 -23.15
N GLU A 289 25.61 -5.66 -22.55
CA GLU A 289 24.39 -6.20 -23.11
C GLU A 289 23.43 -5.05 -23.39
N THR A 290 23.24 -4.23 -22.37
CA THR A 290 22.43 -3.01 -22.46
C THR A 290 22.77 -2.24 -23.74
N THR A 291 24.02 -1.79 -23.83
CA THR A 291 24.52 -1.04 -24.98
C THR A 291 24.18 -1.70 -26.31
N HIS A 292 24.37 -3.01 -26.39
CA HIS A 292 24.11 -3.75 -27.63
C HIS A 292 22.63 -3.81 -27.95
N LYS A 293 21.81 -3.90 -26.92
CA LYS A 293 20.37 -3.81 -27.09
C LYS A 293 20.01 -2.46 -27.69
N ASN A 294 20.48 -1.38 -27.06
CA ASN A 294 20.19 -0.03 -27.55
C ASN A 294 20.58 0.15 -29.00
N ILE A 295 21.72 -0.41 -29.38
CA ILE A 295 22.16 -0.30 -30.77
C ILE A 295 21.23 -1.10 -31.66
N GLU A 296 20.73 -2.23 -31.16
CA GLU A 296 19.76 -3.00 -31.93
C GLU A 296 18.51 -2.17 -32.18
N GLU A 297 17.99 -1.55 -31.13
CA GLU A 297 16.79 -0.72 -31.23
C GLU A 297 16.91 0.44 -32.23
N ASP A 298 17.99 1.22 -32.08
CA ASP A 298 18.26 2.31 -33.01
C ASP A 298 18.34 1.75 -34.43
N ARG A 299 18.88 0.54 -34.58
CA ARG A 299 18.97 -0.07 -35.90
C ARG A 299 17.60 -0.41 -36.46
N LYS A 300 16.70 -0.91 -35.59
CA LYS A 300 15.32 -1.18 -35.99
C LYS A 300 14.67 0.08 -36.54
N LEU A 301 14.68 1.15 -35.75
CA LEU A 301 14.11 2.43 -36.20
C LEU A 301 14.65 2.84 -37.56
N LEU A 302 15.99 2.83 -37.68
CA LEU A 302 16.65 3.19 -38.94
C LEU A 302 16.13 2.40 -40.12
N ILE A 303 16.09 1.08 -39.95
CA ILE A 303 15.67 0.16 -41.02
C ILE A 303 14.24 0.44 -41.43
N GLN A 304 13.32 0.42 -40.46
CA GLN A 304 11.91 0.67 -40.72
C GLN A 304 11.74 1.96 -41.52
N ALA A 305 12.37 3.03 -41.05
CA ALA A 305 12.33 4.30 -41.78
C ALA A 305 12.74 4.11 -43.25
N ALA A 306 13.89 3.45 -43.44
CA ALA A 306 14.43 3.23 -44.78
C ALA A 306 13.47 2.49 -45.71
N ILE A 307 12.94 1.38 -45.21
CA ILE A 307 12.10 0.51 -46.01
C ILE A 307 10.82 1.26 -46.36
N VAL A 308 10.29 2.06 -45.43
CA VAL A 308 9.13 2.91 -45.77
C VAL A 308 9.46 3.81 -46.95
N ARG A 309 10.60 4.47 -46.83
CA ARG A 309 11.09 5.34 -47.88
C ARG A 309 11.06 4.61 -49.23
N ILE A 310 11.69 3.43 -49.25
CA ILE A 310 11.82 2.69 -50.50
C ILE A 310 10.49 2.17 -51.00
N MET A 311 9.61 1.73 -50.11
CA MET A 311 8.33 1.21 -50.55
C MET A 311 7.51 2.30 -51.25
N ARG A 312 7.54 3.50 -50.68
CA ARG A 312 6.86 4.60 -51.33
C ARG A 312 7.52 4.90 -52.67
N MET A 313 8.85 4.88 -52.70
CA MET A 313 9.57 5.18 -53.93
C MET A 313 9.26 4.11 -54.98
N ARG A 314 9.23 2.87 -54.52
CA ARG A 314 9.02 1.70 -55.34
C ARG A 314 7.57 1.44 -55.72
N LYS A 315 6.69 1.67 -54.75
CA LYS A 315 5.26 1.35 -54.83
C LYS A 315 5.03 -0.15 -54.69
N VAL A 316 5.87 -0.93 -55.36
CA VAL A 316 5.80 -2.40 -55.25
C VAL A 316 7.20 -2.96 -55.48
N LEU A 317 7.52 -4.03 -54.76
CA LEU A 317 8.79 -4.73 -54.93
C LEU A 317 8.73 -6.12 -54.41
N LYS A 318 9.58 -6.98 -54.97
CA LYS A 318 9.69 -8.31 -54.42
C LYS A 318 10.61 -8.27 -53.18
N HIS A 319 10.37 -9.19 -52.27
CA HIS A 319 11.11 -9.30 -51.02
C HIS A 319 12.61 -9.15 -51.22
N GLN A 320 13.14 -9.89 -52.20
CA GLN A 320 14.55 -9.85 -52.54
C GLN A 320 15.05 -8.45 -52.87
N GLN A 321 14.29 -7.76 -53.73
CA GLN A 321 14.66 -6.41 -54.16
C GLN A 321 14.56 -5.43 -53.00
N LEU A 322 13.57 -5.65 -52.15
CA LEU A 322 13.43 -4.82 -50.97
C LEU A 322 14.66 -4.91 -50.14
N LEU A 323 15.02 -6.15 -49.78
CA LEU A 323 16.19 -6.39 -48.93
C LEU A 323 17.43 -5.79 -49.55
N GLY A 324 17.58 -5.99 -50.86
CA GLY A 324 18.69 -5.43 -51.61
C GLY A 324 18.79 -3.95 -51.39
N GLU A 325 17.69 -3.24 -51.63
CA GLU A 325 17.71 -1.79 -51.48
C GLU A 325 17.97 -1.35 -50.05
N VAL A 326 17.28 -1.94 -49.09
CA VAL A 326 17.48 -1.61 -47.68
C VAL A 326 18.96 -1.72 -47.36
N LEU A 327 19.58 -2.78 -47.85
CA LEU A 327 21.01 -2.97 -47.68
C LEU A 327 21.82 -1.83 -48.26
N THR A 328 21.81 -1.71 -49.59
CA THR A 328 22.65 -0.71 -50.26
C THR A 328 22.39 0.71 -49.77
N GLN A 329 21.21 0.96 -49.22
CA GLN A 329 20.86 2.28 -48.70
C GLN A 329 21.37 2.48 -47.27
N LEU A 330 21.38 1.43 -46.49
CA LEU A 330 21.72 1.54 -45.09
C LEU A 330 23.18 1.18 -44.75
N SER A 331 23.97 0.85 -45.78
CA SER A 331 25.28 0.24 -45.56
C SER A 331 26.25 1.11 -44.79
N SER A 332 26.40 2.36 -45.23
CA SER A 332 27.45 3.24 -44.70
C SER A 332 27.43 3.38 -43.18
N ARG A 333 26.24 3.28 -42.58
CA ARG A 333 26.18 3.26 -41.12
C ARG A 333 26.42 1.86 -40.53
N PHE A 334 25.85 0.82 -41.15
CA PHE A 334 26.01 -0.56 -40.67
C PHE A 334 25.48 -1.61 -41.66
N LYS A 335 25.58 -2.88 -41.27
CA LYS A 335 25.12 -3.97 -42.13
C LYS A 335 24.27 -4.96 -41.36
N PRO A 336 22.93 -4.79 -41.44
CA PRO A 336 21.92 -5.52 -40.67
C PRO A 336 21.76 -6.99 -41.06
N ARG A 337 21.66 -7.85 -40.04
CA ARG A 337 21.24 -9.24 -40.23
C ARG A 337 19.79 -9.28 -40.75
N VAL A 338 19.56 -10.01 -41.83
CA VAL A 338 18.23 -10.01 -42.42
C VAL A 338 17.08 -10.49 -41.52
N PRO A 339 17.31 -11.41 -40.56
CA PRO A 339 16.18 -11.59 -39.64
C PRO A 339 15.72 -10.31 -38.94
N VAL A 340 16.63 -9.34 -38.80
CA VAL A 340 16.21 -8.04 -38.28
C VAL A 340 15.37 -7.30 -39.33
N ILE A 341 15.87 -7.22 -40.55
CA ILE A 341 15.13 -6.61 -41.67
C ILE A 341 13.70 -7.17 -41.79
N LYS A 342 13.60 -8.47 -41.60
CA LYS A 342 12.34 -9.17 -41.68
C LYS A 342 11.48 -8.88 -40.49
N LYS A 343 12.04 -8.81 -39.29
CA LYS A 343 11.17 -8.46 -38.16
C LYS A 343 10.63 -7.05 -38.35
N CYS A 344 11.40 -6.24 -39.07
CA CYS A 344 11.01 -4.86 -39.38
C CYS A 344 9.86 -4.83 -40.36
N ILE A 345 9.97 -5.62 -41.41
CA ILE A 345 8.84 -5.77 -42.33
C ILE A 345 7.60 -6.30 -41.59
N ASP A 346 7.75 -7.37 -40.83
CA ASP A 346 6.67 -7.92 -40.01
C ASP A 346 6.03 -6.88 -39.09
N ILE A 347 6.82 -5.88 -38.70
CA ILE A 347 6.30 -4.80 -37.88
C ILE A 347 5.51 -3.80 -38.72
N LEU A 348 6.05 -3.46 -39.89
CA LEU A 348 5.38 -2.51 -40.76
C LEU A 348 4.15 -3.11 -41.46
N ILE A 349 3.97 -4.41 -41.32
CA ILE A 349 2.73 -5.04 -41.76
C ILE A 349 1.62 -4.73 -40.75
N GLU A 350 1.92 -4.92 -39.47
CA GLU A 350 0.91 -4.78 -38.43
C GLU A 350 0.52 -3.32 -38.24
N LYS A 351 1.42 -2.42 -38.62
CA LYS A 351 1.16 -0.98 -38.49
C LYS A 351 0.54 -0.44 -39.79
N GLU A 352 0.40 -1.34 -40.75
CA GLU A 352 -0.28 -1.09 -42.03
C GLU A 352 0.43 -0.09 -42.93
N TYR A 353 1.76 -0.11 -42.93
CA TYR A 353 2.52 0.70 -43.90
C TYR A 353 2.62 0.01 -45.26
N LEU A 354 2.67 -1.31 -45.24
CA LEU A 354 2.66 -2.06 -46.50
C LEU A 354 1.91 -3.39 -46.37
N GLU A 355 1.59 -3.96 -47.52
CA GLU A 355 0.81 -5.20 -47.56
C GLU A 355 1.42 -6.18 -48.56
N ARG A 356 0.96 -7.43 -48.50
CA ARG A 356 1.46 -8.40 -49.47
C ARG A 356 0.48 -8.50 -50.63
N VAL A 357 1.01 -8.30 -51.83
CA VAL A 357 0.20 -8.38 -53.04
C VAL A 357 -0.40 -9.76 -53.16
N ASP A 358 -1.72 -9.83 -53.38
CA ASP A 358 -2.43 -11.10 -53.44
C ASP A 358 -2.17 -11.83 -54.75
N GLY A 359 -1.77 -13.10 -54.64
CA GLY A 359 -1.51 -13.95 -55.78
C GLY A 359 -0.04 -13.95 -56.17
N GLU A 360 0.65 -12.88 -55.80
CA GLU A 360 2.10 -12.79 -56.00
C GLU A 360 2.81 -13.16 -54.71
N LYS A 361 3.54 -14.25 -54.74
CA LYS A 361 4.34 -14.62 -53.59
C LYS A 361 5.59 -13.75 -53.59
N ASP A 362 6.13 -13.51 -52.39
CA ASP A 362 7.40 -12.82 -52.27
C ASP A 362 7.31 -11.42 -52.85
N THR A 363 6.15 -10.78 -52.70
CA THR A 363 6.01 -9.42 -53.22
C THR A 363 5.20 -8.52 -52.31
N TYR A 364 5.77 -7.35 -51.98
CA TYR A 364 5.12 -6.32 -51.13
C TYR A 364 4.73 -5.09 -51.91
N SER A 365 3.66 -4.43 -51.48
CA SER A 365 3.21 -3.13 -52.02
C SER A 365 2.87 -2.10 -50.93
N TYR A 366 3.03 -0.83 -51.29
CA TYR A 366 2.89 0.29 -50.35
C TYR A 366 1.43 0.66 -50.07
N LEU A 367 1.21 1.26 -48.89
CA LEU A 367 -0.10 1.75 -48.46
C LEU A 367 -0.20 3.27 -48.18
N ALA A 368 -1.12 3.95 -48.88
CA ALA A 368 -1.46 5.37 -48.65
C ALA A 368 -0.27 6.34 -48.74
N GLU B 21 35.07 8.22 8.42
CA GLU B 21 35.31 9.62 8.05
C GLU B 21 35.79 9.76 6.60
N VAL B 22 35.74 10.98 6.08
CA VAL B 22 36.13 11.26 4.70
C VAL B 22 36.90 12.58 4.60
N LYS B 23 38.12 12.51 4.08
CA LYS B 23 38.91 13.71 3.82
C LYS B 23 38.53 14.31 2.46
N LYS B 24 38.36 13.45 1.47
CA LYS B 24 38.06 13.89 0.11
C LYS B 24 36.95 13.05 -0.51
N TRP B 25 35.90 13.71 -0.99
CA TRP B 25 34.82 12.99 -1.66
C TRP B 25 34.36 13.76 -2.91
N ASN B 26 34.53 13.16 -4.08
CA ASN B 26 34.08 13.80 -5.31
C ASN B 26 32.87 13.09 -5.90
N ALA B 27 31.79 13.83 -6.07
CA ALA B 27 30.51 13.27 -6.49
C ALA B 27 30.02 13.84 -7.82
N VAL B 28 29.14 13.09 -8.48
CA VAL B 28 28.65 13.47 -9.80
C VAL B 28 27.13 13.57 -9.86
N ALA B 29 26.65 14.71 -10.32
CA ALA B 29 25.21 14.96 -10.41
C ALA B 29 24.81 15.61 -11.74
N LEU B 30 23.56 15.42 -12.13
CA LEU B 30 23.04 15.98 -13.36
C LEU B 30 21.92 16.97 -13.05
N TRP B 31 22.06 18.19 -13.57
CA TRP B 31 21.01 19.17 -13.39
C TRP B 31 19.91 18.94 -14.43
N ALA B 32 18.69 18.80 -13.94
CA ALA B 32 17.55 18.57 -14.83
C ALA B 32 16.57 19.73 -14.71
N TRP B 33 15.85 19.98 -15.79
CA TRP B 33 14.90 21.09 -15.82
C TRP B 33 13.68 20.83 -14.97
N ASP B 34 13.31 21.82 -14.17
CA ASP B 34 12.13 21.72 -13.31
C ASP B 34 10.87 22.17 -14.08
N ILE B 35 9.80 21.38 -14.00
CA ILE B 35 8.68 21.53 -14.90
C ILE B 35 7.41 22.00 -14.16
N VAL B 36 6.52 22.65 -14.89
CA VAL B 36 5.29 23.21 -14.33
C VAL B 36 4.43 22.21 -13.54
N VAL B 37 4.50 20.93 -13.91
CA VAL B 37 3.90 19.80 -13.17
C VAL B 37 2.38 19.55 -13.30
N ASP B 38 1.64 20.48 -13.91
CA ASP B 38 0.17 20.48 -13.79
C ASP B 38 -0.64 19.50 -14.66
N ASN B 39 -0.29 19.34 -15.94
CA ASN B 39 -1.21 18.66 -16.87
C ASN B 39 -0.61 17.52 -17.69
N CYS B 40 -1.29 16.36 -17.68
CA CYS B 40 -0.89 15.25 -18.55
C CYS B 40 -0.94 15.71 -20.00
N ALA B 41 0.10 15.42 -20.77
CA ALA B 41 0.19 15.97 -22.11
C ALA B 41 -0.37 14.99 -23.12
N ILE B 42 -0.78 13.83 -22.63
CA ILE B 42 -1.34 12.79 -23.47
C ILE B 42 -2.87 12.86 -23.43
N CYS B 43 -3.48 12.75 -22.23
CA CYS B 43 -4.93 12.92 -22.13
C CYS B 43 -5.34 14.37 -22.21
N ARG B 44 -4.36 15.25 -22.01
CA ARG B 44 -4.60 16.68 -21.91
C ARG B 44 -5.54 16.91 -20.74
N ASN B 45 -5.61 15.92 -19.85
CA ASN B 45 -6.35 15.98 -18.62
C ASN B 45 -5.50 16.61 -17.53
N HIS B 46 -5.99 16.60 -16.31
CA HIS B 46 -5.17 16.97 -15.18
C HIS B 46 -4.55 15.70 -14.57
N ILE B 47 -3.31 15.79 -14.15
CA ILE B 47 -2.58 14.63 -13.62
C ILE B 47 -3.29 13.99 -12.43
N MET B 48 -3.74 14.82 -11.50
CA MET B 48 -4.41 14.34 -10.29
C MET B 48 -5.73 13.63 -10.63
N ASP B 49 -6.41 14.12 -11.67
CA ASP B 49 -7.62 13.48 -12.18
C ASP B 49 -7.31 12.16 -12.84
N LEU B 50 -8.33 11.32 -13.00
CA LEU B 50 -8.19 10.06 -13.70
C LEU B 50 -7.80 10.30 -15.15
N CYS B 51 -7.11 9.33 -15.75
CA CYS B 51 -6.83 9.39 -17.17
C CYS B 51 -8.12 9.12 -17.94
N ILE B 52 -8.15 9.53 -19.21
CA ILE B 52 -9.36 9.45 -20.01
C ILE B 52 -9.84 8.03 -20.29
N GLU B 53 -8.96 7.05 -20.21
CA GLU B 53 -9.38 5.67 -20.44
C GLU B 53 -10.10 5.15 -19.20
N CYS B 54 -9.66 5.61 -18.03
CA CYS B 54 -10.28 5.20 -16.78
C CYS B 54 -11.57 5.97 -16.54
N GLN B 55 -11.69 7.16 -17.13
CA GLN B 55 -12.88 7.97 -16.97
C GLN B 55 -14.11 7.26 -17.57
N ALA B 56 -13.87 6.47 -18.60
CA ALA B 56 -14.92 5.61 -19.14
C ALA B 56 -14.84 4.21 -18.51
N ASN B 57 -15.82 3.88 -17.67
CA ASN B 57 -15.83 2.58 -16.99
C ASN B 57 -17.25 2.01 -16.89
N GLU B 65 -6.71 2.93 -9.05
CA GLU B 65 -5.89 2.10 -9.93
C GLU B 65 -5.18 2.95 -10.98
N CYS B 66 -5.62 4.18 -11.16
CA CYS B 66 -5.01 5.11 -12.12
C CYS B 66 -4.04 6.02 -11.36
N THR B 67 -2.74 5.87 -11.64
CA THR B 67 -1.71 6.63 -10.93
C THR B 67 -0.75 7.35 -11.85
N VAL B 68 0.24 8.01 -11.25
CA VAL B 68 1.14 8.90 -11.97
C VAL B 68 2.54 8.30 -12.15
N ALA B 69 3.12 8.55 -13.32
CA ALA B 69 4.47 8.14 -13.63
C ALA B 69 5.31 9.36 -14.02
N TRP B 70 6.60 9.27 -13.73
CA TRP B 70 7.54 10.37 -13.89
C TRP B 70 8.68 9.97 -14.80
N GLY B 71 9.48 10.95 -15.24
CA GLY B 71 10.59 10.66 -16.12
C GLY B 71 11.78 11.56 -15.82
N VAL B 72 12.95 11.17 -16.30
CA VAL B 72 14.20 11.82 -15.90
C VAL B 72 14.25 13.26 -16.39
N CYS B 73 13.43 13.58 -17.39
CA CYS B 73 13.28 14.93 -17.91
C CYS B 73 12.35 15.77 -17.02
N ASN B 74 11.75 15.11 -16.03
CA ASN B 74 10.88 15.70 -15.02
C ASN B 74 9.45 15.89 -15.51
N HIS B 75 9.20 15.53 -16.77
CA HIS B 75 7.82 15.46 -17.28
C HIS B 75 7.02 14.37 -16.61
N ALA B 76 5.73 14.59 -16.46
CA ALA B 76 4.86 13.58 -15.85
C ALA B 76 3.70 13.16 -16.77
N PHE B 77 3.18 11.97 -16.48
CA PHE B 77 2.07 11.42 -17.24
C PHE B 77 1.28 10.53 -16.31
N HIS B 78 0.07 10.14 -16.71
CA HIS B 78 -0.56 9.04 -15.99
C HIS B 78 0.23 7.80 -16.41
N PHE B 79 0.17 6.77 -15.58
CA PHE B 79 0.82 5.50 -15.92
C PHE B 79 0.23 4.96 -17.22
N HIS B 80 -1.10 4.96 -17.29
CA HIS B 80 -1.84 4.36 -18.39
C HIS B 80 -1.49 4.98 -19.75
N CYS B 81 -1.19 6.27 -19.77
CA CYS B 81 -0.87 6.95 -21.02
C CYS B 81 0.50 6.62 -21.53
N ILE B 82 1.45 6.80 -20.62
CA ILE B 82 2.85 6.74 -21.00
C ILE B 82 3.22 5.31 -21.29
N SER B 83 2.67 4.36 -20.52
CA SER B 83 2.91 2.94 -20.78
C SER B 83 2.55 2.58 -22.23
N ARG B 84 1.35 2.97 -22.63
CA ARG B 84 0.89 2.69 -23.97
C ARG B 84 1.81 3.38 -24.96
N TRP B 85 2.25 4.58 -24.63
CA TRP B 85 3.12 5.29 -25.57
C TRP B 85 4.43 4.54 -25.75
N LEU B 86 4.92 4.00 -24.65
CA LEU B 86 6.18 3.24 -24.62
C LEU B 86 6.08 1.98 -25.45
N LYS B 87 4.93 1.31 -25.40
CA LYS B 87 4.75 0.08 -26.16
C LYS B 87 5.00 0.30 -27.65
N THR B 88 4.80 1.52 -28.12
CA THR B 88 5.16 1.86 -29.50
C THR B 88 6.65 2.09 -29.64
N ARG B 89 7.19 2.92 -28.75
CA ARG B 89 8.59 3.33 -28.84
C ARG B 89 9.08 3.74 -27.44
N GLN B 90 10.35 3.52 -27.12
CA GLN B 90 10.78 3.83 -25.76
C GLN B 90 11.46 5.18 -25.74
N VAL B 91 10.69 6.19 -25.35
CA VAL B 91 11.12 7.57 -25.26
C VAL B 91 10.12 8.32 -24.40
N CYS B 92 10.49 9.49 -23.93
CA CYS B 92 9.48 10.44 -23.54
C CYS B 92 8.90 11.00 -24.84
N PRO B 93 7.58 11.21 -24.90
CA PRO B 93 6.98 11.71 -26.15
C PRO B 93 7.24 13.19 -26.39
N LEU B 94 7.36 13.96 -25.32
CA LEU B 94 7.56 15.40 -25.43
C LEU B 94 8.96 15.74 -25.96
N ASP B 95 9.97 15.19 -25.28
CA ASP B 95 11.37 15.31 -25.67
C ASP B 95 11.78 13.94 -26.16
N ASN B 96 12.73 13.84 -27.08
CA ASN B 96 12.95 12.53 -27.69
C ASN B 96 13.83 11.66 -26.80
N ARG B 97 14.10 12.17 -25.61
CA ARG B 97 14.95 11.49 -24.63
C ARG B 97 14.51 10.06 -24.31
N GLU B 98 15.49 9.17 -24.09
CA GLU B 98 15.21 7.81 -23.64
C GLU B 98 14.38 7.88 -22.38
N TRP B 99 13.43 6.96 -22.26
CA TRP B 99 12.50 7.01 -21.14
C TRP B 99 13.02 6.25 -19.93
N GLU B 100 12.96 6.88 -18.76
CA GLU B 100 13.26 6.16 -17.54
C GLU B 100 12.49 6.68 -16.33
N PHE B 101 12.00 5.75 -15.51
CA PHE B 101 11.20 6.04 -14.32
C PHE B 101 11.98 6.63 -13.15
N GLN B 102 11.27 7.30 -12.23
CA GLN B 102 11.83 7.66 -10.94
C GLN B 102 11.32 6.72 -9.87
N ARG C 3 -41.21 -12.71 -45.82
CA ARG C 3 -40.26 -11.82 -45.16
C ARG C 3 -40.63 -11.61 -43.69
N LYS C 4 -41.93 -11.60 -43.40
CA LYS C 4 -42.41 -11.46 -42.02
C LYS C 4 -41.98 -12.64 -41.16
N LYS C 5 -41.93 -13.82 -41.77
CA LYS C 5 -41.47 -15.04 -41.13
C LYS C 5 -40.08 -14.86 -40.54
N LEU C 6 -39.17 -14.38 -41.38
CA LEU C 6 -37.80 -14.09 -40.95
C LEU C 6 -37.82 -13.10 -39.80
N GLU C 7 -38.70 -12.10 -39.89
CA GLU C 7 -38.80 -11.07 -38.86
C GLU C 7 -39.21 -11.69 -37.53
N GLN C 8 -40.13 -12.65 -37.57
CA GLN C 8 -40.62 -13.32 -36.38
C GLN C 8 -39.57 -14.24 -35.74
N LEU C 9 -38.84 -14.97 -36.59
CA LEU C 9 -37.75 -15.82 -36.12
C LEU C 9 -36.71 -14.96 -35.41
N TYR C 10 -36.25 -13.92 -36.12
CA TYR C 10 -35.31 -12.97 -35.58
C TYR C 10 -35.82 -12.41 -34.26
N ASN C 11 -37.11 -12.03 -34.22
CA ASN C 11 -37.73 -11.50 -33.02
C ASN C 11 -37.71 -12.52 -31.90
N ARG C 12 -37.61 -13.80 -32.26
CA ARG C 12 -37.50 -14.85 -31.26
C ARG C 12 -36.06 -14.91 -30.75
N TYR C 13 -35.10 -14.63 -31.61
CA TYR C 13 -33.68 -14.66 -31.20
C TYR C 13 -33.15 -13.43 -30.46
N LYS C 14 -33.51 -12.23 -30.93
CA LYS C 14 -32.97 -10.99 -30.39
C LYS C 14 -33.31 -10.75 -28.92
N ASP C 15 -32.46 -9.99 -28.24
CA ASP C 15 -32.72 -9.56 -26.88
C ASP C 15 -33.49 -8.23 -26.87
N PRO C 16 -34.34 -8.03 -25.85
CA PRO C 16 -35.18 -6.83 -25.77
C PRO C 16 -34.42 -5.50 -25.63
N GLN C 17 -33.17 -5.52 -25.14
CA GLN C 17 -32.42 -4.29 -24.95
C GLN C 17 -31.98 -3.66 -26.26
N ASP C 18 -31.24 -4.43 -27.06
CA ASP C 18 -30.85 -3.99 -28.39
C ASP C 18 -31.82 -4.47 -29.44
N GLU C 19 -32.14 -3.59 -30.38
CA GLU C 19 -32.97 -3.99 -31.49
C GLU C 19 -32.15 -4.82 -32.45
N ASN C 20 -30.97 -4.29 -32.80
CA ASN C 20 -30.17 -4.85 -33.87
C ASN C 20 -29.28 -6.06 -33.50
N LYS C 21 -28.85 -6.13 -32.25
CA LYS C 21 -27.89 -7.17 -31.87
C LYS C 21 -28.58 -8.40 -31.28
N ILE C 22 -28.07 -9.57 -31.66
CA ILE C 22 -28.58 -10.84 -31.15
C ILE C 22 -27.76 -11.34 -29.97
N GLY C 23 -28.42 -11.45 -28.82
CA GLY C 23 -27.77 -11.89 -27.60
C GLY C 23 -27.22 -13.29 -27.70
N ILE C 24 -26.39 -13.65 -26.74
CA ILE C 24 -25.74 -14.95 -26.72
C ILE C 24 -26.71 -16.07 -26.34
N ASP C 25 -27.70 -15.74 -25.51
CA ASP C 25 -28.71 -16.71 -25.11
C ASP C 25 -29.46 -17.18 -26.36
N GLY C 26 -29.68 -16.22 -27.25
CA GLY C 26 -30.38 -16.48 -28.49
C GLY C 26 -29.47 -17.07 -29.55
N ILE C 27 -28.17 -16.86 -29.39
CA ILE C 27 -27.22 -17.38 -30.36
C ILE C 27 -27.14 -18.89 -30.12
N GLN C 28 -27.15 -19.32 -28.85
CA GLN C 28 -27.10 -20.75 -28.58
C GLN C 28 -28.48 -21.38 -28.79
N GLN C 29 -29.53 -20.59 -28.66
CA GLN C 29 -30.83 -21.09 -29.10
C GLN C 29 -30.72 -21.41 -30.60
N PHE C 30 -30.14 -20.47 -31.34
CA PHE C 30 -29.97 -20.57 -32.79
C PHE C 30 -29.17 -21.81 -33.16
N CYS C 31 -28.16 -22.12 -32.37
CA CYS C 31 -27.34 -23.30 -32.64
C CYS C 31 -28.08 -24.58 -32.28
N ASP C 32 -28.88 -24.52 -31.21
CA ASP C 32 -29.66 -25.68 -30.79
C ASP C 32 -30.69 -26.10 -31.82
N ASP C 33 -31.34 -25.12 -32.45
CA ASP C 33 -32.33 -25.45 -33.47
C ASP C 33 -31.75 -26.04 -34.76
N LEU C 34 -30.50 -25.68 -35.04
CA LEU C 34 -29.81 -26.26 -36.20
C LEU C 34 -29.20 -27.61 -35.82
N ALA C 35 -29.37 -27.98 -34.55
CA ALA C 35 -28.91 -29.24 -33.96
C ALA C 35 -27.39 -29.33 -33.81
N LEU C 36 -26.67 -28.33 -34.31
CA LEU C 36 -25.22 -28.37 -34.25
C LEU C 36 -24.68 -27.91 -32.91
N ASP C 37 -23.36 -27.95 -32.78
CA ASP C 37 -22.68 -27.36 -31.64
C ASP C 37 -22.47 -25.88 -31.91
N PRO C 38 -22.45 -25.06 -30.85
CA PRO C 38 -22.12 -23.65 -31.03
C PRO C 38 -20.71 -23.50 -31.57
N ALA C 39 -19.83 -24.40 -31.16
CA ALA C 39 -18.42 -24.32 -31.50
C ALA C 39 -18.09 -25.05 -32.79
N SER C 40 -19.12 -25.57 -33.46
CA SER C 40 -18.94 -26.40 -34.64
C SER C 40 -18.34 -25.64 -35.81
N ILE C 41 -17.77 -26.40 -36.76
CA ILE C 41 -17.18 -25.83 -37.97
C ILE C 41 -18.26 -25.20 -38.83
N SER C 42 -19.41 -25.87 -38.86
CA SER C 42 -20.52 -25.46 -39.71
C SER C 42 -21.10 -24.12 -39.24
N VAL C 43 -21.22 -23.96 -37.92
CA VAL C 43 -21.70 -22.70 -37.35
C VAL C 43 -20.77 -21.56 -37.73
N LEU C 44 -19.48 -21.87 -37.81
CA LEU C 44 -18.46 -20.93 -38.26
C LEU C 44 -18.67 -20.59 -39.72
N ILE C 45 -19.06 -21.59 -40.50
CA ILE C 45 -19.32 -21.39 -41.92
C ILE C 45 -20.53 -20.50 -42.11
N ILE C 46 -21.51 -20.66 -41.22
CA ILE C 46 -22.72 -19.84 -41.24
C ILE C 46 -22.36 -18.39 -40.91
N ALA C 47 -21.65 -18.21 -39.81
CA ALA C 47 -21.18 -16.91 -39.39
C ALA C 47 -20.34 -16.25 -40.49
N TRP C 48 -19.67 -17.08 -41.28
CA TRP C 48 -18.90 -16.65 -42.43
C TRP C 48 -19.82 -16.16 -43.55
N LYS C 49 -20.92 -16.88 -43.75
CA LYS C 49 -21.89 -16.53 -44.79
C LYS C 49 -22.69 -15.28 -44.45
N PHE C 50 -22.94 -15.07 -43.17
CA PHE C 50 -23.65 -13.89 -42.69
C PHE C 50 -22.74 -12.65 -42.67
N ARG C 51 -21.47 -12.86 -42.99
CA ARG C 51 -20.44 -11.82 -42.92
C ARG C 51 -20.37 -11.20 -41.53
N ALA C 52 -20.44 -12.06 -40.52
CA ALA C 52 -20.47 -11.62 -39.14
C ALA C 52 -19.18 -10.91 -38.77
N ALA C 53 -19.29 -9.88 -37.94
CA ALA C 53 -18.12 -9.10 -37.53
C ALA C 53 -17.30 -9.88 -36.49
N THR C 54 -18.00 -10.40 -35.48
CA THR C 54 -17.36 -11.09 -34.38
C THR C 54 -18.18 -12.25 -33.89
N GLN C 55 -17.56 -13.13 -33.11
CA GLN C 55 -18.19 -14.35 -32.64
C GLN C 55 -19.19 -14.06 -31.54
N CYS C 56 -20.15 -14.97 -31.38
CA CYS C 56 -21.21 -14.88 -30.38
C CYS C 56 -22.19 -13.73 -30.63
N GLU C 57 -21.90 -12.92 -31.65
CA GLU C 57 -22.61 -11.68 -31.88
C GLU C 57 -23.14 -11.57 -33.29
N PHE C 58 -24.46 -11.53 -33.42
CA PHE C 58 -25.10 -11.33 -34.71
C PHE C 58 -25.89 -10.03 -34.70
N SER C 59 -25.48 -9.08 -35.54
CA SER C 59 -26.25 -7.86 -35.71
C SER C 59 -27.44 -8.16 -36.64
N LYS C 60 -28.49 -7.37 -36.51
CA LYS C 60 -29.68 -7.53 -37.33
C LYS C 60 -29.33 -7.56 -38.81
N GLN C 61 -28.48 -6.62 -39.22
CA GLN C 61 -28.11 -6.48 -40.62
C GLN C 61 -27.43 -7.75 -41.11
N GLU C 62 -26.53 -8.28 -40.28
CA GLU C 62 -25.83 -9.53 -40.56
C GLU C 62 -26.82 -10.68 -40.78
N PHE C 63 -27.72 -10.85 -39.82
CA PHE C 63 -28.70 -11.92 -39.84
C PHE C 63 -29.61 -11.81 -41.06
N MET C 64 -30.25 -10.65 -41.16
CA MET C 64 -31.21 -10.36 -42.20
C MET C 64 -30.63 -10.55 -43.59
N ASP C 65 -29.58 -9.80 -43.90
CA ASP C 65 -29.00 -9.84 -45.24
C ASP C 65 -28.38 -11.20 -45.55
N GLY C 66 -27.85 -11.83 -44.51
CA GLY C 66 -27.28 -13.16 -44.65
C GLY C 66 -28.33 -14.16 -45.09
N MET C 67 -29.44 -14.23 -44.34
CA MET C 67 -30.51 -15.15 -44.65
C MET C 67 -31.15 -14.82 -45.99
N THR C 68 -31.28 -13.52 -46.30
CA THR C 68 -31.94 -13.13 -47.55
C THR C 68 -31.12 -13.52 -48.77
N GLU C 69 -29.80 -13.39 -48.74
CA GLU C 69 -29.02 -13.88 -49.89
C GLU C 69 -28.76 -15.38 -49.80
N LEU C 70 -28.97 -15.97 -48.62
CA LEU C 70 -28.97 -17.43 -48.52
C LEU C 70 -30.34 -17.96 -48.93
N GLY C 71 -31.32 -17.05 -49.08
CA GLY C 71 -32.67 -17.38 -49.47
C GLY C 71 -33.35 -18.40 -48.60
N CYS C 72 -33.31 -18.21 -47.29
CA CYS C 72 -33.93 -19.14 -46.36
C CYS C 72 -34.93 -18.40 -45.50
N ASP C 73 -36.14 -18.94 -45.40
CA ASP C 73 -37.18 -18.32 -44.60
C ASP C 73 -37.24 -18.94 -43.22
N SER C 74 -36.41 -19.94 -42.98
CA SER C 74 -36.40 -20.64 -41.71
C SER C 74 -35.08 -21.33 -41.42
N ILE C 75 -34.93 -21.78 -40.18
CA ILE C 75 -33.78 -22.58 -39.78
C ILE C 75 -33.71 -23.86 -40.59
N GLU C 76 -34.87 -24.50 -40.73
CA GLU C 76 -34.95 -25.78 -41.43
C GLU C 76 -34.55 -25.61 -42.89
N LYS C 77 -34.77 -24.41 -43.43
CA LYS C 77 -34.37 -24.12 -44.80
C LYS C 77 -32.90 -23.76 -44.87
N LEU C 78 -32.34 -23.34 -43.74
CA LEU C 78 -30.93 -23.00 -43.63
C LEU C 78 -30.09 -24.29 -43.58
N LYS C 79 -30.48 -25.21 -42.71
CA LYS C 79 -29.79 -26.48 -42.53
C LYS C 79 -29.59 -27.19 -43.86
N ALA C 80 -30.61 -27.11 -44.71
CA ALA C 80 -30.54 -27.75 -46.02
C ALA C 80 -29.56 -26.99 -46.92
N GLN C 81 -29.26 -25.75 -46.55
CA GLN C 81 -28.29 -24.96 -47.30
C GLN C 81 -26.86 -25.16 -46.77
N ILE C 82 -26.75 -25.75 -45.58
CA ILE C 82 -25.42 -26.04 -45.04
C ILE C 82 -24.54 -26.89 -46.00
N PRO C 83 -25.06 -28.02 -46.52
CA PRO C 83 -24.22 -28.75 -47.48
C PRO C 83 -23.92 -27.97 -48.75
N LYS C 84 -24.71 -26.93 -49.04
CA LYS C 84 -24.45 -26.11 -50.20
C LYS C 84 -23.23 -25.21 -49.95
N MET C 85 -23.11 -24.71 -48.72
CA MET C 85 -22.04 -23.80 -48.37
C MET C 85 -20.71 -24.52 -48.31
N GLU C 86 -20.72 -25.72 -47.72
CA GLU C 86 -19.50 -26.49 -47.59
C GLU C 86 -18.85 -26.82 -48.92
N GLN C 87 -19.68 -26.88 -49.97
CA GLN C 87 -19.19 -27.27 -51.27
C GLN C 87 -18.53 -26.11 -52.02
N GLU C 88 -18.65 -24.91 -51.47
CA GLU C 88 -18.12 -23.71 -52.12
C GLU C 88 -16.61 -23.65 -52.01
N LEU C 89 -16.12 -24.01 -50.83
CA LEU C 89 -14.69 -24.03 -50.53
C LEU C 89 -13.84 -24.72 -51.61
N LYS C 90 -14.32 -25.87 -52.06
CA LYS C 90 -13.55 -26.78 -52.93
C LYS C 90 -12.90 -26.13 -54.16
N GLU C 91 -13.72 -25.56 -55.03
CA GLU C 91 -13.21 -25.04 -56.29
C GLU C 91 -12.89 -23.57 -55.98
N PRO C 92 -12.34 -22.78 -56.96
CA PRO C 92 -11.41 -21.71 -56.57
C PRO C 92 -11.84 -20.89 -55.38
N GLY C 93 -10.94 -20.69 -54.43
CA GLY C 93 -11.39 -20.26 -53.14
C GLY C 93 -10.58 -19.11 -52.61
N ARG C 94 -11.10 -18.31 -51.67
CA ARG C 94 -12.42 -18.42 -50.98
C ARG C 94 -12.51 -19.58 -50.01
N PHE C 95 -11.53 -20.47 -49.98
CA PHE C 95 -11.30 -21.17 -48.74
C PHE C 95 -10.40 -20.23 -47.93
N LYS C 96 -9.47 -19.60 -48.65
CA LYS C 96 -8.57 -18.62 -48.08
C LYS C 96 -9.38 -17.52 -47.43
N ASP C 97 -10.45 -17.09 -48.13
CA ASP C 97 -11.32 -16.01 -47.65
C ASP C 97 -12.06 -16.41 -46.37
N PHE C 98 -12.44 -17.67 -46.30
CA PHE C 98 -13.08 -18.23 -45.13
C PHE C 98 -12.11 -18.26 -43.96
N TYR C 99 -10.92 -18.78 -44.25
CA TYR C 99 -9.82 -18.91 -43.30
C TYR C 99 -9.46 -17.55 -42.71
N GLN C 100 -9.20 -16.59 -43.58
CA GLN C 100 -8.86 -15.23 -43.15
C GLN C 100 -10.01 -14.57 -42.42
N PHE C 101 -11.25 -14.85 -42.86
CA PHE C 101 -12.45 -14.39 -42.16
C PHE C 101 -12.39 -14.79 -40.71
N THR C 102 -12.01 -16.03 -40.49
CA THR C 102 -11.93 -16.61 -39.16
C THR C 102 -11.15 -15.71 -38.20
N PHE C 103 -10.10 -15.06 -38.70
CA PHE C 103 -9.26 -14.20 -37.87
C PHE C 103 -10.03 -13.06 -37.19
N ASN C 104 -10.46 -12.09 -38.00
CA ASN C 104 -11.19 -10.93 -37.50
C ASN C 104 -12.48 -11.35 -36.83
N PHE C 105 -13.00 -12.50 -37.24
CA PHE C 105 -14.16 -13.07 -36.58
C PHE C 105 -13.87 -13.44 -35.13
N ALA C 106 -12.75 -14.14 -34.91
CA ALA C 106 -12.46 -14.76 -33.62
C ALA C 106 -11.90 -13.79 -32.57
N LYS C 107 -11.28 -12.71 -33.02
CA LYS C 107 -10.72 -11.73 -32.10
C LYS C 107 -11.78 -10.75 -31.58
N ASN C 108 -11.36 -9.83 -30.71
CA ASN C 108 -12.19 -8.74 -30.27
C ASN C 108 -11.97 -7.56 -31.20
N PRO C 109 -13.05 -6.85 -31.58
CA PRO C 109 -12.70 -5.79 -32.53
C PRO C 109 -12.30 -4.48 -31.85
N GLY C 110 -11.48 -4.55 -30.80
CA GLY C 110 -10.78 -3.39 -30.29
C GLY C 110 -9.29 -3.52 -30.51
N GLN C 111 -8.91 -4.70 -31.01
CA GLN C 111 -7.52 -5.15 -31.01
C GLN C 111 -7.07 -5.61 -32.39
N LYS C 112 -5.77 -5.51 -32.65
CA LYS C 112 -5.22 -6.00 -33.91
C LYS C 112 -4.69 -7.45 -33.77
N GLY C 113 -4.65 -7.96 -32.54
CA GLY C 113 -4.08 -9.26 -32.29
C GLY C 113 -5.13 -10.33 -31.99
N LEU C 114 -4.66 -11.55 -31.76
CA LEU C 114 -5.55 -12.69 -31.46
C LEU C 114 -4.98 -13.53 -30.33
N ASP C 115 -5.76 -13.74 -29.27
CA ASP C 115 -5.29 -14.48 -28.09
C ASP C 115 -4.79 -15.87 -28.44
N LEU C 116 -3.76 -16.32 -27.73
CA LEU C 116 -3.02 -17.52 -28.11
C LEU C 116 -3.72 -18.84 -27.79
N GLU C 117 -4.46 -18.92 -26.68
CA GLU C 117 -5.27 -20.12 -26.44
C GLU C 117 -6.39 -20.17 -27.47
N MET C 118 -6.83 -19.00 -27.91
CA MET C 118 -7.69 -18.93 -29.09
C MET C 118 -6.75 -19.06 -30.27
N ALA C 119 -7.30 -19.03 -31.48
CA ALA C 119 -6.50 -19.18 -32.70
C ALA C 119 -5.81 -20.53 -32.72
N ILE C 120 -5.93 -21.31 -31.64
CA ILE C 120 -5.43 -22.68 -31.59
C ILE C 120 -6.68 -23.50 -31.84
N ALA C 121 -7.67 -23.24 -31.00
CA ALA C 121 -9.01 -23.78 -31.16
C ALA C 121 -9.52 -23.64 -32.58
N TYR C 122 -9.32 -22.50 -33.23
CA TYR C 122 -9.87 -22.33 -34.58
C TYR C 122 -8.97 -22.94 -35.64
N TRP C 123 -7.71 -23.18 -35.28
CA TRP C 123 -6.77 -23.86 -36.16
C TRP C 123 -7.02 -25.36 -36.14
N ASN C 124 -7.33 -25.88 -34.95
CA ASN C 124 -7.75 -27.27 -34.80
C ASN C 124 -9.10 -27.51 -35.46
N LEU C 125 -9.76 -26.43 -35.84
CA LEU C 125 -11.07 -26.46 -36.44
C LEU C 125 -10.96 -26.44 -37.96
N VAL C 126 -10.40 -25.33 -38.49
CA VAL C 126 -10.32 -25.12 -39.93
C VAL C 126 -9.15 -25.85 -40.60
N LEU C 127 -7.99 -25.86 -39.94
CA LEU C 127 -6.77 -26.40 -40.53
C LEU C 127 -6.60 -27.87 -40.25
N ASN C 128 -7.50 -28.41 -39.43
CA ASN C 128 -7.52 -29.85 -39.19
C ASN C 128 -7.64 -30.63 -40.49
N GLY C 129 -6.74 -31.59 -40.67
CA GLY C 129 -6.68 -32.39 -41.87
C GLY C 129 -5.90 -31.75 -43.00
N ARG C 130 -5.69 -30.44 -42.94
CA ARG C 130 -4.86 -29.76 -43.95
C ARG C 130 -3.40 -29.59 -43.54
N PHE C 131 -3.11 -29.82 -42.26
CA PHE C 131 -1.80 -29.49 -41.69
C PHE C 131 -1.30 -30.62 -40.81
N LYS C 132 -0.21 -31.27 -41.19
CA LYS C 132 0.24 -32.46 -40.47
C LYS C 132 0.81 -32.12 -39.10
N PHE C 133 1.79 -31.23 -39.10
CA PHE C 133 2.54 -30.88 -37.92
C PHE C 133 1.84 -29.74 -37.17
N LEU C 134 0.59 -29.50 -37.55
CA LEU C 134 -0.27 -28.53 -36.89
C LEU C 134 -0.19 -28.66 -35.38
N ASP C 135 -0.32 -29.88 -34.85
CA ASP C 135 -0.19 -30.07 -33.40
C ASP C 135 1.19 -29.66 -32.87
N LEU C 136 2.23 -29.97 -33.62
CA LEU C 136 3.59 -29.54 -33.30
C LEU C 136 3.62 -28.02 -33.23
N TRP C 137 3.00 -27.38 -34.22
CA TRP C 137 2.86 -25.93 -34.26
C TRP C 137 2.20 -25.40 -32.99
N ASN C 138 1.16 -26.09 -32.52
CA ASN C 138 0.47 -25.65 -31.32
C ASN C 138 1.38 -25.79 -30.10
N LYS C 139 2.21 -26.84 -30.10
CA LYS C 139 3.19 -27.06 -29.02
C LYS C 139 4.21 -25.93 -29.04
N PHE C 140 4.69 -25.61 -30.24
CA PHE C 140 5.44 -24.39 -30.46
C PHE C 140 4.52 -23.26 -30.02
N LEU C 141 5.12 -22.17 -29.55
CA LEU C 141 4.37 -20.97 -29.15
C LEU C 141 3.37 -21.25 -28.01
N LEU C 142 3.22 -22.48 -27.59
CA LEU C 142 2.67 -22.68 -26.27
C LEU C 142 3.89 -22.75 -25.36
N GLU C 143 5.02 -23.01 -26.00
CA GLU C 143 6.35 -23.03 -25.38
C GLU C 143 7.13 -21.75 -25.68
N HIS C 144 7.46 -21.55 -26.95
CA HIS C 144 8.40 -20.48 -27.33
C HIS C 144 7.85 -19.08 -27.60
N HIS C 145 6.55 -18.93 -27.84
CA HIS C 145 5.98 -17.59 -28.05
C HIS C 145 4.70 -17.37 -27.28
N LYS C 146 4.74 -16.52 -26.27
CA LYS C 146 3.60 -16.44 -25.35
C LYS C 146 2.62 -15.33 -25.67
N ARG C 147 2.89 -14.55 -26.71
CA ARG C 147 2.01 -13.43 -27.04
C ARG C 147 0.97 -13.77 -28.10
N SER C 148 0.18 -12.78 -28.49
CA SER C 148 -0.92 -12.97 -29.42
C SER C 148 -0.43 -13.22 -30.84
N ILE C 149 -1.28 -13.82 -31.67
CA ILE C 149 -0.98 -14.05 -33.07
C ILE C 149 -1.21 -12.80 -33.91
N PRO C 150 -0.23 -12.43 -34.73
CA PRO C 150 -0.38 -11.33 -35.68
C PRO C 150 -1.23 -11.77 -36.87
N LYS C 151 -2.00 -10.85 -37.43
CA LYS C 151 -2.86 -11.13 -38.56
C LYS C 151 -2.16 -11.80 -39.74
N ASP C 152 -1.01 -11.24 -40.16
CA ASP C 152 -0.28 -11.76 -41.32
C ASP C 152 0.27 -13.20 -41.04
N THR C 153 0.57 -13.46 -39.78
CA THR C 153 1.07 -14.76 -39.41
C THR C 153 -0.03 -15.78 -39.60
N TRP C 154 -1.18 -15.53 -38.97
CA TRP C 154 -2.37 -16.31 -39.19
C TRP C 154 -2.58 -16.56 -40.67
N ASN C 155 -2.76 -15.46 -41.42
CA ASN C 155 -3.01 -15.56 -42.85
C ASN C 155 -2.03 -16.51 -43.57
N LEU C 156 -0.76 -16.34 -43.27
CA LEU C 156 0.27 -17.01 -44.02
C LEU C 156 0.42 -18.50 -43.64
N LEU C 157 -0.08 -18.86 -42.45
CA LEU C 157 0.00 -20.28 -42.05
C LEU C 157 -0.73 -21.21 -43.02
N LEU C 158 -1.73 -20.71 -43.73
CA LEU C 158 -2.39 -21.51 -44.76
C LEU C 158 -1.41 -21.81 -45.89
N ASP C 159 -0.75 -20.76 -46.40
CA ASP C 159 0.28 -20.92 -47.42
C ASP C 159 1.42 -21.81 -46.93
N PHE C 160 1.60 -21.90 -45.63
CA PHE C 160 2.57 -22.85 -45.08
C PHE C 160 2.05 -24.29 -45.20
N SER C 161 0.79 -24.48 -44.84
CA SER C 161 0.17 -25.79 -44.83
C SER C 161 -0.06 -26.29 -46.26
N THR C 162 0.14 -25.40 -47.22
CA THR C 162 -0.24 -25.67 -48.61
C THR C 162 0.94 -25.60 -49.58
N MET C 163 1.61 -24.47 -49.62
CA MET C 163 2.76 -24.28 -50.51
C MET C 163 4.05 -25.09 -50.15
N ILE C 164 4.29 -25.42 -48.89
CA ILE C 164 5.55 -26.11 -48.58
C ILE C 164 5.36 -27.52 -48.00
N ALA C 165 6.36 -28.36 -48.26
CA ALA C 165 6.33 -29.79 -47.95
C ALA C 165 6.27 -30.11 -46.46
N ASP C 166 5.88 -31.34 -46.13
CA ASP C 166 5.80 -31.77 -44.74
C ASP C 166 7.16 -31.77 -44.05
N ASP C 167 8.20 -32.22 -44.74
CA ASP C 167 9.53 -32.25 -44.13
C ASP C 167 10.26 -30.90 -44.25
N MET C 168 9.56 -29.93 -44.84
CA MET C 168 10.04 -28.57 -44.95
C MET C 168 11.32 -28.50 -45.78
N SER C 169 11.35 -29.25 -46.87
CA SER C 169 12.48 -29.24 -47.79
C SER C 169 12.56 -27.94 -48.58
N ASN C 170 11.43 -27.50 -49.16
CA ASN C 170 11.43 -26.34 -50.05
C ASN C 170 11.30 -25.04 -49.29
N TYR C 171 11.29 -25.13 -47.96
CA TYR C 171 11.21 -23.96 -47.12
C TYR C 171 12.47 -23.11 -47.19
N ASP C 172 12.26 -21.80 -47.20
CA ASP C 172 13.34 -20.81 -47.10
C ASP C 172 13.13 -19.91 -45.88
N GLU C 173 14.16 -19.77 -45.04
CA GLU C 173 14.08 -18.87 -43.89
C GLU C 173 14.58 -17.49 -44.29
N GLU C 174 15.18 -17.41 -45.46
CA GLU C 174 15.65 -16.13 -46.00
C GLU C 174 14.58 -15.55 -46.93
N GLY C 175 13.43 -16.22 -46.98
CA GLY C 175 12.32 -15.81 -47.81
C GLY C 175 11.38 -14.83 -47.13
N ALA C 176 10.15 -14.76 -47.65
CA ALA C 176 9.22 -13.71 -47.25
C ALA C 176 8.28 -14.11 -46.11
N TRP C 177 8.49 -15.27 -45.52
CA TRP C 177 7.65 -15.74 -44.43
C TRP C 177 7.76 -14.88 -43.17
N PRO C 178 6.68 -14.87 -42.35
CA PRO C 178 6.78 -14.24 -41.04
C PRO C 178 7.88 -14.90 -40.24
N VAL C 179 8.64 -14.11 -39.50
CA VAL C 179 9.75 -14.64 -38.73
C VAL C 179 9.29 -15.62 -37.67
N LEU C 180 8.02 -15.59 -37.32
CA LEU C 180 7.48 -16.54 -36.36
C LEU C 180 7.31 -17.91 -37.03
N ILE C 181 7.01 -17.90 -38.32
CA ILE C 181 6.97 -19.13 -39.11
C ILE C 181 8.40 -19.69 -39.21
N ASP C 182 9.36 -18.79 -39.41
CA ASP C 182 10.78 -19.16 -39.45
C ASP C 182 11.24 -19.74 -38.13
N ASP C 183 10.75 -19.13 -37.04
CA ASP C 183 10.98 -19.62 -35.69
C ASP C 183 10.50 -21.06 -35.56
N PHE C 184 9.26 -21.27 -35.98
CA PHE C 184 8.70 -22.61 -35.91
C PHE C 184 9.53 -23.60 -36.73
N VAL C 185 9.79 -23.28 -38.00
CA VAL C 185 10.55 -24.18 -38.88
C VAL C 185 11.92 -24.54 -38.30
N GLU C 186 12.63 -23.52 -37.83
CA GLU C 186 13.91 -23.73 -37.17
C GLU C 186 13.75 -24.69 -35.99
N PHE C 187 12.66 -24.52 -35.25
CA PHE C 187 12.37 -25.41 -34.13
C PHE C 187 11.97 -26.81 -34.59
N ALA C 188 11.53 -26.91 -35.85
CA ALA C 188 10.78 -28.05 -36.36
C ALA C 188 11.69 -29.05 -37.04
N ARG C 189 12.38 -28.62 -38.09
CA ARG C 189 13.24 -29.49 -38.90
C ARG C 189 14.07 -30.50 -38.09
N PRO C 190 14.71 -30.08 -36.97
CA PRO C 190 15.43 -31.05 -36.14
C PRO C 190 14.64 -32.30 -35.75
N GLN C 191 13.42 -32.14 -35.28
CA GLN C 191 12.64 -33.26 -34.79
C GLN C 191 12.02 -34.08 -35.92
N ILE C 192 11.57 -33.39 -36.98
CA ILE C 192 10.88 -34.03 -38.09
C ILE C 192 11.82 -34.63 -39.17
N ALA C 193 13.08 -34.18 -39.23
CA ALA C 193 13.95 -34.61 -40.32
C ALA C 193 14.54 -35.98 -40.04
N GLY C 194 14.21 -36.54 -38.89
CA GLY C 194 14.66 -37.88 -38.55
C GLY C 194 13.55 -38.91 -38.62
N THR C 195 12.38 -38.50 -39.10
CA THR C 195 11.25 -39.42 -39.19
C THR C 195 10.70 -39.57 -40.61
N LYS C 196 10.09 -40.72 -40.88
CA LYS C 196 9.55 -41.04 -42.19
C LYS C 196 8.03 -40.93 -42.17
N SER C 197 7.48 -39.97 -42.91
CA SER C 197 6.04 -39.74 -42.89
C SER C 197 5.31 -40.91 -43.56
N THR C 198 4.35 -41.47 -42.84
CA THR C 198 3.50 -42.53 -43.37
C THR C 198 2.23 -42.03 -44.05
N THR C 199 2.00 -40.71 -43.99
CA THR C 199 0.79 -40.12 -44.54
C THR C 199 0.93 -39.84 -46.03
N ILE D 2 -16.95 -20.13 -30.07
CA ILE D 2 -16.15 -20.96 -29.16
C ILE D 2 -16.29 -20.50 -27.71
N LYS D 3 -15.97 -19.24 -27.45
CA LYS D 3 -15.85 -18.72 -26.08
C LYS D 3 -17.23 -18.41 -25.51
N LEU D 4 -18.26 -18.70 -26.29
CA LEU D 4 -19.66 -18.48 -25.91
C LEU D 4 -19.98 -19.02 -24.53
N PHE D 5 -19.43 -20.19 -24.21
CA PHE D 5 -19.61 -20.82 -22.92
C PHE D 5 -19.15 -19.91 -21.78
N SER D 6 -17.91 -19.42 -21.86
CA SER D 6 -17.30 -18.62 -20.81
C SER D 6 -18.10 -17.38 -20.45
N LEU D 7 -18.58 -16.66 -21.46
CA LEU D 7 -19.34 -15.42 -21.29
C LEU D 7 -20.52 -15.57 -20.31
N LYS D 8 -21.21 -16.69 -20.47
CA LYS D 8 -22.41 -16.98 -19.69
C LYS D 8 -22.11 -16.96 -18.18
N GLN D 9 -20.97 -17.51 -17.79
CA GLN D 9 -20.59 -17.53 -16.37
C GLN D 9 -20.41 -16.12 -15.82
N GLN D 10 -19.92 -15.20 -16.65
CA GLN D 10 -19.77 -13.82 -16.20
C GLN D 10 -21.10 -13.08 -16.22
N LYS D 11 -22.08 -13.63 -16.94
CA LYS D 11 -23.41 -12.99 -16.96
C LYS D 11 -24.26 -13.15 -15.68
N LYS D 12 -24.09 -14.24 -14.94
CA LYS D 12 -25.01 -14.54 -13.84
C LYS D 12 -24.91 -13.70 -12.55
N GLU D 13 -23.79 -13.02 -12.34
CA GLU D 13 -23.67 -12.15 -11.17
C GLU D 13 -24.24 -10.77 -11.48
N ALA D 29 -17.72 7.47 -23.14
CA ALA D 29 -16.91 8.15 -24.13
C ALA D 29 -15.47 8.24 -23.67
N ALA D 30 -14.52 7.86 -24.52
CA ALA D 30 -13.10 8.06 -24.19
C ALA D 30 -12.51 9.33 -24.80
N GLN D 31 -13.24 9.95 -25.72
CA GLN D 31 -12.94 11.31 -26.17
C GLN D 31 -14.19 12.14 -26.38
N LEU D 32 -14.37 13.29 -25.72
CA LEU D 32 -13.76 13.75 -24.44
C LEU D 32 -12.29 14.22 -24.50
N ARG D 33 -11.59 13.89 -25.57
CA ARG D 33 -10.23 14.34 -25.77
C ARG D 33 -10.29 15.23 -26.99
N ILE D 34 -10.69 14.63 -28.10
CA ILE D 34 -11.00 15.39 -29.30
C ILE D 34 -11.92 16.57 -28.96
N GLN D 35 -12.79 16.37 -27.95
CA GLN D 35 -13.47 17.48 -27.31
C GLN D 35 -12.47 18.56 -26.87
N LYS D 36 -11.49 18.19 -26.07
CA LYS D 36 -10.52 19.17 -25.59
C LYS D 36 -9.73 19.79 -26.74
N ASP D 37 -9.50 19.01 -27.78
CA ASP D 37 -8.81 19.52 -28.97
C ASP D 37 -9.66 20.62 -29.60
N ILE D 38 -10.95 20.38 -29.73
CA ILE D 38 -11.84 21.29 -30.45
C ILE D 38 -12.14 22.56 -29.65
N ASN D 39 -12.44 22.41 -28.36
CA ASN D 39 -12.63 23.57 -27.50
C ASN D 39 -11.44 24.49 -27.60
N GLU D 40 -10.25 23.89 -27.49
CA GLU D 40 -9.01 24.64 -27.44
C GLU D 40 -8.54 25.02 -28.83
N LEU D 41 -9.30 24.64 -29.85
CA LEU D 41 -8.88 24.87 -31.22
C LEU D 41 -8.68 26.33 -31.46
N ASN D 42 -7.62 26.66 -32.18
CA ASN D 42 -7.37 28.02 -32.65
C ASN D 42 -7.10 27.99 -34.15
N LEU D 43 -8.05 28.51 -34.92
CA LEU D 43 -7.94 28.49 -36.37
C LEU D 43 -7.34 29.76 -36.94
N PRO D 44 -6.47 29.60 -37.95
CA PRO D 44 -5.96 30.71 -38.78
C PRO D 44 -7.10 31.33 -39.54
N LYS D 45 -6.91 32.53 -40.07
CA LYS D 45 -7.93 33.18 -40.90
C LYS D 45 -8.13 32.41 -42.20
N THR D 46 -7.16 31.57 -42.54
CA THR D 46 -7.16 30.78 -43.76
C THR D 46 -7.86 29.43 -43.63
N CYS D 47 -8.18 29.05 -42.40
CA CYS D 47 -8.69 27.71 -42.15
C CYS D 47 -9.98 27.70 -41.34
N ASP D 48 -10.94 26.93 -41.82
CA ASP D 48 -12.19 26.79 -41.10
C ASP D 48 -12.53 25.32 -40.98
N ILE D 49 -13.30 24.92 -39.98
CA ILE D 49 -13.80 23.55 -39.98
C ILE D 49 -15.33 23.41 -39.91
N SER D 50 -15.83 22.31 -40.48
CA SER D 50 -17.24 22.02 -40.52
C SER D 50 -17.54 20.72 -39.78
N PHE D 51 -18.74 20.62 -39.25
CA PHE D 51 -19.26 19.42 -38.63
C PHE D 51 -20.62 19.09 -39.22
N SER D 52 -20.77 17.88 -39.74
CA SER D 52 -22.07 17.46 -40.24
C SER D 52 -23.03 17.20 -39.09
N ASP D 53 -22.51 16.69 -38.00
CA ASP D 53 -23.29 16.33 -36.83
C ASP D 53 -22.64 16.94 -35.61
N PRO D 54 -23.14 18.11 -35.19
CA PRO D 54 -22.63 18.83 -34.02
C PRO D 54 -22.48 17.95 -32.77
N ASP D 55 -23.19 16.83 -32.72
CA ASP D 55 -23.06 15.92 -31.58
C ASP D 55 -21.84 15.02 -31.69
N ASP D 56 -21.48 14.64 -32.92
CA ASP D 56 -20.35 13.74 -33.17
C ASP D 56 -19.12 14.50 -33.64
N LEU D 57 -18.11 14.57 -32.78
CA LEU D 57 -16.91 15.35 -33.09
C LEU D 57 -15.83 14.54 -33.80
N LEU D 58 -16.00 13.23 -33.85
CA LEU D 58 -14.96 12.35 -34.36
C LEU D 58 -14.87 12.41 -35.87
N ASN D 59 -15.80 13.13 -36.48
CA ASN D 59 -15.77 13.34 -37.92
C ASN D 59 -15.95 14.79 -38.21
N PHE D 60 -15.15 15.33 -39.11
CA PHE D 60 -15.34 16.71 -39.51
C PHE D 60 -14.54 17.05 -40.75
N LYS D 61 -14.66 18.30 -41.16
CA LYS D 61 -14.02 18.72 -42.38
C LYS D 61 -13.19 19.98 -42.13
N LEU D 62 -12.14 20.15 -42.90
CA LEU D 62 -11.25 21.28 -42.77
C LEU D 62 -11.09 21.92 -44.11
N VAL D 63 -11.08 23.24 -44.14
CA VAL D 63 -10.84 23.95 -45.38
C VAL D 63 -9.72 24.94 -45.19
N ILE D 64 -8.74 24.80 -46.07
CA ILE D 64 -7.58 25.66 -46.07
C ILE D 64 -7.60 26.48 -47.34
N CYS D 65 -7.53 27.79 -47.18
CA CYS D 65 -7.43 28.71 -48.31
C CYS D 65 -6.15 29.53 -48.17
N PRO D 66 -5.05 29.02 -48.74
CA PRO D 66 -3.78 29.71 -48.69
C PRO D 66 -3.89 31.14 -49.22
N ASP D 67 -3.40 32.07 -48.39
CA ASP D 67 -3.29 33.49 -48.73
C ASP D 67 -1.92 33.85 -49.29
N GLU D 68 -0.99 32.90 -49.20
CA GLU D 68 0.36 33.12 -49.71
C GLU D 68 1.01 31.81 -50.16
N GLY D 69 1.99 31.91 -51.04
CA GLY D 69 2.58 30.73 -51.63
C GLY D 69 2.05 30.47 -53.02
N PHE D 70 2.33 29.28 -53.55
CA PHE D 70 1.98 28.96 -54.92
C PHE D 70 0.51 28.70 -55.00
N TYR D 71 -0.06 28.29 -53.87
CA TYR D 71 -1.43 27.82 -53.77
C TYR D 71 -2.37 28.93 -53.32
N LYS D 72 -1.77 30.12 -53.22
CA LYS D 72 -2.48 31.35 -52.83
C LYS D 72 -3.74 31.47 -53.63
N SER D 73 -4.82 31.88 -52.96
CA SER D 73 -6.13 32.07 -53.56
C SER D 73 -6.72 30.77 -54.05
N GLY D 74 -6.78 29.78 -53.18
CA GLY D 74 -7.24 28.44 -53.55
C GLY D 74 -7.96 27.80 -52.40
N LYS D 75 -8.79 26.82 -52.72
CA LYS D 75 -9.63 26.23 -51.69
C LYS D 75 -9.39 24.74 -51.71
N PHE D 76 -9.00 24.20 -50.56
CA PHE D 76 -8.63 22.78 -50.46
C PHE D 76 -9.28 22.24 -49.20
N VAL D 77 -10.09 21.23 -49.39
CA VAL D 77 -10.87 20.72 -48.29
C VAL D 77 -10.41 19.32 -47.97
N PHE D 78 -10.20 19.08 -46.69
CA PHE D 78 -9.68 17.84 -46.16
C PHE D 78 -10.72 17.25 -45.27
N SER D 79 -10.75 15.93 -45.18
CA SER D 79 -11.63 15.24 -44.23
C SER D 79 -10.85 14.61 -43.10
N PHE D 80 -11.39 14.73 -41.89
CA PHE D 80 -10.82 14.17 -40.68
C PHE D 80 -11.74 13.13 -40.06
N LYS D 81 -11.24 11.90 -40.02
CA LYS D 81 -11.89 10.83 -39.29
C LYS D 81 -11.00 10.42 -38.13
N VAL D 82 -11.54 10.57 -36.93
CA VAL D 82 -10.80 10.28 -35.72
C VAL D 82 -11.21 8.95 -35.13
N GLY D 83 -10.33 7.96 -35.19
CA GLY D 83 -10.61 6.65 -34.61
C GLY D 83 -10.80 6.69 -33.09
N GLN D 84 -11.15 5.55 -32.51
CA GLN D 84 -11.38 5.48 -31.08
C GLN D 84 -10.07 5.34 -30.34
N GLY D 85 -8.99 5.13 -31.09
CA GLY D 85 -7.67 5.00 -30.51
C GLY D 85 -6.93 6.33 -30.34
N TYR D 86 -7.70 7.41 -30.28
CA TYR D 86 -7.12 8.74 -30.15
C TYR D 86 -6.90 9.01 -28.66
N PRO D 87 -5.82 9.75 -28.31
CA PRO D 87 -4.75 10.34 -29.12
C PRO D 87 -3.70 9.34 -29.65
N HIS D 88 -3.66 8.15 -29.06
CA HIS D 88 -2.67 7.15 -29.44
C HIS D 88 -2.65 6.80 -30.93
N ASP D 89 -3.82 6.63 -31.52
CA ASP D 89 -3.87 6.46 -32.96
C ASP D 89 -4.15 7.80 -33.65
N PRO D 90 -3.42 8.10 -34.73
CA PRO D 90 -3.61 9.35 -35.45
C PRO D 90 -4.91 9.35 -36.24
N PRO D 91 -5.51 10.54 -36.41
CA PRO D 91 -6.64 10.74 -37.32
C PRO D 91 -6.31 10.32 -38.73
N LYS D 92 -7.32 9.84 -39.44
CA LYS D 92 -7.16 9.55 -40.86
C LYS D 92 -7.67 10.78 -41.57
N VAL D 93 -6.79 11.43 -42.31
CA VAL D 93 -7.23 12.60 -43.03
C VAL D 93 -6.94 12.43 -44.51
N LYS D 94 -7.83 12.93 -45.35
CA LYS D 94 -7.57 12.82 -46.78
C LYS D 94 -7.96 14.08 -47.49
N CYS D 95 -7.35 14.34 -48.64
CA CYS D 95 -7.67 15.54 -49.34
C CYS D 95 -8.77 15.32 -50.36
N GLU D 96 -9.96 15.87 -50.07
CA GLU D 96 -11.15 15.76 -50.94
C GLU D 96 -10.99 16.55 -52.22
N THR D 97 -10.06 17.48 -52.23
CA THR D 97 -9.82 18.34 -53.39
C THR D 97 -8.73 17.79 -54.31
N MET D 98 -9.01 17.73 -55.60
CA MET D 98 -7.99 17.23 -56.51
C MET D 98 -6.98 18.34 -56.72
N VAL D 99 -5.71 18.06 -56.45
CA VAL D 99 -4.70 19.11 -56.41
C VAL D 99 -3.35 18.64 -56.96
N TYR D 100 -2.56 19.55 -57.52
CA TYR D 100 -1.26 19.18 -58.06
C TYR D 100 -0.17 19.52 -57.04
N HIS D 101 0.26 18.50 -56.32
CA HIS D 101 1.10 18.68 -55.16
C HIS D 101 1.97 17.46 -55.03
N PRO D 102 3.23 17.64 -54.58
CA PRO D 102 4.12 16.50 -54.47
C PRO D 102 3.68 15.56 -53.36
N SER D 103 3.16 16.11 -52.27
CA SER D 103 2.80 15.29 -51.12
C SER D 103 1.35 14.83 -51.14
N ILE D 104 0.63 15.17 -52.20
CA ILE D 104 -0.77 14.78 -52.32
C ILE D 104 -1.05 14.14 -53.68
N ASP D 105 -1.68 12.97 -53.60
CA ASP D 105 -1.93 12.13 -54.76
C ASP D 105 -3.37 12.26 -55.24
N LEU D 106 -3.57 12.06 -56.54
CA LEU D 106 -4.89 12.15 -57.13
C LEU D 106 -5.89 11.24 -56.38
N GLU D 107 -5.38 10.28 -55.64
CA GLU D 107 -6.28 9.42 -54.88
C GLU D 107 -6.71 10.15 -53.62
N GLY D 108 -6.10 11.30 -53.36
CA GLY D 108 -6.44 12.07 -52.18
C GLY D 108 -5.78 11.66 -50.88
N ASN D 109 -4.73 10.84 -50.97
CA ASN D 109 -3.90 10.52 -49.80
C ASN D 109 -2.89 11.60 -49.55
N VAL D 110 -2.62 11.86 -48.28
CA VAL D 110 -1.73 12.95 -47.91
C VAL D 110 -0.41 12.48 -47.28
N SER D 111 0.70 12.98 -47.79
CA SER D 111 1.96 12.69 -47.15
C SER D 111 2.35 13.80 -46.19
N LEU D 112 2.10 13.54 -44.92
CA LEU D 112 2.53 14.45 -43.86
C LEU D 112 3.01 13.65 -42.67
N ASN D 113 4.26 13.88 -42.27
CA ASN D 113 4.93 13.10 -41.24
C ASN D 113 4.09 12.90 -39.98
N ILE D 114 3.45 13.95 -39.52
CA ILE D 114 2.71 13.90 -38.27
C ILE D 114 1.50 12.99 -38.38
N LEU D 115 1.09 12.73 -39.61
CA LEU D 115 -0.07 11.91 -39.83
C LEU D 115 0.21 10.44 -39.60
N ARG D 116 1.42 9.98 -39.91
CA ARG D 116 1.72 8.56 -39.73
C ARG D 116 2.86 8.24 -38.77
N GLU D 117 4.11 8.34 -39.25
CA GLU D 117 5.25 7.77 -38.52
C GLU D 117 5.70 8.64 -37.34
N ASP D 118 5.76 9.95 -37.56
CA ASP D 118 6.20 10.90 -36.56
C ASP D 118 5.08 11.33 -35.61
N TRP D 119 3.89 10.74 -35.76
CA TRP D 119 2.79 10.99 -34.84
C TRP D 119 3.17 10.60 -33.42
N LYS D 120 2.88 11.47 -32.47
CA LYS D 120 3.03 11.15 -31.05
C LYS D 120 1.79 11.66 -30.32
N PRO D 121 1.35 10.93 -29.28
CA PRO D 121 0.06 11.37 -28.73
C PRO D 121 0.21 12.49 -27.72
N VAL D 122 1.09 13.43 -28.05
CA VAL D 122 1.22 14.67 -27.33
C VAL D 122 0.60 15.78 -28.20
N LEU D 123 0.19 15.40 -29.40
CA LEU D 123 -0.29 16.35 -30.39
C LEU D 123 -1.81 16.50 -30.48
N THR D 124 -2.21 17.44 -31.33
CA THR D 124 -3.61 17.85 -31.45
C THR D 124 -4.06 18.01 -32.89
N ILE D 125 -5.36 18.21 -33.05
CA ILE D 125 -5.89 18.51 -34.38
C ILE D 125 -5.30 19.84 -34.83
N ASN D 126 -5.07 20.73 -33.88
CA ASN D 126 -4.38 21.98 -34.18
C ASN D 126 -3.10 21.71 -34.94
N SER D 127 -2.29 20.81 -34.35
CA SER D 127 -1.00 20.39 -34.90
C SER D 127 -1.14 19.97 -36.35
N ILE D 128 -2.09 19.07 -36.56
CA ILE D 128 -2.38 18.52 -37.87
C ILE D 128 -2.69 19.61 -38.84
N ILE D 129 -3.44 20.60 -38.37
CA ILE D 129 -3.85 21.72 -39.21
C ILE D 129 -2.62 22.52 -39.63
N TYR D 130 -1.71 22.70 -38.69
CA TYR D 130 -0.51 23.48 -38.99
C TYR D 130 0.35 22.77 -40.02
N GLY D 131 0.55 21.47 -39.85
CA GLY D 131 1.30 20.71 -40.85
C GLY D 131 0.60 20.70 -42.20
N LEU D 132 -0.72 20.51 -42.15
CA LEU D 132 -1.54 20.51 -43.36
C LEU D 132 -1.42 21.82 -44.15
N GLN D 133 -1.48 22.96 -43.46
CA GLN D 133 -1.28 24.22 -44.15
C GLN D 133 0.14 24.36 -44.67
N TYR D 134 1.07 23.90 -43.83
CA TYR D 134 2.49 23.88 -44.12
C TYR D 134 2.78 23.21 -45.47
N LEU D 135 2.07 22.15 -45.83
CA LEU D 135 2.25 21.60 -47.19
C LEU D 135 2.14 22.66 -48.27
N PHE D 136 1.12 23.51 -48.15
CA PHE D 136 0.83 24.49 -49.18
C PHE D 136 1.79 25.64 -49.07
N LEU D 137 2.19 25.93 -47.84
CA LEU D 137 3.16 26.97 -47.62
C LEU D 137 4.50 26.58 -48.20
N GLU D 138 4.99 25.41 -47.77
CA GLU D 138 6.32 24.92 -48.12
C GLU D 138 6.27 23.54 -48.79
N PRO D 139 5.88 23.51 -50.08
CA PRO D 139 5.82 22.24 -50.79
C PRO D 139 7.20 21.63 -51.02
N ASN D 140 7.36 20.36 -50.65
CA ASN D 140 8.67 19.70 -50.67
C ASN D 140 8.69 18.46 -51.58
N PRO D 141 9.64 18.41 -52.55
CA PRO D 141 9.81 17.27 -53.47
C PRO D 141 10.23 15.94 -52.80
N GLU D 142 10.62 16.00 -51.52
CA GLU D 142 11.14 14.84 -50.79
C GLU D 142 10.09 13.79 -50.48
N ASP D 143 10.36 12.55 -50.91
CA ASP D 143 9.50 11.38 -50.67
C ASP D 143 8.08 11.55 -51.16
N PRO D 144 7.92 11.95 -52.43
CA PRO D 144 6.62 12.36 -52.97
C PRO D 144 5.58 11.26 -53.12
N LEU D 145 4.31 11.64 -52.98
CA LEU D 145 3.17 10.81 -53.42
C LEU D 145 2.92 11.01 -54.91
N ASN D 146 3.12 12.22 -55.39
CA ASN D 146 3.04 12.52 -56.82
C ASN D 146 4.43 12.79 -57.33
N LYS D 147 4.94 11.86 -58.13
CA LYS D 147 6.31 11.95 -58.65
C LYS D 147 6.49 13.04 -59.72
N GLU D 148 5.46 13.29 -60.54
CA GLU D 148 5.64 14.24 -61.64
C GLU D 148 5.69 15.63 -61.07
N ALA D 149 4.82 15.86 -60.11
CA ALA D 149 4.78 17.13 -59.42
C ALA D 149 6.10 17.38 -58.69
N ALA D 150 6.58 16.37 -58.00
CA ALA D 150 7.82 16.51 -57.26
C ALA D 150 8.98 16.78 -58.21
N GLU D 151 8.90 16.20 -59.40
CA GLU D 151 9.99 16.37 -60.34
C GLU D 151 10.01 17.79 -60.88
N VAL D 152 8.84 18.32 -61.22
CA VAL D 152 8.80 19.69 -61.73
C VAL D 152 9.18 20.68 -60.63
N LEU D 153 8.58 20.51 -59.44
CA LEU D 153 8.94 21.32 -58.28
C LEU D 153 10.46 21.31 -58.12
N GLN D 154 11.04 20.11 -58.21
CA GLN D 154 12.49 19.90 -58.13
C GLN D 154 13.22 20.79 -59.13
N ASN D 155 13.05 20.52 -60.43
CA ASN D 155 13.90 21.17 -61.44
C ASN D 155 13.44 22.54 -61.82
N ASN D 156 12.15 22.73 -61.97
CA ASN D 156 11.64 24.02 -62.41
C ASN D 156 10.55 24.61 -61.51
N ARG D 157 10.88 25.68 -60.79
CA ARG D 157 9.93 26.34 -59.91
C ARG D 157 8.98 27.23 -60.68
N ARG D 158 9.49 27.88 -61.71
CA ARG D 158 8.67 28.71 -62.58
C ARG D 158 7.54 27.87 -63.18
N LEU D 159 7.92 26.74 -63.76
CA LEU D 159 6.97 25.86 -64.39
C LEU D 159 6.09 25.19 -63.37
N PHE D 160 6.63 24.89 -62.20
CA PHE D 160 5.79 24.31 -61.17
C PHE D 160 4.70 25.27 -60.73
N GLU D 161 5.04 26.57 -60.77
CA GLU D 161 4.10 27.60 -60.36
C GLU D 161 3.02 27.76 -61.42
N GLN D 162 3.46 27.90 -62.67
CA GLN D 162 2.54 27.97 -63.79
C GLN D 162 1.57 26.77 -63.77
N ASN D 163 2.13 25.58 -63.58
CA ASN D 163 1.37 24.33 -63.43
C ASN D 163 0.34 24.36 -62.30
N VAL D 164 0.78 24.77 -61.10
CA VAL D 164 -0.14 24.80 -59.97
C VAL D 164 -1.28 25.75 -60.26
N GLN D 165 -0.95 26.89 -60.88
CA GLN D 165 -1.95 27.85 -61.25
C GLN D 165 -2.97 27.22 -62.17
N ARG D 166 -2.48 26.69 -63.30
CA ARG D 166 -3.37 26.03 -64.26
C ARG D 166 -4.21 24.91 -63.60
N SER D 167 -3.63 24.26 -62.61
CA SER D 167 -4.31 23.18 -61.91
C SER D 167 -5.45 23.73 -61.05
N MET D 168 -5.29 24.96 -60.53
CA MET D 168 -6.31 25.55 -59.65
C MET D 168 -7.39 26.35 -60.38
N ARG D 169 -7.11 26.77 -61.62
CA ARG D 169 -8.11 27.47 -62.40
C ARG D 169 -8.94 26.49 -63.20
N GLY D 170 -8.45 25.24 -63.21
CA GLY D 170 -9.08 24.14 -63.90
C GLY D 170 -8.49 24.01 -65.29
N GLY D 171 -8.30 22.78 -65.75
CA GLY D 171 -7.66 22.55 -67.04
C GLY D 171 -6.89 21.26 -67.07
N TYR D 172 -6.31 20.96 -68.25
CA TYR D 172 -5.42 19.83 -68.48
C TYR D 172 -3.98 20.23 -68.21
N ILE D 173 -3.21 19.33 -67.59
CA ILE D 173 -1.75 19.41 -67.69
C ILE D 173 -1.28 18.26 -68.57
N GLY D 174 -1.37 17.06 -68.00
CA GLY D 174 -1.13 15.85 -68.73
C GLY D 174 -2.46 15.36 -69.25
N SER D 175 -2.65 14.04 -69.20
CA SER D 175 -3.93 13.48 -69.55
C SER D 175 -4.89 13.63 -68.38
N THR D 176 -4.44 14.26 -67.30
CA THR D 176 -5.31 14.49 -66.16
C THR D 176 -5.92 15.87 -66.20
N TYR D 177 -7.26 15.93 -66.23
CA TYR D 177 -7.97 17.19 -66.09
C TYR D 177 -8.01 17.56 -64.61
N PHE D 178 -7.44 18.72 -64.30
CA PHE D 178 -7.51 19.24 -62.96
C PHE D 178 -8.67 20.21 -62.85
N GLU D 179 -9.54 19.98 -61.87
CA GLU D 179 -10.75 20.74 -61.70
C GLU D 179 -10.52 21.96 -60.79
N ARG D 180 -11.14 23.06 -61.18
CA ARG D 180 -10.99 24.35 -60.54
C ARG D 180 -11.37 24.33 -59.06
N CYS D 181 -10.43 24.74 -58.21
CA CYS D 181 -10.62 24.89 -56.77
C CYS D 181 -10.66 26.32 -56.19
N LEU D 182 -10.61 27.36 -57.01
CA LEU D 182 -10.47 28.74 -56.50
C LEU D 182 -11.46 29.16 -55.40
N LYS D 183 -10.96 29.87 -54.41
CA LYS D 183 -11.78 30.43 -53.34
C LYS D 183 -12.52 31.65 -53.86
N HIS D 184 -13.77 31.83 -53.40
CA HIS D 184 -14.58 32.97 -53.84
C HIS D 184 -14.84 34.04 -52.76
N MET E 6 7.64 43.38 -23.64
CA MET E 6 6.36 42.70 -23.83
C MET E 6 6.39 41.27 -23.27
N LEU E 7 5.24 40.82 -22.79
CA LEU E 7 5.09 39.46 -22.31
C LEU E 7 4.14 38.67 -23.21
N ILE E 8 4.66 37.69 -23.95
CA ILE E 8 3.78 36.94 -24.83
C ILE E 8 3.35 35.64 -24.21
N LYS E 9 2.12 35.22 -24.51
CA LYS E 9 1.63 33.93 -24.06
C LYS E 9 1.89 32.90 -25.16
N VAL E 10 2.22 31.67 -24.76
CA VAL E 10 2.54 30.61 -25.70
C VAL E 10 1.82 29.33 -25.28
N LYS E 11 1.12 28.69 -26.21
CA LYS E 11 0.43 27.44 -25.89
C LYS E 11 1.30 26.24 -26.12
N THR E 12 1.53 25.49 -25.05
CA THR E 12 2.42 24.35 -25.07
C THR E 12 1.68 23.05 -25.41
N LEU E 13 2.41 21.94 -25.35
CA LEU E 13 1.85 20.65 -25.67
C LEU E 13 1.39 19.86 -24.44
N THR E 14 1.45 20.49 -23.27
CA THR E 14 0.87 19.88 -22.06
C THR E 14 -0.56 20.35 -21.88
N GLY E 15 -0.99 21.26 -22.75
CA GLY E 15 -2.33 21.80 -22.68
C GLY E 15 -2.45 23.04 -21.83
N LYS E 16 -1.35 23.78 -21.69
CA LYS E 16 -1.38 25.00 -20.91
C LYS E 16 -0.74 26.16 -21.68
N GLU E 17 -0.69 27.31 -21.04
CA GLU E 17 -0.29 28.55 -21.68
C GLU E 17 0.71 29.26 -20.77
N ILE E 18 1.83 29.70 -21.34
CA ILE E 18 2.91 30.27 -20.54
C ILE E 18 3.28 31.67 -21.02
N GLU E 19 3.43 32.59 -20.08
CA GLU E 19 3.81 33.94 -20.46
C GLU E 19 5.32 34.09 -20.29
N ILE E 20 5.96 34.70 -21.28
CA ILE E 20 7.41 34.85 -21.28
C ILE E 20 7.87 36.23 -21.76
N ASP E 21 9.05 36.62 -21.26
CA ASP E 21 9.67 37.92 -21.50
C ASP E 21 10.32 38.02 -22.87
N ILE E 22 10.04 39.11 -23.58
CA ILE E 22 10.47 39.29 -24.96
C ILE E 22 10.77 40.75 -25.28
N GLU E 23 11.77 40.99 -26.12
CA GLU E 23 11.97 42.31 -26.72
C GLU E 23 11.70 42.15 -28.20
N PRO E 24 11.14 43.18 -28.84
CA PRO E 24 10.78 43.06 -30.26
C PRO E 24 11.99 42.85 -31.15
N THR E 25 13.15 43.31 -30.72
CA THR E 25 14.37 43.21 -31.51
C THR E 25 14.95 41.79 -31.46
N ASP E 26 14.58 41.07 -30.41
CA ASP E 26 15.11 39.73 -30.17
C ASP E 26 14.83 38.76 -31.32
N LYS E 27 15.83 37.96 -31.67
CA LYS E 27 15.63 36.91 -32.66
C LYS E 27 14.70 35.88 -32.06
N VAL E 28 13.94 35.21 -32.92
CA VAL E 28 12.87 34.31 -32.45
C VAL E 28 13.39 32.97 -31.92
N GLU E 29 14.63 32.63 -32.27
CA GLU E 29 15.24 31.39 -31.77
C GLU E 29 15.48 31.48 -30.25
N ARG E 30 15.48 32.69 -29.73
CA ARG E 30 15.70 32.93 -28.30
C ARG E 30 14.46 32.51 -27.53
N ILE E 31 13.30 32.80 -28.10
CA ILE E 31 12.03 32.44 -27.48
C ILE E 31 11.94 30.95 -27.31
N LYS E 32 12.45 30.21 -28.28
CA LYS E 32 12.55 28.75 -28.19
C LYS E 32 13.29 28.34 -26.91
N GLU E 33 14.39 29.02 -26.62
CA GLU E 33 15.17 28.73 -25.42
C GLU E 33 14.42 29.08 -24.15
N ARG E 34 13.67 30.19 -24.16
CA ARG E 34 12.83 30.52 -23.00
C ARG E 34 11.81 29.40 -22.76
N VAL E 35 11.28 28.87 -23.86
CA VAL E 35 10.32 27.79 -23.80
C VAL E 35 10.97 26.51 -23.32
N GLU E 36 12.25 26.30 -23.64
CA GLU E 36 12.95 25.14 -23.09
C GLU E 36 13.06 25.29 -21.60
N GLU E 37 13.53 26.46 -21.18
CA GLU E 37 13.71 26.78 -19.77
C GLU E 37 12.43 26.50 -18.97
N LYS E 38 11.28 26.94 -19.47
CA LYS E 38 10.03 26.68 -18.74
C LYS E 38 9.49 25.24 -18.92
N GLU E 39 9.42 24.77 -20.16
CA GLU E 39 8.77 23.50 -20.50
C GLU E 39 9.69 22.30 -20.67
N GLY E 40 11.01 22.50 -20.59
CA GLY E 40 11.95 21.38 -20.69
C GLY E 40 11.97 20.69 -22.04
N ILE E 41 11.65 21.42 -23.09
CA ILE E 41 11.71 20.87 -24.44
C ILE E 41 12.86 21.54 -25.21
N PRO E 42 13.83 20.74 -25.65
CA PRO E 42 15.01 21.26 -26.37
C PRO E 42 14.63 22.14 -27.57
N PRO E 43 15.28 23.30 -27.69
CA PRO E 43 15.07 24.25 -28.80
C PRO E 43 15.36 23.62 -30.15
N GLN E 44 16.15 22.54 -30.13
CA GLN E 44 16.46 21.78 -31.33
C GLN E 44 15.17 21.23 -31.94
N GLN E 45 14.36 20.54 -31.14
CA GLN E 45 13.06 20.16 -31.65
C GLN E 45 12.01 21.05 -31.02
N GLN E 46 11.67 22.10 -31.75
CA GLN E 46 10.56 22.98 -31.46
C GLN E 46 10.22 23.69 -32.75
N ARG E 47 8.93 23.93 -32.99
CA ARG E 47 8.57 24.80 -34.08
C ARG E 47 7.51 25.75 -33.59
N LEU E 48 7.76 27.03 -33.79
CA LEU E 48 6.84 28.05 -33.32
C LEU E 48 5.94 28.50 -34.46
N ILE E 49 4.65 28.39 -34.22
CA ILE E 49 3.64 28.81 -35.16
C ILE E 49 2.98 30.05 -34.62
N TYR E 50 3.06 31.13 -35.37
CA TYR E 50 2.35 32.35 -35.02
C TYR E 50 1.20 32.57 -35.99
N SER E 51 -0.03 32.40 -35.48
CA SER E 51 -1.23 32.58 -36.27
C SER E 51 -1.16 31.86 -37.62
N GLY E 52 -1.08 30.53 -37.58
CA GLY E 52 -1.18 29.73 -38.78
C GLY E 52 0.10 29.40 -39.52
N LYS E 53 1.14 30.22 -39.35
CA LYS E 53 2.38 30.00 -40.09
C LYS E 53 3.53 29.64 -39.15
N GLN E 54 4.49 28.88 -39.66
CA GLN E 54 5.65 28.48 -38.86
C GLN E 54 6.67 29.63 -38.76
N MET E 55 6.97 30.04 -37.54
CA MET E 55 7.93 31.13 -37.32
C MET E 55 9.34 30.73 -37.74
N ASN E 56 10.06 31.71 -38.26
CA ASN E 56 11.41 31.52 -38.76
C ASN E 56 12.36 31.38 -37.59
N ASP E 57 13.66 31.40 -37.85
CA ASP E 57 14.64 31.22 -36.78
C ASP E 57 15.51 32.46 -36.58
N GLU E 58 16.26 32.82 -37.62
CA GLU E 58 17.13 33.99 -37.57
C GLU E 58 16.37 35.30 -37.72
N LYS E 59 15.14 35.23 -38.23
CA LYS E 59 14.30 36.41 -38.37
C LYS E 59 13.88 36.89 -36.98
N THR E 60 13.62 38.18 -36.81
CA THR E 60 13.29 38.70 -35.47
C THR E 60 11.79 38.70 -35.20
N ALA E 61 11.43 39.10 -33.98
CA ALA E 61 10.03 39.12 -33.56
C ALA E 61 9.27 40.37 -34.04
N ALA E 62 10.01 41.43 -34.33
CA ALA E 62 9.41 42.64 -34.89
C ALA E 62 9.12 42.42 -36.37
N ASP E 63 9.78 41.41 -36.95
CA ASP E 63 9.53 41.04 -38.34
C ASP E 63 8.19 40.32 -38.43
N TYR E 64 7.76 39.73 -37.30
CA TYR E 64 6.45 39.12 -37.22
C TYR E 64 5.38 40.00 -36.56
N LYS E 65 5.78 41.22 -36.16
CA LYS E 65 4.86 42.19 -35.52
C LYS E 65 4.14 41.60 -34.30
N ILE E 66 4.89 40.89 -33.47
CA ILE E 66 4.33 40.29 -32.25
C ILE E 66 4.19 41.31 -31.13
N LEU E 67 2.99 41.43 -30.58
CA LEU E 67 2.75 42.35 -29.48
C LEU E 67 2.63 41.59 -28.15
N GLY E 68 2.44 42.34 -27.06
CA GLY E 68 2.40 41.74 -25.74
C GLY E 68 1.15 40.93 -25.45
N GLY E 69 0.16 41.03 -26.33
CA GLY E 69 -1.06 40.27 -26.12
C GLY E 69 -1.00 39.02 -26.97
N SER E 70 -0.01 38.99 -27.86
CA SER E 70 0.08 37.96 -28.88
C SER E 70 0.22 36.55 -28.29
N VAL E 71 -0.23 35.55 -29.05
CA VAL E 71 -0.17 34.17 -28.60
C VAL E 71 0.53 33.28 -29.64
N LEU E 72 1.47 32.48 -29.15
CA LEU E 72 2.22 31.52 -29.96
C LEU E 72 1.78 30.07 -29.75
N HIS E 73 1.79 29.28 -30.82
CA HIS E 73 1.51 27.86 -30.74
C HIS E 73 2.76 27.02 -30.96
N LEU E 74 3.07 26.10 -30.06
CA LEU E 74 4.23 25.25 -30.25
C LEU E 74 3.84 23.86 -30.76
N VAL E 75 4.47 23.44 -31.84
CA VAL E 75 4.28 22.09 -32.36
C VAL E 75 5.64 21.48 -32.77
N LEU E 76 5.71 20.16 -32.83
CA LEU E 76 6.94 19.48 -33.21
C LEU E 76 7.18 19.63 -34.71
N ALA E 77 8.35 19.17 -35.16
CA ALA E 77 8.80 19.35 -36.55
C ALA E 77 7.82 18.83 -37.58
N LEU E 78 7.76 19.51 -38.73
CA LEU E 78 6.85 19.13 -39.80
C LEU E 78 7.61 18.86 -41.10
N ARG E 79 7.38 17.68 -41.66
CA ARG E 79 7.91 17.36 -42.96
C ARG E 79 6.84 16.80 -43.93
N GLY E 80 6.87 17.35 -45.13
CA GLY E 80 6.06 16.82 -46.21
C GLY E 80 6.75 15.64 -46.85
N GLY E 81 5.95 14.71 -47.31
CA GLY E 81 6.44 13.56 -48.03
C GLY E 81 5.21 12.89 -48.56
N SER F 8 -27.42 21.54 44.08
CA SER F 8 -28.47 21.01 43.21
C SER F 8 -28.24 21.41 41.76
N LYS F 9 -26.97 21.48 41.37
CA LYS F 9 -26.61 22.16 40.13
C LYS F 9 -26.74 21.34 38.82
N SER F 10 -25.97 20.27 38.55
CA SER F 10 -25.17 19.48 39.48
C SER F 10 -24.06 18.80 38.65
N PRO F 11 -23.33 17.80 39.21
CA PRO F 11 -21.86 17.73 39.23
C PRO F 11 -21.07 18.12 37.97
N GLU F 12 -21.52 17.84 36.77
CA GLU F 12 -20.83 18.42 35.63
C GLU F 12 -21.01 19.95 35.63
N GLU F 13 -22.20 20.41 35.98
CA GLU F 13 -22.49 21.83 35.99
C GLU F 13 -21.80 22.50 37.15
N LEU F 14 -21.71 21.84 38.30
CA LEU F 14 -20.98 22.42 39.43
C LEU F 14 -19.49 22.56 39.06
N ALA F 15 -18.97 21.62 38.28
CA ALA F 15 -17.59 21.71 37.83
C ALA F 15 -17.41 22.88 36.87
N ARG F 16 -18.30 22.99 35.87
CA ARG F 16 -18.24 24.13 34.95
C ARG F 16 -18.31 25.46 35.70
N TYR F 17 -19.08 25.45 36.77
CA TYR F 17 -19.26 26.57 37.67
C TYR F 17 -17.91 26.96 38.24
N CYS F 18 -17.23 26.00 38.88
CA CYS F 18 -15.87 26.24 39.42
C CYS F 18 -14.92 26.76 38.36
N ASP F 19 -14.98 26.18 37.16
CA ASP F 19 -14.24 26.75 36.03
C ASP F 19 -14.55 28.24 35.88
N SER F 20 -15.84 28.60 35.78
CA SER F 20 -16.30 29.97 35.59
C SER F 20 -15.73 30.90 36.65
N LEU F 21 -15.83 30.48 37.91
CA LEU F 21 -15.32 31.27 39.02
C LEU F 21 -13.83 31.53 38.87
N LEU F 22 -13.09 30.46 38.54
CA LEU F 22 -11.62 30.51 38.55
C LEU F 22 -11.00 31.05 37.25
N LYS F 23 -11.77 31.15 36.18
CA LYS F 23 -11.23 31.63 34.90
C LYS F 23 -10.94 33.12 34.89
N LYS F 24 -10.02 33.49 34.00
CA LYS F 24 -9.75 34.87 33.67
C LYS F 24 -11.02 35.54 33.18
N SER F 25 -11.40 36.65 33.80
CA SER F 25 -12.59 37.37 33.38
C SER F 25 -12.36 38.88 33.32
N SER F 26 -13.30 39.58 32.70
CA SER F 26 -13.30 41.04 32.68
C SER F 26 -13.58 41.62 34.06
N LYS F 27 -14.16 40.80 34.94
CA LYS F 27 -14.58 41.26 36.26
C LYS F 27 -13.46 41.31 37.31
N ASN F 28 -12.54 40.35 37.26
CA ASN F 28 -11.49 40.20 38.27
C ASN F 28 -12.06 40.15 39.69
N PRO F 29 -12.67 39.02 40.06
CA PRO F 29 -13.25 38.76 41.39
C PRO F 29 -12.24 38.88 42.52
N GLU F 30 -12.68 39.49 43.61
CA GLU F 30 -11.83 39.67 44.77
C GLU F 30 -11.63 38.33 45.47
N GLU F 31 -10.60 38.25 46.30
CA GLU F 31 -10.18 37.01 46.88
C GLU F 31 -11.26 36.39 47.73
N ALA F 32 -11.79 37.12 48.70
CA ALA F 32 -12.78 36.52 49.60
C ALA F 32 -14.01 36.01 48.83
N GLU F 33 -14.27 36.59 47.68
CA GLU F 33 -15.33 36.12 46.81
C GLU F 33 -14.96 34.71 46.33
N LEU F 34 -13.78 34.59 45.73
CA LEU F 34 -13.28 33.30 45.28
C LEU F 34 -13.37 32.24 46.36
N GLU F 35 -12.77 32.54 47.49
CA GLU F 35 -12.73 31.60 48.59
C GLU F 35 -14.12 31.20 49.08
N ASP F 36 -15.02 32.19 49.19
CA ASP F 36 -16.35 31.90 49.72
C ASP F 36 -17.15 31.03 48.76
N THR F 37 -17.08 31.37 47.48
CA THR F 37 -17.65 30.56 46.43
C THR F 37 -17.15 29.15 46.56
N LEU F 38 -15.83 28.98 46.57
CA LEU F 38 -15.23 27.64 46.63
C LEU F 38 -15.71 26.82 47.82
N ASN F 39 -15.73 27.45 48.99
CA ASN F 39 -16.31 26.79 50.15
C ASN F 39 -17.75 26.34 49.90
N GLN F 40 -18.53 27.21 49.26
CA GLN F 40 -19.91 26.83 48.95
C GLN F 40 -19.93 25.64 48.00
N VAL F 41 -19.07 25.65 47.00
CA VAL F 41 -18.94 24.53 46.08
C VAL F 41 -18.62 23.24 46.80
N MET F 42 -17.70 23.25 47.77
CA MET F 42 -17.42 22.03 48.52
C MET F 42 -18.62 21.60 49.35
N GLU F 43 -19.38 22.56 49.87
CA GLU F 43 -20.62 22.22 50.59
C GLU F 43 -21.63 21.50 49.69
N LYS F 44 -21.73 21.98 48.46
CA LYS F 44 -22.60 21.37 47.46
C LYS F 44 -22.07 20.00 47.06
N PHE F 45 -20.76 19.92 46.95
CA PHE F 45 -20.06 18.71 46.56
C PHE F 45 -20.30 17.58 47.56
N LYS F 46 -20.30 17.92 48.85
CA LYS F 46 -20.50 16.94 49.91
C LYS F 46 -21.83 16.19 49.78
N LYS F 47 -22.83 16.83 49.18
CA LYS F 47 -24.16 16.22 48.99
C LYS F 47 -24.29 15.44 47.68
N ILE F 48 -23.34 15.61 46.76
CA ILE F 48 -23.47 15.05 45.43
C ILE F 48 -23.31 13.53 45.43
N GLU F 49 -24.14 12.83 44.67
CA GLU F 49 -24.03 11.38 44.62
C GLU F 49 -22.83 10.97 43.80
N ASP F 50 -22.81 11.31 42.52
CA ASP F 50 -21.65 10.91 41.73
C ASP F 50 -20.54 11.97 41.74
N LYS F 51 -19.48 11.72 42.52
CA LYS F 51 -18.44 12.70 42.61
C LYS F 51 -17.40 12.50 41.52
N ASP F 52 -17.40 11.32 40.92
CA ASP F 52 -16.33 10.96 40.00
C ASP F 52 -16.40 11.78 38.74
N VAL F 53 -17.62 12.09 38.34
CA VAL F 53 -17.81 12.94 37.17
C VAL F 53 -17.30 14.36 37.45
N PHE F 54 -17.63 14.85 38.64
CA PHE F 54 -17.13 16.14 39.08
C PHE F 54 -15.62 16.20 39.04
N GLN F 55 -14.99 15.22 39.69
CA GLN F 55 -13.54 15.15 39.78
C GLN F 55 -12.92 15.09 38.39
N LYS F 56 -13.63 14.45 37.48
CA LYS F 56 -13.06 14.24 36.16
C LYS F 56 -13.09 15.54 35.41
N PHE F 57 -14.25 16.16 35.40
CA PHE F 57 -14.40 17.41 34.67
C PHE F 57 -13.56 18.52 35.26
N TYR F 58 -13.48 18.54 36.59
CA TYR F 58 -12.68 19.53 37.25
C TYR F 58 -11.23 19.37 36.81
N ALA F 59 -10.75 18.14 36.84
CA ALA F 59 -9.39 17.87 36.42
C ALA F 59 -9.12 18.32 34.98
N LYS F 60 -10.04 18.00 34.08
CA LYS F 60 -9.89 18.31 32.65
C LYS F 60 -9.87 19.82 32.38
N MET F 61 -10.78 20.51 33.05
CA MET F 61 -10.91 21.95 32.91
C MET F 61 -9.68 22.60 33.50
N LEU F 62 -9.38 22.27 34.76
CA LEU F 62 -8.21 22.77 35.45
C LEU F 62 -6.98 22.59 34.57
N ALA F 63 -6.93 21.48 33.85
CA ALA F 63 -5.90 21.27 32.86
C ALA F 63 -5.89 22.39 31.83
N LYS F 64 -7.01 22.63 31.16
CA LYS F 64 -7.01 23.68 30.13
C LYS F 64 -6.70 25.08 30.69
N ARG F 65 -7.14 25.31 31.92
CA ARG F 65 -6.91 26.57 32.61
C ARG F 65 -5.41 26.77 32.75
N LEU F 66 -4.75 25.81 33.39
CA LEU F 66 -3.32 25.89 33.63
C LEU F 66 -2.52 26.02 32.33
N VAL F 67 -2.92 25.28 31.32
CA VAL F 67 -2.15 25.28 30.08
C VAL F 67 -2.36 26.59 29.33
N HIS F 68 -3.45 27.29 29.63
CA HIS F 68 -3.74 28.54 28.94
C HIS F 68 -3.34 29.82 29.69
N GLN F 69 -2.73 29.67 30.86
CA GLN F 69 -2.45 30.81 31.74
C GLN F 69 -3.73 31.57 32.08
N ASN F 70 -4.84 30.84 32.06
CA ASN F 70 -6.18 31.41 32.16
C ASN F 70 -6.72 31.46 33.57
N SER F 71 -5.88 31.14 34.55
CA SER F 71 -6.30 31.26 35.94
C SER F 71 -6.30 32.72 36.43
N ALA F 72 -7.42 33.14 37.00
CA ALA F 72 -7.54 34.48 37.53
C ALA F 72 -6.71 34.63 38.81
N SER F 73 -6.72 33.60 39.62
CA SER F 73 -5.98 33.63 40.88
C SER F 73 -5.29 32.30 41.18
N ASP F 74 -3.97 32.32 41.35
CA ASP F 74 -3.24 31.09 41.60
C ASP F 74 -3.53 30.57 42.99
N ASP F 75 -3.58 31.47 43.95
CA ASP F 75 -3.79 31.07 45.34
C ASP F 75 -5.18 30.48 45.49
N ALA F 76 -6.10 30.89 44.63
CA ALA F 76 -7.44 30.30 44.66
C ALA F 76 -7.34 28.85 44.23
N GLU F 77 -6.78 28.60 43.03
CA GLU F 77 -6.59 27.24 42.51
C GLU F 77 -5.97 26.35 43.58
N ALA F 78 -4.87 26.83 44.16
CA ALA F 78 -4.18 26.13 45.21
C ALA F 78 -5.08 25.84 46.40
N SER F 79 -5.90 26.80 46.81
CA SER F 79 -6.78 26.57 47.95
C SER F 79 -7.79 25.49 47.60
N MET F 80 -8.26 25.51 46.35
CA MET F 80 -9.24 24.53 45.89
C MET F 80 -8.64 23.16 46.00
N ILE F 81 -7.51 22.97 45.33
CA ILE F 81 -6.81 21.70 45.36
C ILE F 81 -6.56 21.22 46.80
N SER F 82 -6.23 22.16 47.69
CA SER F 82 -6.17 21.83 49.10
C SER F 82 -7.51 21.20 49.56
N LYS F 83 -8.63 21.88 49.29
CA LYS F 83 -9.96 21.40 49.71
C LYS F 83 -10.35 20.03 49.13
N LEU F 84 -10.04 19.86 47.85
CA LEU F 84 -10.25 18.61 47.17
C LEU F 84 -9.45 17.49 47.83
N LYS F 85 -8.16 17.70 48.08
CA LYS F 85 -7.34 16.71 48.79
C LYS F 85 -7.96 16.40 50.14
N GLN F 86 -8.39 17.43 50.85
CA GLN F 86 -9.10 17.24 52.11
C GLN F 86 -10.31 16.28 51.96
N ALA F 87 -11.00 16.36 50.82
CA ALA F 87 -12.24 15.59 50.62
C ALA F 87 -12.05 14.25 49.91
N CYS F 88 -11.70 14.34 48.62
CA CYS F 88 -11.41 13.19 47.76
C CYS F 88 -10.18 12.36 48.15
N GLY F 89 -9.39 12.85 49.10
CA GLY F 89 -8.16 12.16 49.49
C GLY F 89 -7.03 12.49 48.55
N PHE F 90 -5.84 11.99 48.89
CA PHE F 90 -4.61 12.34 48.18
C PHE F 90 -4.53 11.89 46.72
N GLU F 91 -4.94 10.66 46.44
CA GLU F 91 -4.71 10.07 45.13
C GLU F 91 -5.36 10.88 44.02
N TYR F 92 -6.51 11.47 44.29
CA TYR F 92 -7.16 12.30 43.29
C TYR F 92 -6.30 13.53 42.99
N THR F 93 -5.83 14.17 44.05
CA THR F 93 -5.13 15.44 43.89
C THR F 93 -3.69 15.25 43.49
N SER F 94 -3.25 14.00 43.39
CA SER F 94 -1.88 13.75 42.97
C SER F 94 -1.71 14.28 41.57
N LYS F 95 -2.56 13.80 40.65
CA LYS F 95 -2.47 14.18 39.24
C LYS F 95 -2.62 15.69 39.10
N LEU F 96 -3.59 16.22 39.83
CA LEU F 96 -3.88 17.64 39.82
C LEU F 96 -2.61 18.40 40.15
N GLN F 97 -2.04 18.09 41.30
CA GLN F 97 -0.85 18.74 41.79
C GLN F 97 0.29 18.64 40.78
N ARG F 98 0.36 17.50 40.10
CA ARG F 98 1.46 17.29 39.17
C ARG F 98 1.28 18.19 37.96
N MET F 99 0.04 18.43 37.55
CA MET F 99 -0.24 19.39 36.51
C MET F 99 0.23 20.77 36.97
N PHE F 100 -0.19 21.11 38.18
CA PHE F 100 0.10 22.36 38.84
C PHE F 100 1.60 22.67 38.84
N GLN F 101 2.43 21.70 39.24
CA GLN F 101 3.89 21.90 39.28
C GLN F 101 4.54 21.87 37.90
N ASP F 102 4.05 20.97 37.04
CA ASP F 102 4.59 20.79 35.71
C ASP F 102 4.48 22.07 34.89
N ILE F 103 3.37 22.79 35.06
CA ILE F 103 3.23 24.08 34.37
C ILE F 103 4.24 25.12 34.89
N GLY F 104 4.56 25.06 36.18
CA GLY F 104 5.54 25.96 36.76
C GLY F 104 6.92 25.73 36.15
N VAL F 105 7.33 24.46 36.14
CA VAL F 105 8.63 24.13 35.58
C VAL F 105 8.65 24.45 34.09
N SER F 106 7.49 24.38 33.46
CA SER F 106 7.37 24.75 32.06
C SER F 106 7.62 26.25 31.88
N LYS F 107 7.06 27.07 32.76
CA LYS F 107 7.25 28.51 32.66
C LYS F 107 8.73 28.86 32.87
N ASP F 108 9.36 28.21 33.83
CA ASP F 108 10.78 28.48 34.11
C ASP F 108 11.65 28.08 32.91
N LEU F 109 11.36 26.92 32.36
CA LEU F 109 12.09 26.42 31.22
C LEU F 109 11.92 27.34 30.03
N ASN F 110 10.70 27.82 29.82
CA ASN F 110 10.44 28.76 28.75
C ASN F 110 11.28 30.02 28.90
N GLU F 111 11.40 30.51 30.13
CA GLU F 111 12.21 31.70 30.35
C GLU F 111 13.68 31.38 30.07
N GLN F 112 14.13 30.18 30.41
CA GLN F 112 15.50 29.78 30.08
C GLN F 112 15.71 29.83 28.57
N PHE F 113 14.68 29.42 27.82
CA PHE F 113 14.74 29.51 26.37
C PHE F 113 14.74 30.96 25.92
N LYS F 114 14.18 31.85 26.74
CA LYS F 114 14.23 33.28 26.45
C LYS F 114 15.66 33.80 26.57
N LYS F 115 16.32 33.49 27.67
CA LYS F 115 17.73 33.88 27.85
C LYS F 115 18.62 33.28 26.75
N HIS F 116 18.37 32.03 26.41
CA HIS F 116 19.15 31.36 25.36
C HIS F 116 18.73 31.83 23.97
N LEU F 117 17.62 32.55 23.89
CA LEU F 117 17.08 32.97 22.60
C LEU F 117 18.09 33.91 21.98
N THR F 118 18.74 34.73 22.81
CA THR F 118 19.75 35.60 22.27
C THR F 118 21.13 35.00 22.52
N ASN F 119 21.62 34.28 21.51
CA ASN F 119 23.00 33.80 21.47
C ASN F 119 23.55 34.09 20.09
N SER F 120 23.01 33.34 19.13
CA SER F 120 23.41 33.47 17.73
C SER F 120 22.66 34.67 17.18
N GLU F 121 21.34 34.50 17.02
CA GLU F 121 20.49 35.60 16.64
C GLU F 121 19.13 35.51 17.32
N PRO F 122 18.58 36.64 17.76
CA PRO F 122 17.18 36.61 18.18
C PRO F 122 16.35 36.42 16.92
N LEU F 123 15.32 35.59 16.97
CA LEU F 123 14.54 35.32 15.77
C LEU F 123 13.04 35.44 16.04
N ASP F 124 12.25 35.10 15.03
CA ASP F 124 10.81 35.42 15.01
C ASP F 124 10.00 34.99 16.22
N LEU F 125 9.06 35.86 16.58
CA LEU F 125 7.97 35.63 17.55
C LEU F 125 8.19 35.69 19.04
N ASP F 126 9.44 35.63 19.52
CA ASP F 126 9.77 35.89 20.93
C ASP F 126 8.66 35.33 21.81
N PHE F 127 8.49 34.02 21.79
CA PHE F 127 7.20 33.47 22.15
C PHE F 127 7.17 32.71 23.45
N SER F 128 5.99 32.19 23.76
CA SER F 128 5.75 31.45 24.99
C SER F 128 5.27 30.04 24.70
N ILE F 129 6.10 29.05 25.02
CA ILE F 129 5.74 27.65 24.80
C ILE F 129 5.71 26.92 26.14
N GLN F 130 4.70 26.09 26.32
CA GLN F 130 4.59 25.33 27.55
C GLN F 130 4.64 23.82 27.28
N VAL F 131 5.54 23.13 28.00
CA VAL F 131 5.73 21.70 27.82
C VAL F 131 5.27 20.92 29.05
N LEU F 132 4.55 19.83 28.81
CA LEU F 132 3.91 19.10 29.88
C LEU F 132 4.44 17.69 29.95
N SER F 133 4.26 17.05 31.10
CA SER F 133 4.71 15.69 31.28
C SER F 133 3.96 14.76 30.32
N SER F 134 4.56 13.60 30.07
CA SER F 134 4.12 12.65 29.04
C SER F 134 2.63 12.25 28.91
N GLY F 135 1.87 12.02 29.99
CA GLY F 135 2.26 12.30 31.35
C GLY F 135 1.02 12.50 32.19
N SER F 136 1.15 13.34 33.22
CA SER F 136 0.07 13.66 34.15
C SER F 136 -1.04 14.50 33.52
N TRP F 137 -0.85 14.90 32.27
CA TRP F 137 -1.82 15.75 31.61
C TRP F 137 -2.82 15.01 30.70
N PRO F 138 -4.13 15.15 31.01
CA PRO F 138 -5.35 14.57 30.40
C PRO F 138 -5.45 14.80 28.90
N PHE F 139 -4.54 15.55 28.29
CA PHE F 139 -4.69 15.88 26.88
C PHE F 139 -4.53 14.65 25.99
N GLN F 140 -4.67 14.86 24.69
CA GLN F 140 -4.67 13.77 23.72
C GLN F 140 -3.72 14.09 22.59
N GLN F 141 -3.38 13.08 21.81
CA GLN F 141 -2.51 13.30 20.68
C GLN F 141 -3.22 14.16 19.64
N SER F 142 -2.45 15.05 19.02
CA SER F 142 -2.95 15.95 17.98
C SER F 142 -3.22 15.24 16.67
N CYS F 143 -4.03 15.87 15.83
CA CYS F 143 -4.33 15.31 14.52
C CYS F 143 -3.15 15.49 13.57
N THR F 144 -3.35 15.06 12.33
CA THR F 144 -2.33 15.12 11.30
C THR F 144 -2.06 16.56 10.82
N PHE F 145 -0.79 16.87 10.54
CA PHE F 145 -0.37 18.22 10.17
C PHE F 145 0.84 18.26 9.20
N ALA F 146 1.30 19.47 8.90
CA ALA F 146 2.30 19.81 7.88
C ALA F 146 3.48 20.64 8.47
N LEU F 147 3.10 21.69 9.17
CA LEU F 147 3.92 22.75 9.81
C LEU F 147 4.57 23.67 8.86
N PRO F 148 3.71 24.37 8.09
CA PRO F 148 4.08 25.16 6.92
C PRO F 148 4.98 26.34 7.20
N SER F 149 5.78 26.68 6.19
CA SER F 149 6.58 27.89 6.16
C SER F 149 7.45 28.09 7.40
N GLU F 150 7.50 29.33 7.87
CA GLU F 150 8.49 29.79 8.86
C GLU F 150 8.44 28.99 10.16
N LEU F 151 7.29 28.38 10.46
CA LEU F 151 7.16 27.63 11.70
C LEU F 151 8.19 26.51 11.74
N GLU F 152 8.49 25.93 10.57
CA GLU F 152 9.51 24.88 10.46
C GLU F 152 10.83 25.31 11.09
N ARG F 153 11.08 26.61 11.09
CA ARG F 153 12.33 27.16 11.62
C ARG F 153 12.35 27.01 13.14
N SER F 154 11.25 27.41 13.79
CA SER F 154 11.22 27.41 15.25
C SER F 154 11.28 25.98 15.78
N TYR F 155 10.47 25.13 15.16
CA TYR F 155 10.36 23.73 15.53
C TYR F 155 11.73 23.09 15.65
N GLN F 156 12.44 22.99 14.53
CA GLN F 156 13.76 22.40 14.52
C GLN F 156 14.73 23.17 15.40
N ARG F 157 14.48 24.46 15.58
CA ARG F 157 15.29 25.25 16.52
C ARG F 157 14.94 24.79 17.92
N PHE F 158 13.65 24.74 18.22
CA PHE F 158 13.20 24.27 19.51
C PHE F 158 13.70 22.85 19.74
N THR F 159 13.37 21.95 18.81
CA THR F 159 13.76 20.55 18.93
C THR F 159 15.28 20.40 18.89
N ALA F 160 15.99 21.49 18.61
CA ALA F 160 17.44 21.48 18.76
C ALA F 160 17.77 21.50 20.24
N PHE F 161 17.33 22.58 20.91
CA PHE F 161 17.88 22.93 22.20
C PHE F 161 17.60 21.91 23.32
N TYR F 162 16.56 21.10 23.14
CA TYR F 162 16.26 20.08 24.14
C TYR F 162 17.39 19.06 24.21
N ALA F 163 18.01 18.81 23.06
CA ALA F 163 19.14 17.89 22.98
C ALA F 163 20.31 18.42 23.82
N SER F 164 20.36 19.74 23.98
CA SER F 164 21.37 20.37 24.82
C SER F 164 21.00 20.23 26.29
N ARG F 165 19.70 20.22 26.57
CA ARG F 165 19.23 20.08 27.95
C ARG F 165 19.29 18.62 28.36
N HIS F 166 18.36 17.83 27.84
CA HIS F 166 18.43 16.39 27.95
C HIS F 166 18.11 15.77 26.60
N SER F 167 19.08 15.08 25.99
CA SER F 167 18.91 14.56 24.64
C SER F 167 18.10 13.27 24.64
N GLY F 168 17.80 12.77 25.83
CA GLY F 168 17.10 11.52 26.00
C GLY F 168 15.59 11.67 26.06
N ARG F 169 15.07 12.78 25.52
CA ARG F 169 13.64 13.02 25.59
C ARG F 169 13.03 13.29 24.21
N LYS F 170 11.76 12.94 24.06
CA LYS F 170 11.06 13.07 22.79
C LYS F 170 9.85 13.99 22.95
N LEU F 171 9.67 14.91 22.01
CA LEU F 171 8.62 15.91 22.11
C LEU F 171 7.47 15.65 21.15
N THR F 172 6.27 15.46 21.68
CA THR F 172 5.07 15.31 20.86
C THR F 172 4.27 16.59 20.88
N TRP F 173 4.22 17.26 19.73
CA TRP F 173 3.66 18.61 19.64
C TRP F 173 2.15 18.59 19.45
N LEU F 174 1.42 19.29 20.32
CA LEU F 174 -0.01 19.42 20.11
C LEU F 174 -0.27 20.70 19.33
N TYR F 175 -0.63 20.53 18.06
CA TYR F 175 -0.90 21.67 17.20
C TYR F 175 -2.36 22.08 17.34
N GLN F 176 -3.15 21.20 17.91
CA GLN F 176 -4.54 21.49 18.13
C GLN F 176 -4.69 22.48 19.28
N LEU F 177 -3.73 22.47 20.20
CA LEU F 177 -3.75 23.35 21.37
C LEU F 177 -2.90 24.60 21.20
N SER F 178 -2.32 24.78 20.02
CA SER F 178 -1.36 25.87 19.82
C SER F 178 -1.96 27.05 19.07
N LYS F 179 -1.76 28.24 19.64
CA LYS F 179 -2.34 29.47 19.09
C LYS F 179 -1.26 30.47 18.70
N GLY F 180 -1.60 31.39 17.81
CA GLY F 180 -0.70 32.47 17.45
C GLY F 180 -1.46 33.69 16.95
N GLU F 181 -0.86 34.86 17.06
CA GLU F 181 -1.53 36.12 16.71
C GLU F 181 -1.13 36.65 15.33
N LEU F 182 -2.10 37.26 14.66
CA LEU F 182 -1.87 37.90 13.37
C LEU F 182 -2.55 39.26 13.28
N VAL F 183 -2.07 40.08 12.36
CA VAL F 183 -2.64 41.41 12.14
C VAL F 183 -2.98 41.57 10.66
N THR F 184 -3.79 42.57 10.33
CA THR F 184 -4.30 42.71 8.97
C THR F 184 -3.90 44.02 8.30
N ASN F 185 -3.75 43.98 6.98
CA ASN F 185 -3.40 45.16 6.20
C ASN F 185 -4.34 45.41 5.01
N CYS F 186 -4.39 44.46 4.08
CA CYS F 186 -5.07 44.61 2.79
C CYS F 186 -6.51 45.13 2.87
N PHE F 187 -7.28 44.62 3.82
CA PHE F 187 -8.68 45.02 3.98
C PHE F 187 -8.66 46.42 4.60
N LYS F 188 -9.82 47.02 4.85
CA LYS F 188 -9.82 48.35 5.45
C LYS F 188 -9.39 48.29 6.91
N THR F 192 -5.84 43.18 14.45
CA THR F 192 -5.11 42.10 15.12
C THR F 192 -6.00 40.88 15.32
N LEU F 193 -5.48 39.68 15.04
CA LEU F 193 -6.26 38.44 15.17
C LEU F 193 -5.48 37.32 15.84
N GLN F 194 -6.09 36.69 16.85
CA GLN F 194 -5.52 35.49 17.43
C GLN F 194 -6.21 34.26 16.84
N ALA F 195 -5.42 33.35 16.29
CA ALA F 195 -5.97 32.19 15.61
C ALA F 195 -5.31 30.90 16.10
N SER F 196 -6.06 29.80 16.04
CA SER F 196 -5.51 28.48 16.31
C SER F 196 -4.51 28.16 15.21
N THR F 197 -3.51 27.35 15.54
CA THR F 197 -2.47 27.00 14.57
C THR F 197 -3.10 26.31 13.36
N PHE F 198 -4.20 25.60 13.60
CA PHE F 198 -5.01 25.05 12.53
C PHE F 198 -5.50 26.16 11.60
N GLN F 199 -6.06 27.20 12.19
CA GLN F 199 -6.53 28.35 11.43
C GLN F 199 -5.36 28.98 10.69
N MET F 200 -4.24 29.12 11.39
CA MET F 200 -3.06 29.80 10.87
C MET F 200 -2.38 29.04 9.73
N ALA F 201 -2.64 27.75 9.63
CA ALA F 201 -1.98 26.90 8.63
C ALA F 201 -2.30 27.31 7.19
N ILE F 202 -3.29 28.17 7.02
CA ILE F 202 -3.70 28.63 5.69
C ILE F 202 -2.66 29.55 5.04
N TYR F 212 -7.99 26.50 -5.48
CA TYR F 212 -7.64 25.26 -4.78
C TYR F 212 -8.89 24.48 -4.40
N THR F 213 -8.73 23.18 -4.17
CA THR F 213 -9.86 22.35 -3.76
C THR F 213 -9.72 21.99 -2.29
N VAL F 214 -10.84 21.91 -1.59
CA VAL F 214 -10.84 21.52 -0.19
C VAL F 214 -10.17 20.15 -0.06
N GLN F 215 -10.28 19.33 -1.10
CA GLN F 215 -9.62 18.02 -1.15
C GLN F 215 -8.09 18.11 -1.07
N GLN F 216 -7.51 18.84 -2.02
CA GLN F 216 -6.06 18.95 -2.08
C GLN F 216 -5.55 19.94 -1.03
N LEU F 217 -6.39 20.89 -0.65
CA LEU F 217 -6.07 21.79 0.45
C LEU F 217 -5.91 20.93 1.68
N THR F 218 -6.83 19.97 1.81
CA THR F 218 -6.84 18.99 2.89
C THR F 218 -5.54 18.22 2.93
N ASP F 219 -5.19 17.66 1.78
CA ASP F 219 -4.02 16.80 1.72
C ASP F 219 -2.73 17.54 1.98
N SER F 220 -2.55 18.67 1.31
CA SER F 220 -1.35 19.51 1.47
C SER F 220 -1.18 19.92 2.93
N THR F 221 -2.30 20.18 3.59
CA THR F 221 -2.29 20.58 4.99
C THR F 221 -2.33 19.33 5.87
N GLN F 222 -2.51 18.18 5.20
CA GLN F 222 -2.57 16.88 5.85
C GLN F 222 -3.54 16.89 7.02
N ILE F 223 -4.58 17.67 6.93
CA ILE F 223 -5.53 17.78 8.03
C ILE F 223 -6.73 16.89 7.73
N LYS F 224 -7.25 16.19 8.73
CA LYS F 224 -8.41 15.32 8.53
C LYS F 224 -9.59 16.13 8.05
N MET F 225 -10.42 15.54 7.20
CA MET F 225 -11.55 16.25 6.62
C MET F 225 -12.48 16.72 7.73
N ASP F 226 -12.59 15.91 8.78
CA ASP F 226 -13.45 16.23 9.91
C ASP F 226 -13.03 17.53 10.55
N ILE F 227 -11.74 17.63 10.85
CA ILE F 227 -11.20 18.81 11.51
C ILE F 227 -11.20 20.00 10.56
N LEU F 228 -10.81 19.76 9.30
CA LEU F 228 -10.78 20.82 8.31
C LEU F 228 -12.15 21.48 8.19
N ALA F 229 -13.19 20.65 8.11
CA ALA F 229 -14.56 21.16 8.03
C ALA F 229 -14.92 21.93 9.30
N GLN F 230 -14.56 21.38 10.46
CA GLN F 230 -14.84 22.06 11.72
C GLN F 230 -14.22 23.47 11.77
N VAL F 231 -13.02 23.60 11.21
CA VAL F 231 -12.31 24.88 11.22
C VAL F 231 -12.84 25.85 10.18
N LEU F 232 -13.07 25.35 8.96
CA LEU F 232 -13.42 26.21 7.85
C LEU F 232 -14.86 26.70 7.94
N GLN F 233 -15.70 25.90 8.59
CA GLN F 233 -17.06 26.33 8.88
C GLN F 233 -17.06 27.54 9.81
N ILE F 234 -16.16 27.52 10.80
CA ILE F 234 -16.10 28.59 11.79
C ILE F 234 -15.32 29.78 11.24
N LEU F 235 -14.56 29.57 10.17
CA LEU F 235 -13.94 30.66 9.44
C LEU F 235 -14.99 31.36 8.59
N LEU F 236 -15.91 30.58 8.02
CA LEU F 236 -16.98 31.13 7.21
C LEU F 236 -17.91 31.99 8.07
N LYS F 237 -18.19 31.56 9.30
CA LYS F 237 -19.03 32.34 10.21
C LYS F 237 -18.33 33.63 10.64
N SER F 238 -17.04 33.76 10.32
CA SER F 238 -16.34 35.03 10.47
C SER F 238 -16.13 35.66 9.09
N LYS F 239 -15.41 36.77 9.03
CA LYS F 239 -15.21 37.44 7.76
C LYS F 239 -13.95 37.00 7.01
N LEU F 240 -14.19 36.31 5.89
CA LEU F 240 -13.19 35.74 4.99
C LEU F 240 -13.97 35.03 3.90
N LEU F 241 -13.28 34.49 2.89
CA LEU F 241 -13.91 33.74 1.81
C LEU F 241 -14.95 32.76 2.34
N PRO F 257 -16.28 19.91 0.02
CA PRO F 257 -15.23 18.94 -0.24
C PRO F 257 -14.44 19.25 -1.51
N ASP F 258 -15.13 19.33 -2.64
CA ASP F 258 -14.47 19.73 -3.88
C ASP F 258 -14.41 21.25 -3.97
N THR F 259 -15.24 21.90 -3.16
CA THR F 259 -15.47 23.33 -3.26
C THR F 259 -14.23 24.20 -3.05
N LEU F 260 -14.22 25.35 -3.71
CA LEU F 260 -13.12 26.29 -3.63
C LEU F 260 -13.42 27.34 -2.57
N ILE F 261 -12.39 27.70 -1.80
CA ILE F 261 -12.53 28.77 -0.82
C ILE F 261 -11.36 29.76 -0.94
N VAL F 274 -8.60 39.83 17.03
CA VAL F 274 -10.00 40.23 17.03
C VAL F 274 -10.87 39.52 18.09
N ASN F 275 -10.86 38.18 18.24
CA ASN F 275 -10.06 37.19 17.51
C ASN F 275 -10.88 36.05 16.90
N ILE F 276 -10.29 35.34 15.95
CA ILE F 276 -10.99 34.26 15.25
C ILE F 276 -10.76 32.87 15.85
N ASN F 277 -9.89 32.74 16.84
CA ASN F 277 -9.72 31.41 17.43
C ASN F 277 -10.84 31.12 18.40
N VAL F 278 -11.65 30.13 18.06
CA VAL F 278 -12.87 29.89 18.82
C VAL F 278 -13.20 28.41 18.85
N PRO F 279 -13.73 27.92 19.99
CA PRO F 279 -14.23 26.55 20.10
C PRO F 279 -15.30 26.24 19.07
N MET F 280 -15.31 25.01 18.57
CA MET F 280 -16.25 24.59 17.52
C MET F 280 -17.53 23.97 18.08
N LYS F 281 -18.66 24.38 17.53
CA LYS F 281 -19.99 24.09 18.08
C LYS F 281 -20.38 22.62 18.22
N THR F 282 -20.47 21.90 17.09
CA THR F 282 -20.94 20.52 17.11
C THR F 282 -19.89 19.63 17.75
N GLU F 283 -18.65 20.10 17.69
CA GLU F 283 -17.55 19.45 18.39
C GLU F 283 -17.64 19.99 19.82
N GLN F 284 -16.74 19.57 20.72
CA GLN F 284 -16.79 20.01 22.12
C GLN F 284 -18.05 19.46 22.81
N LYS F 285 -18.94 18.85 22.04
CA LYS F 285 -19.94 17.99 22.63
C LYS F 285 -19.31 16.61 22.62
N GLN F 286 -18.56 16.38 21.55
CA GLN F 286 -17.85 15.13 21.33
C GLN F 286 -16.95 14.79 22.50
N GLU F 287 -16.17 15.78 22.94
CA GLU F 287 -15.23 15.58 24.05
C GLU F 287 -15.98 15.38 25.37
N GLN F 288 -17.20 15.88 25.46
CA GLN F 288 -17.99 15.65 26.65
C GLN F 288 -18.47 14.20 26.70
N GLU F 289 -19.02 13.74 25.58
CA GLU F 289 -19.45 12.35 25.44
C GLU F 289 -18.29 11.45 25.78
N THR F 290 -17.14 11.74 25.16
CA THR F 290 -15.88 11.07 25.45
C THR F 290 -15.70 10.94 26.97
N THR F 291 -15.60 12.08 27.63
CA THR F 291 -15.40 12.13 29.08
C THR F 291 -16.36 11.22 29.85
N HIS F 292 -17.64 11.26 29.48
CA HIS F 292 -18.66 10.46 30.15
C HIS F 292 -18.48 8.99 29.91
N LYS F 293 -18.04 8.63 28.71
CA LYS F 293 -17.71 7.25 28.42
C LYS F 293 -16.58 6.81 29.33
N ASN F 294 -15.48 7.57 29.36
CA ASN F 294 -14.35 7.19 30.19
C ASN F 294 -14.74 7.01 31.66
N ILE F 295 -15.58 7.89 32.19
CA ILE F 295 -15.95 7.70 33.59
C ILE F 295 -16.84 6.47 33.72
N GLU F 296 -17.65 6.19 32.70
CA GLU F 296 -18.48 4.98 32.74
C GLU F 296 -17.58 3.74 32.79
N GLU F 297 -16.54 3.68 31.96
CA GLU F 297 -15.56 2.60 31.96
C GLU F 297 -14.88 2.39 33.31
N ASP F 298 -14.34 3.47 33.86
CA ASP F 298 -13.72 3.40 35.18
C ASP F 298 -14.73 2.86 36.19
N ARG F 299 -15.99 3.23 36.01
CA ARG F 299 -17.04 2.77 36.93
C ARG F 299 -17.24 1.28 36.81
N LYS F 300 -17.22 0.77 35.58
CA LYS F 300 -17.32 -0.67 35.33
C LYS F 300 -16.20 -1.43 36.05
N LEU F 301 -14.96 -1.05 35.78
CA LEU F 301 -13.82 -1.69 36.46
C LEU F 301 -13.99 -1.68 37.97
N LEU F 302 -14.30 -0.51 38.54
CA LEU F 302 -14.50 -0.36 39.97
C LEU F 302 -15.50 -1.38 40.51
N ILE F 303 -16.64 -1.45 39.82
CA ILE F 303 -17.74 -2.33 40.20
C ILE F 303 -17.32 -3.77 40.17
N GLN F 304 -16.78 -4.21 39.02
CA GLN F 304 -16.30 -5.58 38.87
C GLN F 304 -15.37 -5.98 40.03
N ALA F 305 -14.39 -5.13 40.29
CA ALA F 305 -13.48 -5.33 41.41
C ALA F 305 -14.26 -5.55 42.70
N ALA F 306 -15.23 -4.66 42.95
CA ALA F 306 -16.03 -4.76 44.17
C ALA F 306 -16.70 -6.13 44.26
N ILE F 307 -17.29 -6.54 43.15
CA ILE F 307 -18.08 -7.77 43.09
C ILE F 307 -17.19 -8.95 43.40
N VAL F 308 -15.98 -8.95 42.86
CA VAL F 308 -15.03 -10.00 43.18
C VAL F 308 -14.76 -10.03 44.67
N ARG F 309 -14.48 -8.87 45.25
CA ARG F 309 -14.23 -8.82 46.69
C ARG F 309 -15.35 -9.45 47.49
N ILE F 310 -16.57 -8.98 47.28
CA ILE F 310 -17.67 -9.48 48.09
C ILE F 310 -17.98 -10.90 47.76
N MET F 311 -17.86 -11.32 46.51
CA MET F 311 -18.15 -12.69 46.14
C MET F 311 -17.19 -13.67 46.85
N ARG F 312 -15.92 -13.31 46.87
CA ARG F 312 -14.94 -14.09 47.59
C ARG F 312 -15.27 -14.08 49.08
N MET F 313 -15.66 -12.92 49.61
CA MET F 313 -16.03 -12.82 51.01
C MET F 313 -17.31 -13.57 51.31
N ARG F 314 -18.28 -13.44 50.41
CA ARG F 314 -19.60 -14.02 50.54
C ARG F 314 -19.56 -15.50 50.33
N LYS F 315 -18.77 -15.89 49.34
CA LYS F 315 -18.67 -17.24 48.84
C LYS F 315 -19.90 -17.57 48.01
N VAL F 316 -21.05 -17.21 48.53
CA VAL F 316 -22.33 -17.33 47.83
C VAL F 316 -23.32 -16.32 48.39
N LEU F 317 -24.20 -15.82 47.51
CA LEU F 317 -25.34 -15.00 47.94
C LEU F 317 -26.28 -14.73 46.79
N LYS F 318 -27.49 -14.36 47.14
CA LYS F 318 -28.51 -14.07 46.17
C LYS F 318 -28.26 -12.71 45.53
N HIS F 319 -28.72 -12.61 44.29
CA HIS F 319 -28.56 -11.44 43.45
C HIS F 319 -28.87 -10.13 44.18
N GLN F 320 -30.01 -10.10 44.87
CA GLN F 320 -30.42 -8.94 45.65
C GLN F 320 -29.36 -8.52 46.66
N GLN F 321 -28.82 -9.50 47.39
CA GLN F 321 -27.83 -9.24 48.42
C GLN F 321 -26.54 -8.73 47.78
N LEU F 322 -26.21 -9.28 46.61
CA LEU F 322 -25.03 -8.84 45.90
C LEU F 322 -25.16 -7.37 45.59
N LEU F 323 -26.25 -7.01 44.94
CA LEU F 323 -26.50 -5.63 44.56
C LEU F 323 -26.45 -4.72 45.78
N GLY F 324 -27.07 -5.17 46.88
CA GLY F 324 -27.05 -4.41 48.11
C GLY F 324 -25.64 -4.10 48.54
N GLU F 325 -24.82 -5.14 48.63
CA GLU F 325 -23.46 -4.96 49.09
C GLU F 325 -22.61 -4.11 48.13
N VAL F 326 -22.69 -4.40 46.83
CA VAL F 326 -21.96 -3.61 45.84
C VAL F 326 -22.29 -2.15 46.00
N LEU F 327 -23.58 -1.88 46.18
CA LEU F 327 -24.07 -0.54 46.42
C LEU F 327 -23.42 0.12 47.64
N THR F 328 -23.74 -0.38 48.82
CA THR F 328 -23.26 0.23 50.06
C THR F 328 -21.73 0.32 50.11
N GLN F 329 -21.05 -0.54 49.37
CA GLN F 329 -19.58 -0.55 49.34
C GLN F 329 -19.02 0.50 48.37
N LEU F 330 -19.74 0.73 47.28
CA LEU F 330 -19.26 1.60 46.24
C LEU F 330 -19.78 3.06 46.30
N SER F 331 -20.56 3.37 47.33
CA SER F 331 -21.33 4.61 47.37
C SER F 331 -20.46 5.86 47.33
N SER F 332 -19.43 5.91 48.18
CA SER F 332 -18.63 7.12 48.38
C SER F 332 -18.10 7.73 47.09
N ARG F 333 -17.79 6.89 46.11
CA ARG F 333 -17.38 7.40 44.80
C ARG F 333 -18.58 7.75 43.91
N PHE F 334 -19.59 6.89 43.91
CA PHE F 334 -20.75 7.11 43.04
C PHE F 334 -21.91 6.15 43.35
N LYS F 335 -22.95 6.24 42.55
CA LYS F 335 -24.14 5.40 42.71
C LYS F 335 -24.52 4.83 41.37
N PRO F 336 -24.05 3.60 41.11
CA PRO F 336 -24.15 2.93 39.81
C PRO F 336 -25.58 2.51 39.49
N ARG F 337 -26.00 2.78 38.26
CA ARG F 337 -27.25 2.20 37.77
C ARG F 337 -27.11 0.69 37.69
N VAL F 338 -28.07 -0.02 38.26
CA VAL F 338 -27.95 -1.48 38.30
C VAL F 338 -27.84 -2.19 36.94
N PRO F 339 -28.43 -1.65 35.85
CA PRO F 339 -28.06 -2.33 34.60
C PRO F 339 -26.54 -2.36 34.32
N VAL F 340 -25.81 -1.40 34.87
CA VAL F 340 -24.35 -1.45 34.76
C VAL F 340 -23.81 -2.59 35.64
N ILE F 341 -24.27 -2.63 36.89
CA ILE F 341 -23.91 -3.68 37.84
C ILE F 341 -24.11 -5.06 37.25
N LYS F 342 -25.23 -5.19 36.54
CA LYS F 342 -25.62 -6.43 35.91
C LYS F 342 -24.73 -6.73 34.72
N LYS F 343 -24.40 -5.73 33.90
CA LYS F 343 -23.47 -6.03 32.81
C LYS F 343 -22.13 -6.46 33.37
N CYS F 344 -21.82 -5.97 34.57
CA CYS F 344 -20.57 -6.34 35.24
C CYS F 344 -20.61 -7.81 35.66
N ILE F 345 -21.72 -8.22 36.29
CA ILE F 345 -21.88 -9.63 36.62
C ILE F 345 -21.80 -10.49 35.36
N ASP F 346 -22.56 -10.12 34.34
CA ASP F 346 -22.52 -10.80 33.05
C ASP F 346 -21.09 -10.89 32.51
N ILE F 347 -20.25 -9.94 32.87
CA ILE F 347 -18.86 -9.99 32.45
C ILE F 347 -18.06 -10.99 33.29
N LEU F 348 -18.26 -10.96 34.60
CA LEU F 348 -17.52 -11.83 35.50
C LEU F 348 -18.00 -13.29 35.44
N ILE F 349 -19.10 -13.52 34.72
CA ILE F 349 -19.54 -14.87 34.43
C ILE F 349 -18.65 -15.45 33.32
N GLU F 350 -18.46 -14.67 32.25
CA GLU F 350 -17.74 -15.16 31.09
C GLU F 350 -16.24 -15.31 31.39
N LYS F 351 -15.73 -14.55 32.35
CA LYS F 351 -14.32 -14.61 32.72
C LYS F 351 -14.14 -15.64 33.85
N GLU F 352 -15.27 -16.21 34.26
CA GLU F 352 -15.32 -17.30 35.24
C GLU F 352 -14.90 -16.92 36.65
N TYR F 353 -15.26 -15.72 37.09
CA TYR F 353 -15.05 -15.35 38.48
C TYR F 353 -16.15 -15.88 39.37
N LEU F 354 -17.35 -15.97 38.82
CA LEU F 354 -18.45 -16.55 39.57
C LEU F 354 -19.42 -17.32 38.68
N GLU F 355 -20.27 -18.10 39.33
CA GLU F 355 -21.17 -19.01 38.64
C GLU F 355 -22.56 -18.96 39.25
N ARG F 356 -23.52 -19.54 38.55
CA ARG F 356 -24.86 -19.62 39.10
C ARG F 356 -25.12 -20.97 39.74
N VAL F 357 -25.52 -20.96 41.01
CA VAL F 357 -25.85 -22.19 41.71
C VAL F 357 -26.99 -22.90 41.02
N ASP F 358 -26.84 -24.19 40.75
CA ASP F 358 -27.88 -24.92 40.05
C ASP F 358 -29.09 -25.21 40.93
N GLY F 359 -30.27 -24.84 40.41
CA GLY F 359 -31.53 -25.11 41.10
C GLY F 359 -32.02 -23.96 41.96
N GLU F 360 -31.08 -23.13 42.41
CA GLU F 360 -31.44 -21.93 43.14
C GLU F 360 -31.44 -20.80 42.13
N LYS F 361 -32.60 -20.21 41.88
CA LYS F 361 -32.64 -19.07 40.97
C LYS F 361 -32.14 -17.85 41.75
N ASP F 362 -31.56 -16.89 41.03
CA ASP F 362 -31.16 -15.63 41.63
C ASP F 362 -30.09 -15.85 42.69
N THR F 363 -29.19 -16.80 42.47
CA THR F 363 -28.12 -17.04 43.45
C THR F 363 -26.77 -17.24 42.76
N TYR F 364 -25.76 -16.49 43.20
CA TYR F 364 -24.39 -16.60 42.68
C TYR F 364 -23.43 -17.18 43.69
N SER F 365 -22.44 -17.92 43.18
CA SER F 365 -21.35 -18.46 43.99
C SER F 365 -19.97 -18.22 43.39
N TYR F 366 -18.98 -18.10 44.25
CA TYR F 366 -17.61 -17.73 43.84
C TYR F 366 -16.82 -18.90 43.24
N LEU F 367 -15.88 -18.55 42.38
CA LEU F 367 -14.96 -19.51 41.78
C LEU F 367 -13.51 -19.18 42.11
N ALA F 368 -12.82 -20.11 42.78
CA ALA F 368 -11.38 -19.93 43.06
C ALA F 368 -10.52 -20.76 42.11
N GLU G 21 2.64 39.03 8.54
CA GLU G 21 2.30 37.69 9.02
C GLU G 21 2.48 37.53 10.52
N VAL G 22 3.12 36.43 10.90
CA VAL G 22 3.15 35.98 12.30
C VAL G 22 4.03 36.80 13.24
N LYS G 23 3.41 37.44 14.22
CA LYS G 23 4.10 38.12 15.32
C LYS G 23 4.33 37.37 16.63
N LYS G 24 3.31 36.67 17.11
CA LYS G 24 3.37 35.98 18.39
C LYS G 24 2.72 34.61 18.26
N TRP G 25 3.43 33.56 18.66
CA TRP G 25 2.89 32.21 18.58
C TRP G 25 3.14 31.34 19.81
N ASN G 26 2.08 30.94 20.49
CA ASN G 26 2.22 30.11 21.69
C ASN G 26 1.84 28.67 21.42
N ALA G 27 2.78 27.78 21.65
CA ALA G 27 2.57 26.38 21.29
C ALA G 27 2.63 25.45 22.50
N VAL G 28 1.98 24.30 22.37
CA VAL G 28 1.90 23.34 23.47
C VAL G 28 2.35 21.96 23.02
N ALA G 29 3.32 21.40 23.74
CA ALA G 29 3.86 20.08 23.41
C ALA G 29 4.05 19.23 24.66
N LEU G 30 4.02 17.91 24.46
CA LEU G 30 4.21 16.98 25.56
C LEU G 30 5.48 16.17 25.32
N TRP G 31 6.37 16.19 26.31
CA TRP G 31 7.59 15.40 26.21
C TRP G 31 7.28 13.97 26.62
N ALA G 32 7.63 13.03 25.75
CA ALA G 32 7.42 11.62 26.01
C ALA G 32 8.76 10.90 26.07
N TRP G 33 8.82 9.80 26.82
CA TRP G 33 10.07 9.06 26.98
C TRP G 33 10.49 8.34 25.71
N ASP G 34 11.75 8.52 25.32
CA ASP G 34 12.24 7.86 24.13
C ASP G 34 12.76 6.47 24.48
N ILE G 35 12.32 5.48 23.71
CA ILE G 35 12.53 4.09 24.10
C ILE G 35 13.43 3.38 23.10
N VAL G 36 14.12 2.36 23.58
CA VAL G 36 15.02 1.55 22.76
C VAL G 36 14.34 0.86 21.56
N VAL G 37 13.04 0.56 21.71
CA VAL G 37 12.14 0.01 20.67
C VAL G 37 12.49 -1.38 20.10
N ASP G 38 13.26 -2.17 20.84
CA ASP G 38 13.83 -3.40 20.27
C ASP G 38 12.90 -4.62 20.22
N ASN G 39 12.14 -4.85 21.30
CA ASN G 39 11.44 -6.12 21.47
C ASN G 39 9.97 -6.01 21.89
N CYS G 40 9.08 -6.71 21.19
CA CYS G 40 7.67 -6.78 21.62
C CYS G 40 7.60 -7.41 23.00
N ALA G 41 6.85 -6.80 23.90
CA ALA G 41 6.86 -7.24 25.30
C ALA G 41 5.74 -8.23 25.59
N ILE G 42 4.92 -8.52 24.60
CA ILE G 42 3.82 -9.45 24.82
C ILE G 42 4.19 -10.87 24.41
N CYS G 43 4.48 -11.05 23.12
CA CYS G 43 4.94 -12.34 22.62
C CYS G 43 6.45 -12.59 22.85
N ARG G 44 7.15 -11.55 23.31
CA ARG G 44 8.60 -11.61 23.54
C ARG G 44 9.45 -11.94 22.33
N ASN G 45 8.91 -11.73 21.14
CA ASN G 45 9.71 -11.85 19.93
C ASN G 45 10.43 -10.53 19.66
N HIS G 46 11.02 -10.42 18.47
CA HIS G 46 11.53 -9.14 18.03
C HIS G 46 10.43 -8.49 17.23
N ILE G 47 10.30 -7.17 17.37
CA ILE G 47 9.20 -6.43 16.75
C ILE G 47 9.18 -6.63 15.24
N MET G 48 10.33 -6.54 14.62
CA MET G 48 10.42 -6.68 13.17
C MET G 48 10.06 -8.10 12.73
N ASP G 49 10.36 -9.09 13.57
CA ASP G 49 9.96 -10.46 13.33
C ASP G 49 8.45 -10.62 13.47
N LEU G 50 7.92 -11.70 12.92
CA LEU G 50 6.50 -11.99 13.04
C LEU G 50 6.11 -12.18 14.50
N CYS G 51 4.85 -11.91 14.81
CA CYS G 51 4.34 -12.23 16.13
C CYS G 51 4.18 -13.76 16.23
N ILE G 52 4.16 -14.28 17.46
CA ILE G 52 4.12 -15.72 17.67
C ILE G 52 2.84 -16.34 17.17
N GLU G 53 1.77 -15.57 17.05
CA GLU G 53 0.51 -16.12 16.58
C GLU G 53 0.58 -16.34 15.07
N CYS G 54 1.29 -15.45 14.40
CA CYS G 54 1.46 -15.58 12.96
C CYS G 54 2.55 -16.60 12.66
N GLN G 55 3.45 -16.81 13.62
CA GLN G 55 4.52 -17.78 13.45
C GLN G 55 3.94 -19.19 13.26
N ALA G 56 2.76 -19.43 13.85
CA ALA G 56 2.04 -20.68 13.60
C ALA G 56 1.06 -20.49 12.45
N ASN G 57 1.35 -21.13 11.32
CA ASN G 57 0.51 -21.04 10.13
C ASN G 57 0.42 -22.37 9.37
N GLU G 65 0.95 -9.34 6.64
CA GLU G 65 -0.28 -8.98 7.32
C GLU G 65 -0.04 -8.72 8.81
N CYS G 66 1.13 -9.13 9.29
CA CYS G 66 1.52 -8.91 10.68
C CYS G 66 2.39 -7.67 10.75
N THR G 67 1.89 -6.62 11.40
CA THR G 67 2.58 -5.34 11.48
C THR G 67 2.68 -4.79 12.89
N VAL G 68 3.28 -3.60 12.97
CA VAL G 68 3.64 -3.00 14.26
C VAL G 68 2.77 -1.78 14.63
N ALA G 69 2.44 -1.68 15.91
CA ALA G 69 1.71 -0.55 16.44
C ALA G 69 2.45 0.15 17.60
N TRP G 70 2.21 1.44 17.71
CA TRP G 70 2.86 2.30 18.70
C TRP G 70 1.82 2.99 19.57
N GLY G 71 2.27 3.61 20.65
CA GLY G 71 1.40 4.31 21.57
C GLY G 71 2.08 5.55 22.11
N VAL G 72 1.31 6.44 22.69
CA VAL G 72 1.80 7.77 23.07
C VAL G 72 2.88 7.69 24.16
N CYS G 73 2.95 6.56 24.84
CA CYS G 73 4.00 6.28 25.81
C CYS G 73 5.29 5.83 25.12
N ASN G 74 5.20 5.63 23.80
CA ASN G 74 6.32 5.29 22.91
C ASN G 74 6.70 3.81 22.86
N HIS G 75 6.01 2.98 23.64
CA HIS G 75 6.17 1.54 23.52
C HIS G 75 5.62 1.01 22.21
N ALA G 76 6.21 -0.08 21.75
CA ALA G 76 5.74 -0.71 20.53
C ALA G 76 5.32 -2.17 20.77
N PHE G 77 4.47 -2.67 19.89
CA PHE G 77 3.96 -4.02 19.95
C PHE G 77 3.66 -4.46 18.54
N HIS G 78 3.44 -5.75 18.35
CA HIS G 78 2.80 -6.17 17.12
C HIS G 78 1.35 -5.74 17.20
N PHE G 79 0.70 -5.58 16.05
CA PHE G 79 -0.72 -5.24 16.03
C PHE G 79 -1.50 -6.35 16.73
N HIS G 80 -1.22 -7.58 16.31
CA HIS G 80 -1.92 -8.76 16.79
C HIS G 80 -1.78 -8.90 18.29
N CYS G 81 -0.61 -8.54 18.81
CA CYS G 81 -0.37 -8.68 20.25
C CYS G 81 -1.14 -7.65 21.07
N ILE G 82 -1.04 -6.39 20.67
CA ILE G 82 -1.64 -5.33 21.47
C ILE G 82 -3.17 -5.32 21.36
N SER G 83 -3.68 -5.67 20.17
CA SER G 83 -5.11 -5.74 19.94
C SER G 83 -5.90 -6.57 20.97
N ARG G 84 -5.45 -7.80 21.23
CA ARG G 84 -6.15 -8.65 22.17
C ARG G 84 -6.16 -8.05 23.55
N TRP G 85 -5.02 -7.49 23.92
CA TRP G 85 -4.87 -6.95 25.25
C TRP G 85 -5.84 -5.81 25.40
N LEU G 86 -6.00 -5.06 24.31
CA LEU G 86 -6.95 -3.96 24.32
C LEU G 86 -8.37 -4.52 24.48
N LYS G 87 -8.64 -5.64 23.81
CA LYS G 87 -9.95 -6.29 23.91
C LYS G 87 -10.24 -6.64 25.36
N THR G 88 -9.22 -6.86 26.17
CA THR G 88 -9.47 -7.04 27.60
C THR G 88 -9.74 -5.70 28.32
N ARG G 89 -8.85 -4.74 28.08
CA ARG G 89 -8.85 -3.43 28.75
C ARG G 89 -8.16 -2.42 27.84
N GLN G 90 -8.58 -1.15 27.87
CA GLN G 90 -7.93 -0.21 26.95
C GLN G 90 -6.85 0.56 27.69
N VAL G 91 -5.62 0.10 27.51
CA VAL G 91 -4.43 0.64 28.14
C VAL G 91 -3.21 0.14 27.38
N CYS G 92 -2.08 0.76 27.60
CA CYS G 92 -0.84 0.07 27.34
C CYS G 92 -0.67 -0.91 28.52
N PRO G 93 -0.19 -2.13 28.25
CA PRO G 93 0.00 -3.13 29.31
C PRO G 93 1.21 -2.86 30.21
N LEU G 94 2.24 -2.22 29.64
CA LEU G 94 3.47 -1.96 30.39
C LEU G 94 3.28 -0.89 31.46
N ASP G 95 2.78 0.25 31.01
CA ASP G 95 2.41 1.38 31.87
C ASP G 95 0.91 1.42 31.88
N ASN G 96 0.28 1.89 32.94
CA ASN G 96 -1.16 1.76 32.97
C ASN G 96 -1.83 2.87 32.16
N ARG G 97 -1.03 3.66 31.46
CA ARG G 97 -1.55 4.77 30.66
C ARG G 97 -2.63 4.30 29.70
N GLU G 98 -3.64 5.15 29.52
CA GLU G 98 -4.69 4.91 28.54
C GLU G 98 -4.06 4.72 27.16
N TRP G 99 -4.64 3.83 26.37
CA TRP G 99 -4.03 3.48 25.11
C TRP G 99 -4.47 4.40 23.96
N GLU G 100 -3.48 4.85 23.20
CA GLU G 100 -3.71 5.61 21.98
C GLU G 100 -2.65 5.29 20.93
N PHE G 101 -3.06 5.10 19.68
CA PHE G 101 -2.12 4.78 18.62
C PHE G 101 -1.27 6.00 18.31
N GLN G 102 -0.09 5.79 17.75
CA GLN G 102 0.71 6.89 17.23
C GLN G 102 0.65 6.90 15.71
N LYS G 103 1.44 7.78 15.10
CA LYS G 103 1.52 7.86 13.65
C LYS G 103 2.11 6.58 13.06
N LYS H 5 -16.39 -56.29 17.01
CA LYS H 5 -17.50 -56.22 16.07
C LYS H 5 -17.71 -54.82 15.51
N LEU H 6 -17.87 -53.84 16.38
CA LEU H 6 -17.96 -52.43 15.99
C LEU H 6 -16.71 -51.94 15.26
N GLU H 7 -15.57 -52.54 15.61
CA GLU H 7 -14.25 -52.10 15.15
C GLU H 7 -14.17 -52.00 13.63
N GLN H 8 -14.81 -52.93 12.92
CA GLN H 8 -14.81 -52.91 11.46
C GLN H 8 -15.61 -51.73 10.93
N LEU H 9 -16.77 -51.49 11.55
CA LEU H 9 -17.61 -50.34 11.19
C LEU H 9 -16.85 -49.03 11.39
N TYR H 10 -16.31 -48.84 12.59
CA TYR H 10 -15.49 -47.68 12.89
C TYR H 10 -14.34 -47.53 11.90
N ASN H 11 -13.65 -48.63 11.59
CA ASN H 11 -12.57 -48.62 10.61
C ASN H 11 -13.09 -48.23 9.23
N ARG H 12 -14.38 -48.41 9.02
CA ARG H 12 -15.02 -47.98 7.77
C ARG H 12 -15.28 -46.47 7.81
N TYR H 13 -15.59 -45.94 8.99
CA TYR H 13 -15.89 -44.51 9.12
C TYR H 13 -14.66 -43.59 9.17
N LYS H 14 -13.62 -44.01 9.89
CA LYS H 14 -12.43 -43.20 10.09
C LYS H 14 -11.75 -42.86 8.76
N ASP H 15 -11.07 -41.72 8.72
CA ASP H 15 -10.26 -41.36 7.55
C ASP H 15 -8.83 -41.88 7.75
N PRO H 16 -8.14 -42.22 6.64
CA PRO H 16 -6.80 -42.80 6.71
C PRO H 16 -5.74 -41.90 7.36
N GLN H 17 -5.99 -40.60 7.43
CA GLN H 17 -5.01 -39.67 7.96
C GLN H 17 -4.87 -39.80 9.47
N ASP H 18 -5.94 -39.50 10.19
CA ASP H 18 -6.00 -39.72 11.64
C ASP H 18 -6.66 -41.06 11.94
N GLU H 19 -6.10 -41.81 12.87
CA GLU H 19 -6.70 -43.06 13.27
C GLU H 19 -7.91 -42.81 14.16
N ASN H 20 -7.74 -41.92 15.14
CA ASN H 20 -8.72 -41.73 16.20
C ASN H 20 -9.92 -40.84 15.84
N LYS H 21 -9.71 -39.90 14.93
CA LYS H 21 -10.74 -38.92 14.60
C LYS H 21 -11.55 -39.35 13.39
N ILE H 22 -12.86 -39.15 13.45
CA ILE H 22 -13.72 -39.51 12.33
C ILE H 22 -13.97 -38.32 11.41
N GLY H 23 -13.50 -38.46 10.18
CA GLY H 23 -13.63 -37.41 9.18
C GLY H 23 -15.06 -37.07 8.82
N ILE H 24 -15.24 -35.97 8.12
CA ILE H 24 -16.56 -35.51 7.75
C ILE H 24 -17.09 -36.41 6.63
N ASP H 25 -16.15 -36.93 5.84
CA ASP H 25 -16.45 -37.88 4.77
C ASP H 25 -17.10 -39.08 5.41
N GLY H 26 -16.59 -39.43 6.59
CA GLY H 26 -17.11 -40.57 7.32
C GLY H 26 -18.30 -40.21 8.18
N ILE H 27 -18.44 -38.92 8.51
CA ILE H 27 -19.53 -38.47 9.36
C ILE H 27 -20.85 -38.43 8.58
N GLN H 28 -20.82 -38.00 7.32
CA GLN H 28 -22.06 -37.98 6.53
C GLN H 28 -22.38 -39.39 6.06
N GLN H 29 -21.34 -40.23 5.98
CA GLN H 29 -21.55 -41.65 5.79
C GLN H 29 -22.36 -42.17 6.97
N PHE H 30 -21.91 -41.81 8.18
CA PHE H 30 -22.56 -42.26 9.40
C PHE H 30 -24.00 -41.84 9.47
N CYS H 31 -24.29 -40.62 9.02
CA CYS H 31 -25.67 -40.14 9.04
C CYS H 31 -26.52 -40.79 7.96
N ASP H 32 -25.93 -41.02 6.79
CA ASP H 32 -26.63 -41.68 5.69
C ASP H 32 -27.02 -43.10 6.06
N ASP H 33 -26.15 -43.78 6.81
CA ASP H 33 -26.44 -45.15 7.23
C ASP H 33 -27.62 -45.22 8.18
N LEU H 34 -27.82 -44.14 8.93
CA LEU H 34 -28.98 -44.04 9.82
C LEU H 34 -30.22 -43.48 9.11
N ALA H 35 -30.07 -43.15 7.83
CA ALA H 35 -31.15 -42.63 6.98
C ALA H 35 -31.58 -41.20 7.36
N LEU H 36 -31.00 -40.67 8.44
CA LEU H 36 -31.35 -39.35 8.92
C LEU H 36 -30.64 -38.24 8.14
N ASP H 37 -30.95 -37.01 8.50
CA ASP H 37 -30.22 -35.85 8.00
C ASP H 37 -29.00 -35.59 8.87
N PRO H 38 -27.93 -35.04 8.28
CA PRO H 38 -26.79 -34.68 9.11
C PRO H 38 -27.17 -33.61 10.11
N ALA H 39 -28.08 -32.72 9.70
CA ALA H 39 -28.47 -31.59 10.52
C ALA H 39 -29.66 -31.93 11.40
N SER H 40 -30.09 -33.18 11.37
CA SER H 40 -31.29 -33.57 12.09
C SER H 40 -31.10 -33.47 13.60
N ILE H 41 -32.24 -33.38 14.29
CA ILE H 41 -32.29 -33.27 15.75
C ILE H 41 -31.84 -34.57 16.47
N SER H 42 -32.22 -35.70 15.90
CA SER H 42 -31.95 -36.99 16.51
C SER H 42 -30.45 -37.28 16.55
N VAL H 43 -29.75 -36.97 15.47
CA VAL H 43 -28.29 -37.13 15.40
C VAL H 43 -27.60 -36.25 16.44
N LEU H 44 -28.21 -35.10 16.74
CA LEU H 44 -27.71 -34.25 17.81
C LEU H 44 -27.89 -34.98 19.14
N ILE H 45 -29.01 -35.68 19.27
CA ILE H 45 -29.25 -36.45 20.49
C ILE H 45 -28.22 -37.57 20.61
N ILE H 46 -27.84 -38.13 19.46
CA ILE H 46 -26.82 -39.17 19.42
C ILE H 46 -25.46 -38.63 19.86
N ALA H 47 -25.03 -37.54 19.22
CA ALA H 47 -23.78 -36.85 19.58
C ALA H 47 -23.78 -36.45 21.06
N TRP H 48 -24.97 -36.19 21.58
CA TRP H 48 -25.16 -35.90 23.00
C TRP H 48 -24.88 -37.17 23.81
N LYS H 49 -25.36 -38.30 23.33
CA LYS H 49 -25.16 -39.56 24.03
C LYS H 49 -23.72 -40.05 23.98
N PHE H 50 -23.02 -39.74 22.88
CA PHE H 50 -21.61 -40.07 22.73
C PHE H 50 -20.70 -39.15 23.53
N ARG H 51 -21.31 -38.14 24.16
CA ARG H 51 -20.58 -37.11 24.91
C ARG H 51 -19.54 -36.45 24.03
N ALA H 52 -19.94 -36.17 22.79
CA ALA H 52 -19.06 -35.58 21.79
C ALA H 52 -18.62 -34.18 22.21
N ALA H 53 -17.36 -33.84 21.89
CA ALA H 53 -16.79 -32.55 22.30
C ALA H 53 -17.31 -31.42 21.42
N THR H 54 -17.26 -31.65 20.11
CA THR H 54 -17.62 -30.61 19.15
C THR H 54 -18.31 -31.25 17.95
N GLN H 55 -18.97 -30.42 17.15
CA GLN H 55 -19.78 -30.90 16.03
C GLN H 55 -18.94 -31.37 14.87
N CYS H 56 -19.52 -32.26 14.05
CA CYS H 56 -18.89 -32.81 12.84
C CYS H 56 -17.68 -33.70 13.13
N GLU H 57 -17.30 -33.78 14.40
CA GLU H 57 -16.06 -34.42 14.79
C GLU H 57 -16.30 -35.49 15.85
N PHE H 58 -16.02 -36.74 15.48
CA PHE H 58 -16.10 -37.86 16.42
C PHE H 58 -14.73 -38.48 16.65
N SER H 59 -14.24 -38.39 17.89
CA SER H 59 -13.02 -39.08 18.27
C SER H 59 -13.32 -40.54 18.55
N LYS H 60 -12.30 -41.39 18.42
CA LYS H 60 -12.44 -42.82 18.66
C LYS H 60 -13.06 -43.10 20.03
N GLN H 61 -12.56 -42.41 21.05
CA GLN H 61 -13.01 -42.63 22.41
C GLN H 61 -14.50 -42.32 22.53
N GLU H 62 -14.91 -41.20 21.94
CA GLU H 62 -16.31 -40.80 21.89
C GLU H 62 -17.18 -41.88 21.26
N PHE H 63 -16.76 -42.33 20.07
CA PHE H 63 -17.50 -43.32 19.31
C PHE H 63 -17.62 -44.63 20.08
N MET H 64 -16.47 -45.18 20.44
CA MET H 64 -16.37 -46.46 21.13
C MET H 64 -17.15 -46.48 22.43
N ASP H 65 -16.80 -45.59 23.35
CA ASP H 65 -17.44 -45.56 24.66
C ASP H 65 -18.92 -45.22 24.54
N GLY H 66 -19.27 -44.35 23.59
CA GLY H 66 -20.66 -44.01 23.34
C GLY H 66 -21.53 -45.18 22.91
N MET H 67 -21.09 -45.88 21.86
CA MET H 67 -21.83 -47.01 21.32
C MET H 67 -21.84 -48.14 22.34
N THR H 68 -20.75 -48.27 23.08
CA THR H 68 -20.60 -49.32 24.09
C THR H 68 -21.54 -49.09 25.27
N GLU H 69 -21.72 -47.83 25.62
CA GLU H 69 -22.59 -47.44 26.72
C GLU H 69 -24.02 -47.47 26.21
N LEU H 70 -24.16 -47.40 24.88
CA LEU H 70 -25.43 -47.62 24.23
C LEU H 70 -25.67 -49.11 24.03
N GLY H 71 -24.63 -49.91 24.26
CA GLY H 71 -24.69 -51.36 24.08
C GLY H 71 -25.15 -51.74 22.69
N CYS H 72 -24.53 -51.15 21.67
CA CYS H 72 -24.91 -51.42 20.28
C CYS H 72 -23.73 -51.93 19.49
N ASP H 73 -23.96 -53.01 18.74
CA ASP H 73 -22.92 -53.58 17.91
C ASP H 73 -23.05 -53.09 16.47
N SER H 74 -24.08 -52.29 16.20
CA SER H 74 -24.30 -51.79 14.85
C SER H 74 -25.15 -50.53 14.78
N ILE H 75 -25.25 -50.02 13.55
CA ILE H 75 -26.14 -48.91 13.21
C ILE H 75 -27.59 -49.27 13.48
N GLU H 76 -27.97 -50.46 13.02
CA GLU H 76 -29.35 -50.94 13.12
C GLU H 76 -29.76 -51.13 14.57
N LYS H 77 -28.79 -51.45 15.43
CA LYS H 77 -29.06 -51.63 16.85
C LYS H 77 -29.09 -50.28 17.54
N LEU H 78 -28.48 -49.29 16.89
CA LEU H 78 -28.50 -47.91 17.37
C LEU H 78 -29.85 -47.25 17.15
N LYS H 79 -30.34 -47.33 15.92
CA LYS H 79 -31.61 -46.71 15.56
C LYS H 79 -32.73 -47.14 16.49
N ALA H 80 -32.72 -48.40 16.91
CA ALA H 80 -33.76 -48.89 17.82
C ALA H 80 -33.56 -48.29 19.22
N GLN H 81 -32.36 -47.79 19.48
CA GLN H 81 -32.10 -47.11 20.75
C GLN H 81 -32.40 -45.61 20.65
N ILE H 82 -32.56 -45.11 19.43
CA ILE H 82 -32.92 -43.70 19.25
C ILE H 82 -34.23 -43.32 19.99
N PRO H 83 -35.33 -44.07 19.79
CA PRO H 83 -36.52 -43.72 20.56
C PRO H 83 -36.34 -43.93 22.07
N LYS H 84 -35.34 -44.71 22.45
CA LYS H 84 -35.07 -44.95 23.86
C LYS H 84 -34.45 -43.68 24.45
N MET H 85 -33.63 -43.01 23.67
CA MET H 85 -32.95 -41.79 24.10
C MET H 85 -33.92 -40.63 24.23
N GLU H 86 -34.78 -40.50 23.23
CA GLU H 86 -35.75 -39.42 23.20
C GLU H 86 -36.68 -39.44 24.42
N GLN H 87 -36.86 -40.62 25.00
CA GLN H 87 -37.76 -40.76 26.14
C GLN H 87 -37.10 -40.36 27.45
N GLU H 88 -35.78 -40.14 27.41
CA GLU H 88 -35.04 -39.80 28.61
C GLU H 88 -35.30 -38.35 29.00
N LEU H 89 -35.28 -37.50 27.99
CA LEU H 89 -35.47 -36.06 28.13
C LEU H 89 -36.67 -35.75 29.02
N LYS H 90 -37.72 -36.54 28.83
CA LYS H 90 -39.05 -36.34 29.39
C LYS H 90 -39.07 -36.03 30.89
N GLU H 91 -38.48 -36.88 31.72
CA GLU H 91 -38.50 -36.65 33.16
C GLU H 91 -37.08 -36.43 33.71
N PRO H 92 -36.92 -36.20 35.04
CA PRO H 92 -36.19 -34.98 35.38
C PRO H 92 -34.96 -34.82 34.53
N GLY H 93 -34.88 -33.65 33.89
CA GLY H 93 -33.99 -33.54 32.76
C GLY H 93 -32.76 -32.79 33.20
N ARG H 94 -31.61 -32.96 32.52
CA ARG H 94 -31.34 -33.86 31.38
C ARG H 94 -32.04 -33.51 30.06
N PHE H 95 -32.98 -32.56 30.05
CA PHE H 95 -33.16 -31.83 28.82
C PHE H 95 -32.22 -30.63 28.90
N LYS H 96 -32.19 -30.04 30.09
CA LYS H 96 -31.34 -28.89 30.39
C LYS H 96 -29.89 -29.23 30.03
N ASP H 97 -29.48 -30.45 30.42
CA ASP H 97 -28.13 -30.97 30.19
C ASP H 97 -27.86 -31.17 28.70
N PHE H 98 -28.91 -31.59 28.01
CA PHE H 98 -28.88 -31.76 26.57
C PHE H 98 -28.72 -30.41 25.87
N TYR H 99 -29.58 -29.46 26.28
CA TYR H 99 -29.61 -28.09 25.78
C TYR H 99 -28.26 -27.41 25.99
N GLN H 100 -27.76 -27.45 27.21
CA GLN H 100 -26.49 -26.82 27.51
C GLN H 100 -25.36 -27.51 26.76
N PHE H 101 -25.46 -28.84 26.62
CA PHE H 101 -24.52 -29.61 25.81
C PHE H 101 -24.41 -29.02 24.42
N THR H 102 -25.57 -28.71 23.85
CA THR H 102 -25.65 -28.16 22.50
C THR H 102 -24.70 -26.97 22.31
N PHE H 103 -24.53 -26.14 23.33
CA PHE H 103 -23.69 -24.94 23.22
C PHE H 103 -22.23 -25.28 22.85
N ASN H 104 -21.52 -25.87 23.81
CA ASN H 104 -20.11 -26.20 23.64
C ASN H 104 -19.94 -27.15 22.47
N PHE H 105 -20.98 -27.91 22.20
CA PHE H 105 -21.00 -28.78 21.03
C PHE H 105 -20.96 -27.99 19.72
N ALA H 106 -21.79 -26.96 19.62
CA ALA H 106 -21.99 -26.27 18.35
C ALA H 106 -20.90 -25.26 18.00
N LYS H 107 -20.22 -24.74 19.03
CA LYS H 107 -19.14 -23.79 18.82
C LYS H 107 -17.84 -24.50 18.45
N ASN H 108 -16.81 -23.69 18.19
CA ASN H 108 -15.46 -24.21 18.03
C ASN H 108 -14.79 -24.23 19.39
N PRO H 109 -14.05 -25.30 19.72
CA PRO H 109 -13.52 -25.28 21.09
C PRO H 109 -12.18 -24.55 21.22
N GLY H 110 -12.05 -23.38 20.60
CA GLY H 110 -10.98 -22.46 20.91
C GLY H 110 -11.52 -21.21 21.57
N GLN H 111 -12.85 -21.13 21.65
CA GLN H 111 -13.56 -19.90 21.95
C GLN H 111 -14.55 -20.06 23.08
N LYS H 112 -14.88 -18.96 23.76
CA LYS H 112 -15.89 -19.00 24.81
C LYS H 112 -17.27 -18.64 24.27
N GLY H 113 -17.31 -18.16 23.03
CA GLY H 113 -18.55 -17.71 22.42
C GLY H 113 -19.10 -18.66 21.38
N LEU H 114 -20.25 -18.29 20.82
CA LEU H 114 -20.93 -19.07 19.78
C LEU H 114 -21.43 -18.13 18.69
N ASP H 115 -21.05 -18.39 17.44
CA ASP H 115 -21.41 -17.51 16.33
C ASP H 115 -22.92 -17.31 16.24
N LEU H 116 -23.35 -16.10 15.87
CA LEU H 116 -24.74 -15.68 15.93
C LEU H 116 -25.60 -16.26 14.81
N GLU H 117 -25.00 -16.40 13.63
CA GLU H 117 -25.69 -17.06 12.53
C GLU H 117 -25.90 -18.52 12.90
N MET H 118 -24.96 -19.06 13.68
CA MET H 118 -25.12 -20.34 14.36
C MET H 118 -25.93 -20.06 15.62
N ALA H 119 -26.15 -21.10 16.43
CA ALA H 119 -26.89 -20.98 17.68
C ALA H 119 -28.30 -20.52 17.44
N ILE H 120 -28.62 -20.23 16.19
CA ILE H 120 -29.97 -19.85 15.79
C ILE H 120 -30.55 -21.14 15.19
N ALA H 121 -29.84 -21.71 14.22
CA ALA H 121 -30.14 -23.01 13.69
C ALA H 121 -30.36 -24.03 14.80
N TYR H 122 -29.53 -23.96 15.84
CA TYR H 122 -29.64 -24.95 16.91
C TYR H 122 -30.75 -24.59 17.89
N TRP H 123 -31.16 -23.33 17.88
CA TRP H 123 -32.30 -22.88 18.67
C TRP H 123 -33.62 -23.25 17.97
N ASN H 124 -33.64 -23.08 16.65
CA ASN H 124 -34.78 -23.50 15.84
C ASN H 124 -34.89 -25.03 15.80
N LEU H 125 -33.87 -25.70 16.31
CA LEU H 125 -33.82 -27.14 16.37
C LEU H 125 -34.31 -27.64 17.72
N VAL H 126 -33.61 -27.24 18.77
CA VAL H 126 -33.90 -27.71 20.12
C VAL H 126 -35.08 -27.00 20.79
N LEU H 127 -35.16 -25.68 20.64
CA LEU H 127 -36.16 -24.87 21.36
C LEU H 127 -37.44 -24.73 20.58
N ASN H 128 -37.45 -25.23 19.36
CA ASN H 128 -38.68 -25.26 18.57
C ASN H 128 -39.83 -25.97 19.29
N GLY H 129 -40.97 -25.29 19.37
CA GLY H 129 -42.14 -25.82 20.04
C GLY H 129 -42.13 -25.60 21.54
N ARG H 130 -40.96 -25.30 22.10
CA ARG H 130 -40.88 -24.96 23.52
C ARG H 130 -40.93 -23.45 23.76
N PHE H 131 -40.77 -22.68 22.68
CA PHE H 131 -40.59 -21.23 22.78
C PHE H 131 -41.44 -20.49 21.76
N LYS H 132 -42.40 -19.72 22.25
CA LYS H 132 -43.39 -19.11 21.35
C LYS H 132 -42.79 -17.99 20.51
N PHE H 133 -42.17 -17.04 21.19
CA PHE H 133 -41.63 -15.85 20.55
C PHE H 133 -40.20 -16.08 20.08
N LEU H 134 -39.78 -17.34 20.04
CA LEU H 134 -38.46 -17.71 19.53
C LEU H 134 -38.09 -17.00 18.24
N ASP H 135 -38.98 -17.02 17.25
CA ASP H 135 -38.69 -16.34 16.01
C ASP H 135 -38.46 -14.85 16.21
N LEU H 136 -39.26 -14.25 17.08
CA LEU H 136 -39.09 -12.85 17.47
C LEU H 136 -37.69 -12.65 18.04
N TRP H 137 -37.29 -13.57 18.94
CA TRP H 137 -35.95 -13.54 19.53
C TRP H 137 -34.89 -13.55 18.43
N ASN H 138 -35.12 -14.37 17.41
CA ASN H 138 -34.16 -14.49 16.31
C ASN H 138 -34.11 -13.22 15.50
N LYS H 139 -35.25 -12.53 15.37
CA LYS H 139 -35.34 -11.25 14.66
C LYS H 139 -34.55 -10.22 15.47
N PHE H 140 -34.78 -10.22 16.78
CA PHE H 140 -33.90 -9.51 17.72
C PHE H 140 -32.51 -10.05 17.52
N LEU H 141 -31.51 -9.20 17.78
CA LEU H 141 -30.11 -9.60 17.70
C LEU H 141 -29.71 -10.10 16.29
N LEU H 142 -30.66 -10.20 15.38
CA LEU H 142 -30.25 -10.19 13.99
C LEU H 142 -30.32 -8.72 13.60
N GLU H 143 -31.04 -7.98 14.43
CA GLU H 143 -31.17 -6.53 14.35
C GLU H 143 -30.30 -5.83 15.40
N HIS H 144 -30.62 -6.02 16.68
CA HIS H 144 -30.00 -5.22 17.75
C HIS H 144 -28.69 -5.70 18.38
N HIS H 145 -28.33 -6.96 18.23
CA HIS H 145 -27.04 -7.44 18.78
C HIS H 145 -26.28 -8.28 17.77
N LYS H 146 -25.15 -7.78 17.28
CA LYS H 146 -24.50 -8.43 16.15
C LYS H 146 -23.38 -9.37 16.53
N ARG H 147 -23.09 -9.50 17.82
CA ARG H 147 -21.98 -10.34 18.26
C ARG H 147 -22.43 -11.76 18.65
N SER H 148 -21.47 -12.56 19.11
CA SER H 148 -21.71 -13.97 19.44
C SER H 148 -22.52 -14.14 20.71
N ILE H 149 -23.13 -15.32 20.86
CA ILE H 149 -23.88 -15.64 22.07
C ILE H 149 -22.95 -16.06 23.19
N PRO H 150 -23.12 -15.46 24.37
CA PRO H 150 -22.38 -15.90 25.55
C PRO H 150 -22.97 -17.21 26.08
N LYS H 151 -22.12 -18.07 26.64
CA LYS H 151 -22.55 -19.35 27.20
C LYS H 151 -23.73 -19.21 28.16
N ASP H 152 -23.64 -18.26 29.08
CA ASP H 152 -24.67 -18.06 30.10
C ASP H 152 -26.00 -17.55 29.52
N THR H 153 -25.91 -16.79 28.44
CA THR H 153 -27.10 -16.27 27.79
C THR H 153 -27.86 -17.42 27.16
N TRP H 154 -27.14 -18.21 26.37
CA TRP H 154 -27.65 -19.46 25.83
C TRP H 154 -28.33 -20.23 26.95
N ASN H 155 -27.55 -20.59 27.96
CA ASN H 155 -28.07 -21.41 29.05
C ASN H 155 -29.38 -20.89 29.60
N LEU H 156 -29.45 -19.60 29.84
CA LEU H 156 -30.59 -19.04 30.55
C LEU H 156 -31.83 -18.90 29.66
N LEU H 157 -31.64 -18.89 28.34
CA LEU H 157 -32.80 -18.78 27.45
C LEU H 157 -33.81 -19.92 27.64
N LEU H 158 -33.35 -21.07 28.12
CA LEU H 158 -34.25 -22.17 28.45
C LEU H 158 -35.16 -21.81 29.64
N ASP H 159 -34.53 -21.34 30.72
CA ASP H 159 -35.26 -20.89 31.91
C ASP H 159 -36.19 -19.72 31.56
N PHE H 160 -35.89 -19.01 30.48
CA PHE H 160 -36.80 -17.99 29.95
C PHE H 160 -38.01 -18.67 29.28
N SER H 161 -37.72 -19.67 28.46
CA SER H 161 -38.74 -20.37 27.71
C SER H 161 -39.65 -21.20 28.63
N THR H 162 -39.24 -21.32 29.89
CA THR H 162 -39.91 -22.23 30.81
C THR H 162 -40.50 -21.53 32.03
N MET H 163 -39.65 -20.83 32.78
CA MET H 163 -40.09 -20.11 33.97
C MET H 163 -41.01 -18.87 33.77
N ILE H 164 -40.94 -18.18 32.64
CA ILE H 164 -41.76 -16.97 32.49
C ILE H 164 -42.77 -17.03 31.36
N ALA H 165 -43.86 -16.27 31.55
CA ALA H 165 -45.04 -16.31 30.69
C ALA H 165 -44.78 -15.81 29.27
N ASP H 166 -45.69 -16.15 28.37
CA ASP H 166 -45.64 -15.71 26.98
C ASP H 166 -45.71 -14.19 26.86
N ASP H 167 -46.60 -13.56 27.63
CA ASP H 167 -46.74 -12.10 27.57
C ASP H 167 -45.72 -11.35 28.45
N MET H 168 -44.84 -12.12 29.09
CA MET H 168 -43.75 -11.57 29.89
C MET H 168 -44.28 -10.74 31.06
N SER H 169 -45.34 -11.24 31.70
CA SER H 169 -45.91 -10.55 32.86
C SER H 169 -45.02 -10.63 34.09
N ASN H 170 -44.54 -11.85 34.39
CA ASN H 170 -43.78 -12.12 35.61
C ASN H 170 -42.28 -11.88 35.49
N TYR H 171 -41.88 -11.35 34.33
CA TYR H 171 -40.48 -10.98 34.09
C TYR H 171 -40.05 -9.78 34.93
N ASP H 172 -38.83 -9.85 35.45
CA ASP H 172 -38.19 -8.74 36.15
C ASP H 172 -36.90 -8.36 35.43
N GLU H 173 -36.77 -7.07 35.11
CA GLU H 173 -35.57 -6.59 34.44
C GLU H 173 -34.54 -6.16 35.49
N GLU H 174 -34.98 -6.08 36.75
CA GLU H 174 -34.06 -5.80 37.85
C GLU H 174 -33.62 -7.11 38.52
N GLY H 175 -34.02 -8.23 37.92
CA GLY H 175 -33.66 -9.54 38.43
C GLY H 175 -32.34 -10.04 37.88
N ALA H 176 -32.14 -11.36 37.95
CA ALA H 176 -30.82 -11.96 37.69
C ALA H 176 -30.60 -12.41 36.24
N TRP H 177 -31.52 -12.07 35.35
CA TRP H 177 -31.36 -12.47 33.95
C TRP H 177 -30.15 -11.79 33.30
N PRO H 178 -29.61 -12.44 32.25
CA PRO H 178 -28.59 -11.81 31.42
C PRO H 178 -29.13 -10.53 30.87
N VAL H 179 -28.32 -9.48 30.80
CA VAL H 179 -28.78 -8.20 30.32
C VAL H 179 -29.24 -8.26 28.87
N LEU H 180 -28.82 -9.28 28.14
CA LEU H 180 -29.26 -9.42 26.77
C LEU H 180 -30.70 -9.92 26.70
N ILE H 181 -31.08 -10.75 27.67
CA ILE H 181 -32.48 -11.16 27.79
C ILE H 181 -33.32 -9.95 28.17
N ASP H 182 -32.79 -9.09 29.04
CA ASP H 182 -33.47 -7.86 29.41
C ASP H 182 -33.63 -6.94 28.20
N ASP H 183 -32.59 -6.90 27.37
CA ASP H 183 -32.65 -6.18 26.09
C ASP H 183 -33.82 -6.68 25.28
N PHE H 184 -33.88 -8.00 25.13
CA PHE H 184 -34.95 -8.61 24.36
C PHE H 184 -36.33 -8.30 24.92
N VAL H 185 -36.54 -8.51 26.21
CA VAL H 185 -37.84 -8.25 26.84
C VAL H 185 -38.28 -6.81 26.64
N GLU H 186 -37.35 -5.88 26.90
CA GLU H 186 -37.61 -4.47 26.65
C GLU H 186 -38.02 -4.24 25.20
N PHE H 187 -37.36 -4.94 24.28
CA PHE H 187 -37.68 -4.84 22.86
C PHE H 187 -39.04 -5.49 22.56
N ALA H 188 -39.47 -6.37 23.45
CA ALA H 188 -40.53 -7.34 23.18
C ALA H 188 -41.89 -6.87 23.63
N ARG H 189 -42.03 -6.59 24.93
CA ARG H 189 -43.31 -6.22 25.53
C ARG H 189 -44.18 -5.23 24.69
N PRO H 190 -43.57 -4.17 24.10
CA PRO H 190 -44.37 -3.30 23.23
C PRO H 190 -45.20 -4.00 22.16
N GLN H 191 -44.58 -4.92 21.42
CA GLN H 191 -45.26 -5.55 20.29
C GLN H 191 -46.19 -6.65 20.75
N ILE H 192 -45.76 -7.40 21.77
CA ILE H 192 -46.52 -8.57 22.24
C ILE H 192 -47.62 -8.27 23.26
N ALA H 193 -47.55 -7.15 23.96
CA ALA H 193 -48.50 -6.92 25.04
C ALA H 193 -49.79 -6.36 24.48
N GLY H 194 -49.82 -6.16 23.17
CA GLY H 194 -51.00 -5.66 22.50
C GLY H 194 -51.74 -6.70 21.68
N THR H 195 -51.31 -7.95 21.80
CA THR H 195 -51.93 -9.04 21.04
C THR H 195 -52.46 -10.13 21.96
N LYS H 196 -53.48 -10.85 21.49
CA LYS H 196 -54.10 -11.91 22.29
C LYS H 196 -53.66 -13.28 21.77
N SER H 197 -52.91 -14.00 22.60
CA SER H 197 -52.36 -15.29 22.22
C SER H 197 -53.43 -16.35 22.11
N THR H 198 -53.44 -17.04 20.97
CA THR H 198 -54.31 -18.20 20.76
C THR H 198 -53.57 -19.43 21.27
N THR H 199 -52.34 -19.17 21.75
CA THR H 199 -51.37 -20.15 22.28
C THR H 199 -50.62 -20.78 21.12
N ILE I 2 -24.63 -29.45 11.80
CA ILE I 2 -25.15 -28.42 10.90
C ILE I 2 -24.20 -28.00 9.78
N LYS I 3 -23.01 -27.55 10.15
CA LYS I 3 -22.13 -26.91 9.17
C LYS I 3 -21.28 -27.86 8.32
N LEU I 4 -21.41 -29.17 8.53
CA LEU I 4 -20.59 -30.13 7.78
C LEU I 4 -20.62 -29.90 6.27
N PHE I 5 -21.79 -29.53 5.74
CA PHE I 5 -21.93 -29.25 4.32
C PHE I 5 -20.96 -28.15 3.87
N SER I 6 -20.98 -27.04 4.60
CA SER I 6 -20.10 -25.91 4.30
C SER I 6 -18.66 -26.39 4.32
N LEU I 7 -18.33 -27.17 5.36
CA LEU I 7 -16.99 -27.74 5.51
C LEU I 7 -16.60 -28.52 4.24
N LYS I 8 -17.55 -29.29 3.73
CA LYS I 8 -17.33 -30.10 2.54
C LYS I 8 -17.02 -29.20 1.36
N GLN I 9 -17.76 -28.09 1.25
CA GLN I 9 -17.49 -27.14 0.16
C GLN I 9 -16.11 -26.52 0.30
N GLN I 10 -15.67 -26.34 1.55
CA GLN I 10 -14.35 -25.77 1.79
C GLN I 10 -13.27 -26.81 1.52
N LYS I 11 -13.66 -28.08 1.55
CA LYS I 11 -12.76 -29.17 1.19
C LYS I 11 -12.67 -29.22 -0.33
N LYS I 12 -13.78 -28.87 -0.97
CA LYS I 12 -13.88 -28.92 -2.41
C LYS I 12 -13.14 -27.74 -3.04
N GLU I 13 -12.89 -26.72 -2.22
CA GLU I 13 -12.13 -25.56 -2.67
C GLU I 13 -10.62 -25.79 -2.58
N GLU I 14 -10.22 -26.75 -1.76
CA GLU I 14 -8.80 -26.89 -1.41
C GLU I 14 -7.98 -27.64 -2.46
N GLU I 15 -8.62 -28.06 -3.53
CA GLU I 15 -7.90 -28.70 -4.64
C GLU I 15 -7.40 -27.66 -5.63
N ALA I 29 4.49 -25.08 17.42
CA ALA I 29 3.64 -24.73 18.56
C ALA I 29 3.41 -23.22 18.59
N ALA I 30 2.33 -22.79 19.25
CA ALA I 30 2.07 -21.34 19.39
C ALA I 30 2.75 -20.75 20.64
N GLN I 31 3.24 -21.65 21.50
CA GLN I 31 4.23 -21.29 22.51
C GLN I 31 5.25 -22.41 22.62
N LEU I 32 6.54 -22.20 22.33
CA LEU I 32 7.17 -21.11 21.55
C LEU I 32 7.30 -19.77 22.28
N ARG I 33 6.53 -19.60 23.35
CA ARG I 33 6.60 -18.41 24.19
C ARG I 33 7.05 -18.87 25.55
N ILE I 34 6.23 -19.73 26.16
CA ILE I 34 6.60 -20.43 27.38
C ILE I 34 7.98 -21.05 27.24
N GLN I 35 8.31 -21.45 26.01
CA GLN I 35 9.69 -21.76 25.66
C GLN I 35 10.61 -20.61 26.08
N LYS I 36 10.34 -19.41 25.58
CA LYS I 36 11.17 -18.25 25.89
C LYS I 36 11.17 -17.94 27.38
N ASP I 37 10.05 -18.20 28.04
CA ASP I 37 9.96 -18.01 29.48
C ASP I 37 10.93 -18.94 30.20
N ILE I 38 10.93 -20.20 29.79
CA ILE I 38 11.71 -21.23 30.48
C ILE I 38 13.19 -21.07 30.21
N ASN I 39 13.56 -20.82 28.96
CA ASN I 39 14.95 -20.55 28.64
C ASN I 39 15.49 -19.42 29.50
N GLU I 40 14.69 -18.34 29.60
CA GLU I 40 15.11 -17.13 30.27
C GLU I 40 14.88 -17.19 31.78
N LEU I 41 14.38 -18.33 32.24
CA LEU I 41 14.05 -18.44 33.66
C LEU I 41 15.27 -18.25 34.51
N ASN I 42 15.10 -17.54 35.61
CA ASN I 42 16.15 -17.41 36.62
C ASN I 42 15.56 -17.77 37.98
N LEU I 43 15.97 -18.92 38.52
CA LEU I 43 15.40 -19.38 39.79
C LEU I 43 16.20 -19.00 41.03
N PRO I 44 15.48 -18.64 42.10
CA PRO I 44 16.06 -18.43 43.43
C PRO I 44 16.65 -19.71 43.97
N LYS I 45 17.50 -19.60 44.98
CA LYS I 45 18.05 -20.79 45.62
C LYS I 45 16.95 -21.55 46.34
N THR I 46 15.84 -20.87 46.59
CA THR I 46 14.71 -21.42 47.32
C THR I 46 13.70 -22.13 46.43
N CYS I 47 13.84 -21.98 45.12
CA CYS I 47 12.85 -22.49 44.20
C CYS I 47 13.43 -23.33 43.09
N ASP I 48 12.81 -24.49 42.85
CA ASP I 48 13.24 -25.32 41.72
C ASP I 48 12.02 -25.73 40.91
N ILE I 49 12.17 -26.01 39.62
CA ILE I 49 11.05 -26.62 38.89
C ILE I 49 11.37 -27.95 38.23
N SER I 50 10.33 -28.78 38.09
CA SER I 50 10.44 -30.08 37.49
C SER I 50 9.52 -30.17 36.27
N PHE I 51 9.90 -31.01 35.33
CA PHE I 51 9.09 -31.32 34.15
C PHE I 51 8.90 -32.83 34.02
N SER I 52 7.67 -33.29 33.95
CA SER I 52 7.43 -34.73 33.74
C SER I 52 7.77 -35.14 32.31
N ASP I 53 7.50 -34.28 31.35
CA ASP I 53 7.72 -34.57 29.95
C ASP I 53 8.52 -33.44 29.34
N PRO I 54 9.85 -33.63 29.25
CA PRO I 54 10.79 -32.66 28.68
C PRO I 54 10.37 -32.12 27.33
N ASP I 55 9.49 -32.83 26.63
CA ASP I 55 8.96 -32.31 25.37
C ASP I 55 7.82 -31.30 25.58
N ASP I 56 7.01 -31.53 26.62
CA ASP I 56 5.87 -30.67 26.90
C ASP I 56 6.19 -29.70 28.03
N LEU I 57 6.31 -28.43 27.68
CA LEU I 57 6.67 -27.41 28.65
C LEU I 57 5.45 -26.77 29.31
N LEU I 58 4.28 -27.07 28.76
CA LEU I 58 3.03 -26.43 29.20
C LEU I 58 2.54 -26.97 30.55
N ASN I 59 3.23 -27.98 31.06
CA ASN I 59 2.93 -28.52 32.39
C ASN I 59 4.19 -28.66 33.16
N PHE I 60 4.17 -28.25 34.43
CA PHE I 60 5.33 -28.48 35.27
C PHE I 60 5.05 -28.20 36.73
N LYS I 61 6.06 -28.41 37.56
CA LYS I 61 5.85 -28.21 38.97
C LYS I 61 6.94 -27.32 39.52
N LEU I 62 6.62 -26.57 40.55
CA LEU I 62 7.56 -25.63 41.11
C LEU I 62 7.56 -25.94 42.60
N VAL I 63 8.74 -25.85 43.21
CA VAL I 63 8.84 -26.06 44.64
C VAL I 63 9.51 -24.88 45.30
N ILE I 64 8.84 -24.35 46.33
CA ILE I 64 9.34 -23.23 47.11
C ILE I 64 9.68 -23.71 48.50
N CYS I 65 10.90 -23.39 48.90
CA CYS I 65 11.35 -23.68 50.25
C CYS I 65 11.83 -22.38 50.89
N PRO I 66 10.90 -21.69 51.56
CA PRO I 66 11.22 -20.44 52.24
C PRO I 66 12.41 -20.61 53.17
N ASP I 67 13.41 -19.73 53.02
CA ASP I 67 14.56 -19.66 53.88
C ASP I 67 14.38 -18.64 55.01
N GLU I 68 13.30 -17.86 54.92
CA GLU I 68 12.98 -16.87 55.95
C GLU I 68 11.49 -16.59 56.00
N GLY I 69 11.04 -16.05 57.12
CA GLY I 69 9.62 -15.84 57.32
C GLY I 69 9.00 -16.92 58.19
N PHE I 70 7.68 -16.96 58.24
CA PHE I 70 7.00 -17.88 59.11
C PHE I 70 7.13 -19.28 58.54
N TYR I 71 7.32 -19.32 57.22
CA TYR I 71 7.28 -20.56 56.44
C TYR I 71 8.66 -21.10 56.18
N LYS I 72 9.65 -20.43 56.80
CA LYS I 72 11.04 -20.83 56.72
C LYS I 72 11.18 -22.31 57.05
N SER I 73 12.04 -23.00 56.29
CA SER I 73 12.32 -24.42 56.47
C SER I 73 11.11 -25.29 56.15
N GLY I 74 10.54 -25.09 54.98
CA GLY I 74 9.30 -25.77 54.61
C GLY I 74 9.27 -26.01 53.12
N LYS I 75 8.46 -26.97 52.71
CA LYS I 75 8.47 -27.37 51.31
C LYS I 75 7.04 -27.29 50.73
N PHE I 76 6.88 -26.53 49.63
CA PHE I 76 5.57 -26.31 49.04
C PHE I 76 5.63 -26.45 47.55
N VAL I 77 4.86 -27.38 47.04
CA VAL I 77 4.96 -27.64 45.62
C VAL I 77 3.67 -27.24 44.95
N PHE I 78 3.82 -26.48 43.86
CA PHE I 78 2.74 -25.88 43.12
C PHE I 78 2.77 -26.51 41.76
N SER I 79 1.59 -26.65 41.15
CA SER I 79 1.49 -27.15 39.78
C SER I 79 1.12 -26.01 38.85
N PHE I 80 1.76 -26.02 37.68
CA PHE I 80 1.55 -25.04 36.61
C PHE I 80 1.02 -25.70 35.37
N LYS I 81 -0.20 -25.34 34.98
CA LYS I 81 -0.74 -25.75 33.70
C LYS I 81 -0.88 -24.52 32.84
N VAL I 82 -0.19 -24.51 31.72
CA VAL I 82 -0.19 -23.34 30.85
C VAL I 82 -1.13 -23.56 29.67
N GLY I 83 -2.26 -22.85 29.64
CA GLY I 83 -3.22 -22.98 28.55
C GLY I 83 -2.64 -22.57 27.19
N GLN I 84 -3.42 -22.78 26.15
CA GLN I 84 -2.96 -22.44 24.81
C GLN I 84 -3.20 -20.97 24.54
N GLY I 85 -3.91 -20.31 25.46
CA GLY I 85 -4.17 -18.88 25.34
C GLY I 85 -3.07 -18.03 25.96
N TYR I 86 -1.89 -18.62 26.09
CA TYR I 86 -0.75 -17.94 26.70
C TYR I 86 -0.03 -17.11 25.64
N PRO I 87 0.51 -15.95 26.03
CA PRO I 87 0.52 -15.26 27.32
C PRO I 87 -0.81 -14.58 27.73
N HIS I 88 -1.70 -14.36 26.77
CA HIS I 88 -2.97 -13.67 27.06
C HIS I 88 -3.77 -14.31 28.20
N ASP I 89 -3.84 -15.63 28.24
CA ASP I 89 -4.45 -16.28 29.37
C ASP I 89 -3.37 -16.65 30.38
N PRO I 90 -3.63 -16.40 31.67
CA PRO I 90 -2.65 -16.72 32.69
C PRO I 90 -2.56 -18.23 32.90
N PRO I 91 -1.38 -18.74 33.28
CA PRO I 91 -1.25 -20.14 33.71
C PRO I 91 -2.17 -20.45 34.90
N LYS I 92 -2.66 -21.68 34.96
CA LYS I 92 -3.46 -22.10 36.09
C LYS I 92 -2.52 -22.79 37.04
N VAL I 93 -2.40 -22.23 38.24
CA VAL I 93 -1.52 -22.83 39.19
C VAL I 93 -2.29 -23.20 40.45
N LYS I 94 -1.93 -24.31 41.06
CA LYS I 94 -2.59 -24.69 42.31
C LYS I 94 -1.57 -25.22 43.27
N CYS I 95 -1.84 -25.12 44.56
CA CYS I 95 -0.87 -25.57 45.52
C CYS I 95 -1.15 -27.03 45.91
N GLU I 96 -0.27 -27.93 45.48
CA GLU I 96 -0.39 -29.37 45.77
C GLU I 96 -0.12 -29.70 47.23
N THR I 97 0.51 -28.77 47.94
CA THR I 97 0.85 -28.97 49.36
C THR I 97 -0.23 -28.39 50.31
N MET I 98 -0.66 -29.18 51.29
CA MET I 98 -1.64 -28.68 52.24
C MET I 98 -0.98 -27.73 53.23
N VAL I 99 -1.47 -26.50 53.32
CA VAL I 99 -0.77 -25.46 54.07
C VAL I 99 -1.70 -24.49 54.81
N TYR I 100 -1.23 -23.91 55.92
CA TYR I 100 -2.06 -22.99 56.67
C TYR I 100 -1.64 -21.58 56.32
N HIS I 101 -2.42 -20.96 55.45
CA HIS I 101 -2.05 -19.69 54.83
C HIS I 101 -3.33 -18.95 54.56
N PRO I 102 -3.32 -17.62 54.72
CA PRO I 102 -4.55 -16.87 54.51
C PRO I 102 -4.92 -16.89 53.04
N SER I 103 -3.92 -16.84 52.18
CA SER I 103 -4.17 -16.72 50.76
C SER I 103 -4.25 -18.08 50.03
N ILE I 104 -4.17 -19.17 50.80
CA ILE I 104 -4.21 -20.53 50.22
C ILE I 104 -5.20 -21.43 50.94
N ASP I 105 -6.06 -22.08 50.15
CA ASP I 105 -7.14 -22.87 50.71
C ASP I 105 -6.83 -24.37 50.68
N LEU I 106 -7.39 -25.07 51.65
CA LEU I 106 -7.18 -26.50 51.77
C LEU I 106 -7.56 -27.25 50.46
N GLU I 107 -8.31 -26.63 49.58
CA GLU I 107 -8.59 -27.25 48.30
C GLU I 107 -7.43 -26.96 47.36
N GLY I 108 -6.45 -26.19 47.82
CA GLY I 108 -5.28 -25.89 47.01
C GLY I 108 -5.36 -24.79 45.97
N ASN I 109 -6.38 -23.95 46.07
CA ASN I 109 -6.50 -22.78 45.22
C ASN I 109 -5.67 -21.64 45.75
N VAL I 110 -5.14 -20.85 44.83
CA VAL I 110 -4.22 -19.77 45.20
C VAL I 110 -4.80 -18.38 45.00
N SER I 111 -4.75 -17.56 46.04
CA SER I 111 -5.13 -16.17 45.84
C SER I 111 -3.88 -15.33 45.63
N LEU I 112 -3.59 -15.06 44.37
CA LEU I 112 -2.48 -14.20 44.02
C LEU I 112 -2.90 -13.34 42.83
N ASN I 113 -2.86 -12.03 42.99
CA ASN I 113 -3.40 -11.11 42.01
C ASN I 113 -3.01 -11.34 40.55
N ILE I 114 -1.72 -11.51 40.27
CA ILE I 114 -1.26 -11.62 38.89
C ILE I 114 -1.71 -12.94 38.28
N LEU I 115 -2.17 -13.86 39.12
CA LEU I 115 -2.66 -15.12 38.60
C LEU I 115 -3.99 -14.91 37.91
N ARG I 116 -4.82 -13.99 38.41
CA ARG I 116 -6.11 -13.74 37.73
C ARG I 116 -6.35 -12.33 37.21
N GLU I 117 -6.73 -11.41 38.10
CA GLU I 117 -7.28 -10.13 37.65
C GLU I 117 -6.19 -9.18 37.19
N ASP I 118 -5.09 -9.16 37.92
CA ASP I 118 -3.99 -8.25 37.64
C ASP I 118 -3.03 -8.83 36.62
N TRP I 119 -3.38 -10.00 36.07
CA TRP I 119 -2.59 -10.59 35.01
C TRP I 119 -2.53 -9.70 33.76
N LYS I 120 -1.34 -9.50 33.21
CA LYS I 120 -1.17 -8.82 31.92
C LYS I 120 -0.17 -9.63 31.08
N PRO I 121 -0.36 -9.69 29.75
CA PRO I 121 0.53 -10.62 29.07
C PRO I 121 1.87 -10.00 28.73
N VAL I 122 2.38 -9.22 29.68
CA VAL I 122 3.74 -8.73 29.63
C VAL I 122 4.54 -9.54 30.63
N LEU I 123 3.85 -10.43 31.33
CA LEU I 123 4.46 -11.18 32.43
C LEU I 123 4.99 -12.54 32.03
N THR I 124 5.65 -13.18 33.00
CA THR I 124 6.33 -14.44 32.75
C THR I 124 6.09 -15.42 33.89
N ILE I 125 6.60 -16.63 33.71
CA ILE I 125 6.54 -17.59 34.78
C ILE I 125 7.40 -17.10 35.91
N ASN I 126 8.50 -16.43 35.55
CA ASN I 126 9.36 -15.80 36.56
C ASN I 126 8.53 -14.96 37.53
N SER I 127 7.71 -14.07 36.94
CA SER I 127 6.81 -13.18 37.67
C SER I 127 5.99 -13.95 38.68
N ILE I 128 5.35 -15.00 38.17
CA ILE I 128 4.51 -15.85 38.98
C ILE I 128 5.27 -16.40 40.14
N ILE I 129 6.51 -16.78 39.88
CA ILE I 129 7.34 -17.40 40.91
C ILE I 129 7.64 -16.39 42.01
N TYR I 130 7.91 -15.16 41.59
CA TYR I 130 8.24 -14.14 42.56
C TYR I 130 7.03 -13.87 43.42
N GLY I 131 5.87 -13.75 42.80
CA GLY I 131 4.63 -13.50 43.54
C GLY I 131 4.30 -14.65 44.48
N LEU I 132 4.43 -15.85 43.96
CA LEU I 132 4.20 -17.08 44.70
C LEU I 132 5.11 -17.19 45.93
N GLN I 133 6.39 -16.85 45.78
CA GLN I 133 7.29 -16.86 46.94
C GLN I 133 6.91 -15.75 47.92
N TYR I 134 6.59 -14.59 47.35
CA TYR I 134 6.12 -13.42 48.08
C TYR I 134 4.95 -13.75 49.01
N LEU I 135 4.09 -14.67 48.57
CA LEU I 135 3.03 -15.16 49.44
C LEU I 135 3.62 -15.61 50.78
N PHE I 136 4.72 -16.35 50.70
CA PHE I 136 5.34 -16.90 51.90
C PHE I 136 6.16 -15.87 52.65
N LEU I 137 6.81 -14.96 51.92
CA LEU I 137 7.53 -13.91 52.63
C LEU I 137 6.58 -13.02 53.40
N GLU I 138 5.59 -12.49 52.69
CA GLU I 138 4.67 -11.50 53.25
C GLU I 138 3.21 -11.94 53.21
N PRO I 139 2.83 -12.85 54.11
CA PRO I 139 1.46 -13.36 54.14
C PRO I 139 0.48 -12.27 54.58
N ASN I 140 -0.60 -12.10 53.82
CA ASN I 140 -1.50 -10.97 54.06
C ASN I 140 -2.95 -11.40 54.31
N PRO I 141 -3.58 -10.85 55.36
CA PRO I 141 -4.97 -11.13 55.72
C PRO I 141 -6.01 -10.56 54.73
N GLU I 142 -5.58 -9.68 53.84
CA GLU I 142 -6.52 -8.99 52.96
C GLU I 142 -7.13 -9.91 51.88
N ASP I 143 -8.45 -9.96 51.88
CA ASP I 143 -9.26 -10.74 50.92
C ASP I 143 -8.89 -12.23 50.86
N PRO I 144 -8.90 -12.89 52.03
CA PRO I 144 -8.38 -14.26 52.22
C PRO I 144 -9.21 -15.36 51.60
N LEU I 145 -8.53 -16.44 51.21
CA LEU I 145 -9.16 -17.72 50.88
C LEU I 145 -9.45 -18.57 52.12
N ASN I 146 -8.55 -18.51 53.11
CA ASN I 146 -8.79 -19.10 54.42
C ASN I 146 -9.01 -18.01 55.47
N LYS I 147 -10.26 -17.89 55.94
CA LYS I 147 -10.66 -16.85 56.88
C LYS I 147 -10.10 -17.08 58.28
N GLU I 148 -9.90 -18.33 58.69
CA GLU I 148 -9.47 -18.58 60.06
C GLU I 148 -8.03 -18.18 60.20
N ALA I 149 -7.28 -18.55 59.18
CA ALA I 149 -5.87 -18.22 59.11
C ALA I 149 -5.72 -16.71 59.07
N ALA I 150 -6.53 -16.08 58.24
CA ALA I 150 -6.47 -14.65 58.11
C ALA I 150 -6.83 -13.96 59.42
N GLU I 151 -7.74 -14.55 60.18
CA GLU I 151 -8.15 -13.92 61.42
C GLU I 151 -7.04 -14.02 62.45
N VAL I 152 -6.38 -15.18 62.54
CA VAL I 152 -5.27 -15.33 63.49
C VAL I 152 -4.10 -14.43 63.08
N LEU I 153 -3.75 -14.47 61.80
CA LEU I 153 -2.71 -13.59 61.27
C LEU I 153 -3.00 -12.15 61.67
N GLN I 154 -4.25 -11.75 61.45
CA GLN I 154 -4.76 -10.42 61.80
C GLN I 154 -4.53 -10.09 63.26
N ASN I 155 -5.20 -10.81 64.14
CA ASN I 155 -5.21 -10.43 65.55
C ASN I 155 -3.99 -10.87 66.32
N ASN I 156 -3.50 -12.08 66.06
CA ASN I 156 -2.34 -12.57 66.78
C ASN I 156 -1.23 -13.09 65.88
N ARG I 157 -0.10 -12.38 65.82
CA ARG I 157 1.01 -12.83 64.96
C ARG I 157 1.79 -13.94 65.61
N ARG I 158 1.98 -13.84 66.92
CA ARG I 158 2.67 -14.86 67.67
C ARG I 158 1.97 -16.20 67.45
N LEU I 159 0.65 -16.19 67.65
CA LEU I 159 -0.16 -17.38 67.51
C LEU I 159 -0.23 -17.86 66.07
N PHE I 160 -0.21 -16.93 65.13
CA PHE I 160 -0.19 -17.32 63.72
C PHE I 160 1.10 -18.04 63.39
N GLU I 161 2.18 -17.64 64.07
CA GLU I 161 3.49 -18.24 63.84
C GLU I 161 3.54 -19.64 64.43
N GLN I 162 3.15 -19.72 65.70
CA GLN I 162 3.09 -20.99 66.37
C GLN I 162 2.21 -21.98 65.59
N ASN I 163 1.03 -21.51 65.17
CA ASN I 163 0.14 -22.30 64.30
C ASN I 163 0.79 -22.76 63.01
N VAL I 164 1.41 -21.83 62.27
CA VAL I 164 2.02 -22.23 61.01
C VAL I 164 3.07 -23.29 61.26
N GLN I 165 3.82 -23.10 62.34
CA GLN I 165 4.84 -24.08 62.72
C GLN I 165 4.21 -25.45 62.89
N ARG I 166 3.21 -25.52 63.78
CA ARG I 166 2.51 -26.80 64.02
C ARG I 166 1.96 -27.38 62.73
N SER I 167 1.58 -26.52 61.81
CA SER I 167 0.99 -26.95 60.56
C SER I 167 2.04 -27.58 59.65
N MET I 168 3.28 -27.09 59.67
CA MET I 168 4.30 -27.65 58.75
C MET I 168 5.12 -28.80 59.37
N ARG I 169 5.10 -28.92 60.70
CA ARG I 169 5.79 -30.03 61.34
C ARG I 169 4.81 -31.22 61.41
N GLY I 170 3.54 -30.92 61.11
CA GLY I 170 2.46 -31.89 61.09
C GLY I 170 1.70 -31.98 62.39
N GLY I 171 0.38 -32.17 62.30
CA GLY I 171 -0.47 -32.18 63.47
C GLY I 171 -1.86 -31.64 63.20
N TYR I 172 -2.69 -31.65 64.26
CA TYR I 172 -4.01 -31.02 64.30
C TYR I 172 -3.88 -29.57 64.71
N ILE I 173 -4.68 -28.71 64.09
CA ILE I 173 -4.99 -27.39 64.67
C ILE I 173 -6.43 -27.38 65.16
N GLY I 174 -7.33 -27.33 64.18
CA GLY I 174 -8.74 -27.49 64.40
C GLY I 174 -9.06 -28.96 64.22
N SER I 175 -10.20 -29.23 63.59
CA SER I 175 -10.53 -30.60 63.24
C SER I 175 -9.73 -31.02 62.00
N THR I 176 -8.89 -30.13 61.49
CA THR I 176 -8.05 -30.46 60.35
C THR I 176 -6.65 -30.92 60.73
N TYR I 177 -6.29 -32.14 60.30
CA TYR I 177 -4.91 -32.60 60.44
C TYR I 177 -4.08 -31.98 59.32
N PHE I 178 -3.07 -31.23 59.72
CA PHE I 178 -2.14 -30.69 58.76
C PHE I 178 -0.94 -31.61 58.70
N GLU I 179 -0.61 -32.01 57.49
CA GLU I 179 0.40 -33.01 57.21
C GLU I 179 1.76 -32.32 57.05
N ARG I 180 2.81 -32.95 57.61
CA ARG I 180 4.15 -32.40 57.66
C ARG I 180 4.66 -32.09 56.26
N CYS I 181 5.06 -30.85 56.03
CA CYS I 181 5.68 -30.41 54.78
C CYS I 181 7.18 -30.06 54.83
N LEU I 182 7.86 -30.28 55.95
CA LEU I 182 9.25 -29.81 56.13
C LEU I 182 10.23 -30.19 55.02
N LYS I 183 11.11 -29.26 54.66
CA LYS I 183 12.14 -29.49 53.64
C LYS I 183 13.27 -30.33 54.21
N HIS I 184 13.77 -31.26 53.40
CA HIS I 184 14.87 -32.13 53.79
C HIS I 184 16.16 -31.81 53.02
N MET J 6 29.16 1.37 40.20
CA MET J 6 28.74 0.04 39.78
C MET J 6 27.80 0.11 38.59
N LEU J 7 27.89 -0.88 37.70
CA LEU J 7 26.94 -0.99 36.60
C LEU J 7 26.11 -2.24 36.80
N ILE J 8 24.83 -2.10 37.16
CA ILE J 8 24.06 -3.33 37.33
C ILE J 8 23.16 -3.56 36.14
N LYS J 9 22.94 -4.83 35.82
CA LYS J 9 22.01 -5.20 34.78
C LYS J 9 20.64 -5.47 35.37
N VAL J 10 19.61 -5.10 34.63
CA VAL J 10 18.24 -5.29 35.09
C VAL J 10 17.46 -5.92 33.94
N LYS J 11 16.76 -7.01 34.24
CA LYS J 11 15.95 -7.64 33.22
C LYS J 11 14.55 -7.06 33.25
N THR J 12 14.17 -6.47 32.13
CA THR J 12 12.90 -5.78 32.03
C THR J 12 11.78 -6.69 31.54
N LEU J 13 10.61 -6.10 31.32
CA LEU J 13 9.45 -6.84 30.88
C LEU J 13 9.28 -6.78 29.37
N THR J 14 10.25 -6.20 28.67
CA THR J 14 10.23 -6.29 27.21
C THR J 14 11.06 -7.48 26.76
N GLY J 15 11.71 -8.14 27.72
CA GLY J 15 12.53 -9.30 27.43
C GLY J 15 13.98 -8.98 27.14
N LYS J 16 14.46 -7.85 27.67
CA LYS J 16 15.85 -7.48 27.48
C LYS J 16 16.50 -7.05 28.81
N GLU J 17 17.74 -6.62 28.72
CA GLU J 17 18.58 -6.37 29.88
C GLU J 17 19.25 -5.01 29.74
N ILE J 18 19.18 -4.19 30.78
CA ILE J 18 19.74 -2.85 30.70
C ILE J 18 20.71 -2.57 31.85
N GLU J 19 21.85 -1.98 31.52
CA GLU J 19 22.85 -1.66 32.53
C GLU J 19 22.72 -0.21 32.99
N ILE J 20 22.81 0.02 34.31
CA ILE J 20 22.65 1.36 34.83
C ILE J 20 23.68 1.69 35.92
N ASP J 21 23.98 2.99 35.98
CA ASP J 21 25.00 3.58 36.85
C ASP J 21 24.49 3.71 38.28
N ILE J 22 25.30 3.28 39.23
CA ILE J 22 24.88 3.17 40.64
C ILE J 22 26.01 3.41 41.65
N GLU J 23 25.67 4.01 42.79
CA GLU J 23 26.56 4.01 43.93
C GLU J 23 25.91 3.15 45.00
N PRO J 24 26.74 2.45 45.80
CA PRO J 24 26.23 1.52 46.83
C PRO J 24 25.41 2.23 47.91
N THR J 25 25.66 3.51 48.12
CA THR J 25 24.96 4.26 49.17
C THR J 25 23.54 4.63 48.74
N ASP J 26 23.33 4.67 47.42
CA ASP J 26 22.05 5.09 46.86
C ASP J 26 20.86 4.24 47.33
N LYS J 27 19.78 4.92 47.68
CA LYS J 27 18.53 4.28 48.04
C LYS J 27 17.90 3.63 46.82
N VAL J 28 17.10 2.59 47.06
CA VAL J 28 16.53 1.79 45.97
C VAL J 28 15.39 2.54 45.27
N GLU J 29 14.88 3.60 45.89
CA GLU J 29 13.83 4.38 45.25
C GLU J 29 14.34 5.09 43.99
N ARG J 30 15.64 5.37 43.95
CA ARG J 30 16.24 6.10 42.82
C ARG J 30 16.51 5.25 41.59
N ILE J 31 16.98 4.04 41.82
CA ILE J 31 17.28 3.14 40.72
C ILE J 31 16.02 2.83 39.92
N LYS J 32 14.88 2.75 40.62
CA LYS J 32 13.57 2.67 39.95
C LYS J 32 13.40 3.82 38.96
N GLU J 33 13.80 5.02 39.38
CA GLU J 33 13.70 6.21 38.54
C GLU J 33 14.60 6.08 37.32
N ARG J 34 15.78 5.51 37.51
CA ARG J 34 16.68 5.23 36.37
C ARG J 34 16.02 4.25 35.38
N VAL J 35 15.33 3.27 35.92
CA VAL J 35 14.66 2.27 35.10
C VAL J 35 13.50 2.93 34.35
N GLU J 36 12.86 3.93 34.97
CA GLU J 36 11.83 4.67 34.26
C GLU J 36 12.46 5.42 33.10
N GLU J 37 13.53 6.14 33.41
CA GLU J 37 14.26 6.92 32.43
C GLU J 37 14.60 6.09 31.19
N LYS J 38 15.12 4.88 31.39
CA LYS J 38 15.46 4.05 30.24
C LYS J 38 14.27 3.32 29.60
N GLU J 39 13.43 2.69 30.40
CA GLU J 39 12.37 1.84 29.88
C GLU J 39 10.97 2.45 29.79
N GLY J 40 10.80 3.66 30.31
CA GLY J 40 9.51 4.35 30.24
C GLY J 40 8.34 3.78 31.04
N ILE J 41 8.64 3.07 32.11
CA ILE J 41 7.62 2.59 33.04
C ILE J 41 7.73 3.33 34.37
N PRO J 42 6.64 4.00 34.79
CA PRO J 42 6.61 4.82 36.00
C PRO J 42 7.11 4.11 37.25
N PRO J 43 7.97 4.78 38.02
CA PRO J 43 8.53 4.26 39.29
C PRO J 43 7.43 3.97 40.28
N GLN J 44 6.28 4.62 40.08
CA GLN J 44 5.11 4.40 40.91
C GLN J 44 4.72 2.93 40.82
N GLN J 45 4.55 2.42 39.61
CA GLN J 45 4.33 1.00 39.46
C GLN J 45 5.57 0.35 38.93
N GLN J 46 6.38 -0.14 39.87
CA GLN J 46 7.53 -0.97 39.58
C GLN J 46 7.85 -1.74 40.85
N ARG J 47 8.28 -2.99 40.69
CA ARG J 47 8.80 -3.71 41.85
C ARG J 47 10.06 -4.41 41.45
N LEU J 48 11.11 -4.16 42.23
CA LEU J 48 12.39 -4.75 41.94
C LEU J 48 12.64 -5.98 42.79
N ILE J 49 12.92 -7.08 42.12
CA ILE J 49 13.22 -8.34 42.76
C ILE J 49 14.70 -8.64 42.57
N TYR J 50 15.41 -8.79 43.68
CA TYR J 50 16.81 -9.20 43.62
C TYR J 50 16.97 -10.61 44.18
N SER J 51 17.30 -11.56 43.29
CA SER J 51 17.50 -12.96 43.65
C SER J 51 16.38 -13.48 44.55
N GLY J 52 15.16 -13.52 44.00
CA GLY J 52 14.03 -14.13 44.67
C GLY J 52 13.18 -13.24 45.56
N LYS J 53 13.75 -12.13 46.04
CA LYS J 53 13.03 -11.26 46.96
C LYS J 53 12.75 -9.88 46.40
N GLN J 54 11.66 -9.27 46.86
CA GLN J 54 11.32 -7.92 46.44
C GLN J 54 12.15 -6.87 47.19
N MET J 55 12.89 -6.06 46.45
CA MET J 55 13.74 -5.05 47.06
C MET J 55 12.92 -3.96 47.72
N ASN J 56 13.41 -3.46 48.84
CA ASN J 56 12.73 -2.42 49.58
C ASN J 56 12.91 -1.08 48.85
N ASP J 57 12.50 0.01 49.49
CA ASP J 57 12.56 1.32 48.85
C ASP J 57 13.53 2.26 49.59
N GLU J 58 13.22 2.55 50.86
CA GLU J 58 14.06 3.43 51.66
C GLU J 58 15.36 2.75 52.12
N LYS J 59 15.41 1.42 52.11
CA LYS J 59 16.64 0.70 52.42
C LYS J 59 17.61 0.95 51.27
N THR J 60 18.92 0.94 51.53
CA THR J 60 19.88 1.25 50.46
C THR J 60 20.30 -0.01 49.74
N ALA J 61 21.15 0.15 48.73
CA ALA J 61 21.63 -0.98 47.93
C ALA J 61 22.80 -1.72 48.60
N ALA J 62 23.48 -1.03 49.51
CA ALA J 62 24.58 -1.66 50.26
C ALA J 62 23.99 -2.56 51.33
N ASP J 63 22.72 -2.32 51.62
CA ASP J 63 21.94 -3.11 52.57
C ASP J 63 21.55 -4.45 51.95
N TYR J 64 21.52 -4.48 50.62
CA TYR J 64 21.29 -5.72 49.87
C TYR J 64 22.58 -6.37 49.37
N LYS J 65 23.73 -5.74 49.66
CA LYS J 65 25.04 -6.23 49.22
C LYS J 65 25.05 -6.42 47.70
N ILE J 66 24.52 -5.44 46.99
CA ILE J 66 24.52 -5.48 45.52
C ILE J 66 25.89 -5.07 44.98
N LEU J 67 26.47 -5.94 44.15
CA LEU J 67 27.76 -5.65 43.53
C LEU J 67 27.54 -5.25 42.07
N GLY J 68 28.63 -4.92 41.38
CA GLY J 68 28.54 -4.44 40.02
C GLY J 68 28.17 -5.51 39.01
N GLY J 69 28.16 -6.76 39.44
CA GLY J 69 27.80 -7.83 38.54
C GLY J 69 26.35 -8.21 38.75
N SER J 70 25.75 -7.70 39.82
CA SER J 70 24.43 -8.12 40.26
C SER J 70 23.38 -7.87 39.20
N VAL J 71 22.32 -8.68 39.23
CA VAL J 71 21.24 -8.55 38.28
C VAL J 71 19.91 -8.44 38.99
N LEU J 72 19.12 -7.44 38.55
CA LEU J 72 17.78 -7.20 39.07
C LEU J 72 16.69 -7.65 38.09
N HIS J 73 15.61 -8.18 38.64
CA HIS J 73 14.43 -8.54 37.86
C HIS J 73 13.30 -7.56 38.15
N LEU J 74 12.72 -6.97 37.11
CA LEU J 74 11.61 -6.06 37.32
C LEU J 74 10.27 -6.74 37.05
N VAL J 75 9.36 -6.64 38.00
CA VAL J 75 8.02 -7.18 37.83
C VAL J 75 6.96 -6.19 38.37
N LEU J 76 5.75 -6.28 37.86
CA LEU J 76 4.65 -5.41 38.25
C LEU J 76 4.17 -5.70 39.67
N ALA J 77 3.40 -4.76 40.24
CA ALA J 77 2.99 -4.85 41.64
C ALA J 77 2.28 -6.15 41.92
N LEU J 78 2.58 -6.75 43.07
CA LEU J 78 1.96 -8.02 43.46
C LEU J 78 1.27 -7.93 44.81
N ARG J 79 0.03 -8.39 44.82
CA ARG J 79 -0.78 -8.38 46.02
C ARG J 79 -1.31 -9.81 46.25
N GLY J 80 -1.19 -10.29 47.47
CA GLY J 80 -1.79 -11.55 47.82
C GLY J 80 -3.26 -11.35 48.18
N GLY J 81 -4.07 -12.37 47.95
CA GLY J 81 -5.47 -12.30 48.31
C GLY J 81 -6.10 -13.66 48.18
#